data_1ALE
# 
_entry.id   1ALE 
# 
_audit_conform.dict_name       mmcif_pdbx.dic 
_audit_conform.dict_version    5.392 
_audit_conform.dict_location   http://mmcif.pdb.org/dictionaries/ascii/mmcif_pdbx.dic 
# 
loop_
_database_2.database_id 
_database_2.database_code 
_database_2.pdbx_database_accession 
_database_2.pdbx_DOI 
PDB   1ALE         pdb_00001ale 10.2210/pdb1ale/pdb 
WWPDB D_1000170961 ?            ?                   
# 
loop_
_pdbx_audit_revision_history.ordinal 
_pdbx_audit_revision_history.data_content_type 
_pdbx_audit_revision_history.major_revision 
_pdbx_audit_revision_history.minor_revision 
_pdbx_audit_revision_history.revision_date 
1 'Structure model' 1 0 1995-04-20 
2 'Structure model' 1 1 2008-03-24 
3 'Structure model' 1 2 2011-07-13 
4 'Structure model' 1 3 2022-02-16 
5 'Structure model' 1 4 2024-05-22 
# 
_pdbx_audit_revision_details.ordinal             1 
_pdbx_audit_revision_details.revision_ordinal    1 
_pdbx_audit_revision_details.data_content_type   'Structure model' 
_pdbx_audit_revision_details.provider            repository 
_pdbx_audit_revision_details.type                'Initial release' 
_pdbx_audit_revision_details.description         ? 
_pdbx_audit_revision_details.details             ? 
# 
loop_
_pdbx_audit_revision_group.ordinal 
_pdbx_audit_revision_group.revision_ordinal 
_pdbx_audit_revision_group.data_content_type 
_pdbx_audit_revision_group.group 
1 2 'Structure model' 'Version format compliance' 
2 3 'Structure model' 'Version format compliance' 
3 4 'Structure model' 'Database references'       
4 4 'Structure model' 'Derived calculations'      
5 4 'Structure model' Other                       
6 5 'Structure model' 'Data collection'           
# 
loop_
_pdbx_audit_revision_category.ordinal 
_pdbx_audit_revision_category.revision_ordinal 
_pdbx_audit_revision_category.data_content_type 
_pdbx_audit_revision_category.category 
1 4 'Structure model' database_2            
2 4 'Structure model' pdbx_database_status  
3 4 'Structure model' pdbx_struct_assembly  
4 4 'Structure model' pdbx_struct_oper_list 
5 5 'Structure model' chem_comp_atom        
6 5 'Structure model' chem_comp_bond        
# 
loop_
_pdbx_audit_revision_item.ordinal 
_pdbx_audit_revision_item.revision_ordinal 
_pdbx_audit_revision_item.data_content_type 
_pdbx_audit_revision_item.item 
1 4 'Structure model' '_database_2.pdbx_DOI'                
2 4 'Structure model' '_database_2.pdbx_database_accession' 
3 4 'Structure model' '_pdbx_database_status.process_site'  
# 
_pdbx_database_status.status_code                     REL 
_pdbx_database_status.entry_id                        1ALE 
_pdbx_database_status.recvd_initial_deposition_date   1995-02-20 
_pdbx_database_status.deposit_site                    ? 
_pdbx_database_status.process_site                    BNL 
_pdbx_database_status.status_code_sf                  ? 
_pdbx_database_status.status_code_mr                  REL 
_pdbx_database_status.SG_entry                        ? 
_pdbx_database_status.pdb_format_compatible           Y 
_pdbx_database_status.status_code_cs                  ? 
_pdbx_database_status.status_code_nmr_data            ? 
_pdbx_database_status.methods_development_category    ? 
# 
loop_
_audit_author.name 
_audit_author.pdbx_ordinal 
'Rozek, A.'     1 
'Buchko, G.W.'  2 
'Cushley, R.J.' 3 
# 
_citation.id                        primary 
_citation.title                     
;Conformation of two peptides corresponding to human apolipoprotein C-I residues 7-24 and 35-53 in the presence of sodium dodecyl sulfate by CD and NMR spectroscopy.
;
_citation.journal_abbrev            Biochemistry 
_citation.journal_volume            34 
_citation.page_first                7401 
_citation.page_last                 7408 
_citation.year                      1995 
_citation.journal_id_ASTM           BICHAW 
_citation.country                   US 
_citation.journal_id_ISSN           0006-2960 
_citation.journal_id_CSD            0033 
_citation.book_publisher            ? 
_citation.pdbx_database_id_PubMed   7779782 
_citation.pdbx_database_id_DOI      10.1021/bi00022a013 
# 
loop_
_citation_author.citation_id 
_citation_author.name 
_citation_author.ordinal 
_citation_author.identifier_ORCID 
primary 'Rozek, A.'     1 ? 
primary 'Buchko, G.W.'  2 ? 
primary 'Cushley, R.J.' 3 ? 
# 
_entity.id                         1 
_entity.type                       polymer 
_entity.src_method                 man 
_entity.pdbx_description           'APOLIPOPROTEIN C-I PRECURSOR' 
_entity.formula_weight             2081.327 
_entity.pdbx_number_of_molecules   1 
_entity.pdbx_ec                    ? 
_entity.pdbx_mutation              ? 
_entity.pdbx_fragment              ? 
_entity.details                    ? 
# 
_entity_poly.entity_id                      1 
_entity_poly.type                           'polypeptide(L)' 
_entity_poly.nstd_linkage                   no 
_entity_poly.nstd_monomer                   no 
_entity_poly.pdbx_seq_one_letter_code       ALDKLKEFGNTLEDKARE 
_entity_poly.pdbx_seq_one_letter_code_can   ALDKLKEFGNTLEDKARE 
_entity_poly.pdbx_strand_id                 A 
_entity_poly.pdbx_target_identifier         ? 
# 
loop_
_entity_poly_seq.entity_id 
_entity_poly_seq.num 
_entity_poly_seq.mon_id 
_entity_poly_seq.hetero 
1 1  ALA n 
1 2  LEU n 
1 3  ASP n 
1 4  LYS n 
1 5  LEU n 
1 6  LYS n 
1 7  GLU n 
1 8  PHE n 
1 9  GLY n 
1 10 ASN n 
1 11 THR n 
1 12 LEU n 
1 13 GLU n 
1 14 ASP n 
1 15 LYS n 
1 16 ALA n 
1 17 ARG n 
1 18 GLU n 
# 
_entity_src_gen.entity_id                          1 
_entity_src_gen.pdbx_src_id                        1 
_entity_src_gen.pdbx_alt_source_flag               sample 
_entity_src_gen.pdbx_seq_type                      ? 
_entity_src_gen.pdbx_beg_seq_num                   ? 
_entity_src_gen.pdbx_end_seq_num                   ? 
_entity_src_gen.gene_src_common_name               human 
_entity_src_gen.gene_src_genus                     Homo 
_entity_src_gen.pdbx_gene_src_gene                 ? 
_entity_src_gen.gene_src_species                   ? 
_entity_src_gen.gene_src_strain                    ? 
_entity_src_gen.gene_src_tissue                    ? 
_entity_src_gen.gene_src_tissue_fraction           ? 
_entity_src_gen.gene_src_details                   ? 
_entity_src_gen.pdbx_gene_src_fragment             ? 
_entity_src_gen.pdbx_gene_src_scientific_name      'Homo sapiens' 
_entity_src_gen.pdbx_gene_src_ncbi_taxonomy_id     9606 
_entity_src_gen.pdbx_gene_src_variant              ? 
_entity_src_gen.pdbx_gene_src_cell_line            ? 
_entity_src_gen.pdbx_gene_src_atcc                 ? 
_entity_src_gen.pdbx_gene_src_organ                ? 
_entity_src_gen.pdbx_gene_src_organelle            ? 
_entity_src_gen.pdbx_gene_src_cell                 ? 
_entity_src_gen.pdbx_gene_src_cellular_location    ? 
_entity_src_gen.host_org_common_name               ? 
_entity_src_gen.pdbx_host_org_scientific_name      ? 
_entity_src_gen.pdbx_host_org_ncbi_taxonomy_id     ? 
_entity_src_gen.host_org_genus                     ? 
_entity_src_gen.pdbx_host_org_gene                 ? 
_entity_src_gen.pdbx_host_org_organ                ? 
_entity_src_gen.host_org_species                   ? 
_entity_src_gen.pdbx_host_org_tissue               ? 
_entity_src_gen.pdbx_host_org_tissue_fraction      ? 
_entity_src_gen.pdbx_host_org_strain               ? 
_entity_src_gen.pdbx_host_org_variant              ? 
_entity_src_gen.pdbx_host_org_cell_line            ? 
_entity_src_gen.pdbx_host_org_atcc                 ? 
_entity_src_gen.pdbx_host_org_culture_collection   ? 
_entity_src_gen.pdbx_host_org_cell                 ? 
_entity_src_gen.pdbx_host_org_organelle            ? 
_entity_src_gen.pdbx_host_org_cellular_location    ? 
_entity_src_gen.pdbx_host_org_vector_type          ? 
_entity_src_gen.pdbx_host_org_vector               ? 
_entity_src_gen.host_org_details                   ? 
_entity_src_gen.expression_system_id               ? 
_entity_src_gen.plasmid_name                       ? 
_entity_src_gen.plasmid_details                    ? 
_entity_src_gen.pdbx_description                   ? 
# 
loop_
_chem_comp.id 
_chem_comp.type 
_chem_comp.mon_nstd_flag 
_chem_comp.name 
_chem_comp.pdbx_synonyms 
_chem_comp.formula 
_chem_comp.formula_weight 
ALA 'L-peptide linking' y ALANINE         ? 'C3 H7 N O2'     89.093  
ARG 'L-peptide linking' y ARGININE        ? 'C6 H15 N4 O2 1' 175.209 
ASN 'L-peptide linking' y ASPARAGINE      ? 'C4 H8 N2 O3'    132.118 
ASP 'L-peptide linking' y 'ASPARTIC ACID' ? 'C4 H7 N O4'     133.103 
GLU 'L-peptide linking' y 'GLUTAMIC ACID' ? 'C5 H9 N O4'     147.129 
GLY 'peptide linking'   y GLYCINE         ? 'C2 H5 N O2'     75.067  
LEU 'L-peptide linking' y LEUCINE         ? 'C6 H13 N O2'    131.173 
LYS 'L-peptide linking' y LYSINE          ? 'C6 H15 N2 O2 1' 147.195 
PHE 'L-peptide linking' y PHENYLALANINE   ? 'C9 H11 N O2'    165.189 
THR 'L-peptide linking' y THREONINE       ? 'C4 H9 N O3'     119.119 
# 
loop_
_pdbx_poly_seq_scheme.asym_id 
_pdbx_poly_seq_scheme.entity_id 
_pdbx_poly_seq_scheme.seq_id 
_pdbx_poly_seq_scheme.mon_id 
_pdbx_poly_seq_scheme.ndb_seq_num 
_pdbx_poly_seq_scheme.pdb_seq_num 
_pdbx_poly_seq_scheme.auth_seq_num 
_pdbx_poly_seq_scheme.pdb_mon_id 
_pdbx_poly_seq_scheme.auth_mon_id 
_pdbx_poly_seq_scheme.pdb_strand_id 
_pdbx_poly_seq_scheme.pdb_ins_code 
_pdbx_poly_seq_scheme.hetero 
A 1 1  ALA 1  1  1  ALA ALA A . n 
A 1 2  LEU 2  2  2  LEU LEU A . n 
A 1 3  ASP 3  3  3  ASP ASP A . n 
A 1 4  LYS 4  4  4  LYS LYS A . n 
A 1 5  LEU 5  5  5  LEU LEU A . n 
A 1 6  LYS 6  6  6  LYS LYS A . n 
A 1 7  GLU 7  7  7  GLU GLU A . n 
A 1 8  PHE 8  8  8  PHE PHE A . n 
A 1 9  GLY 9  9  9  GLY GLY A . n 
A 1 10 ASN 10 10 10 ASN ASN A . n 
A 1 11 THR 11 11 11 THR THR A . n 
A 1 12 LEU 12 12 12 LEU LEU A . n 
A 1 13 GLU 13 13 13 GLU GLU A . n 
A 1 14 ASP 14 14 14 ASP ASP A . n 
A 1 15 LYS 15 15 15 LYS LYS A . n 
A 1 16 ALA 16 16 16 ALA ALA A . n 
A 1 17 ARG 17 17 17 ARG ARG A . n 
A 1 18 GLU 18 18 18 GLU GLU A . n 
# 
_cell.entry_id           1ALE 
_cell.length_a           1.000 
_cell.length_b           1.000 
_cell.length_c           1.000 
_cell.angle_alpha        90.00 
_cell.angle_beta         90.00 
_cell.angle_gamma        90.00 
_cell.Z_PDB              1 
_cell.pdbx_unique_axis   ? 
# 
_symmetry.entry_id                         1ALE 
_symmetry.space_group_name_H-M             'P 1' 
_symmetry.pdbx_full_space_group_name_H-M   ? 
_symmetry.cell_setting                     ? 
_symmetry.Int_Tables_number                1 
# 
_exptl.entry_id          1ALE 
_exptl.method            'SOLUTION NMR' 
_exptl.crystals_number   ? 
# 
_struct.entry_id                  1ALE 
_struct.title                     
;CONFORMATION OF TWO PEPTIDES CORRESPONDING TO HUMAN APOLIPOPROTEIN C-I RESIDUES 7-24 AND 35-53 IN THE PRESENCE OF SODIUM DODECYLSULFATE BY CD AND NMR SPECTROSCOPY
;
_struct.pdbx_model_details        ? 
_struct.pdbx_CASP_flag            ? 
_struct.pdbx_model_type_details   ? 
# 
_struct_keywords.entry_id        1ALE 
_struct_keywords.pdbx_keywords   APOLIPOPROTEIN 
_struct_keywords.text            APOLIPOPROTEIN 
# 
_struct_asym.id                            A 
_struct_asym.pdbx_blank_PDB_chainid_flag   Y 
_struct_asym.pdbx_modified                 N 
_struct_asym.entity_id                     1 
_struct_asym.details                       ? 
# 
_struct_ref.id                         1 
_struct_ref.db_name                    UNP 
_struct_ref.db_code                    APOC1_HUMAN 
_struct_ref.entity_id                  1 
_struct_ref.pdbx_db_accession          P02654 
_struct_ref.pdbx_align_begin           1 
_struct_ref.pdbx_seq_one_letter_code   
;MRLFLSLPVLVVVLSIVLEGPAPAQGTPDVSSALDKLKEFGNTLEDKARELISRIKQSELSAKMREWFSETFQKVKEKLK
IDS
;
_struct_ref.pdbx_db_isoform            ? 
# 
_struct_ref_seq.align_id                      1 
_struct_ref_seq.ref_id                        1 
_struct_ref_seq.pdbx_PDB_id_code              1ALE 
_struct_ref_seq.pdbx_strand_id                A 
_struct_ref_seq.seq_align_beg                 1 
_struct_ref_seq.pdbx_seq_align_beg_ins_code   ? 
_struct_ref_seq.seq_align_end                 18 
_struct_ref_seq.pdbx_seq_align_end_ins_code   ? 
_struct_ref_seq.pdbx_db_accession             P02654 
_struct_ref_seq.db_align_beg                  33 
_struct_ref_seq.pdbx_db_align_beg_ins_code    ? 
_struct_ref_seq.db_align_end                  50 
_struct_ref_seq.pdbx_db_align_end_ins_code    ? 
_struct_ref_seq.pdbx_auth_seq_align_beg       1 
_struct_ref_seq.pdbx_auth_seq_align_end       18 
# 
_pdbx_struct_assembly.id                   1 
_pdbx_struct_assembly.details              author_defined_assembly 
_pdbx_struct_assembly.method_details       ? 
_pdbx_struct_assembly.oligomeric_details   monomeric 
_pdbx_struct_assembly.oligomeric_count     1 
# 
_pdbx_struct_assembly_gen.assembly_id       1 
_pdbx_struct_assembly_gen.oper_expression   1 
_pdbx_struct_assembly_gen.asym_id_list      A 
# 
_pdbx_struct_oper_list.id                   1 
_pdbx_struct_oper_list.type                 'identity operation' 
_pdbx_struct_oper_list.name                 1_555 
_pdbx_struct_oper_list.symmetry_operation   x,y,z 
_pdbx_struct_oper_list.matrix[1][1]         1.0000000000 
_pdbx_struct_oper_list.matrix[1][2]         0.0000000000 
_pdbx_struct_oper_list.matrix[1][3]         0.0000000000 
_pdbx_struct_oper_list.vector[1]            0.0000000000 
_pdbx_struct_oper_list.matrix[2][1]         0.0000000000 
_pdbx_struct_oper_list.matrix[2][2]         1.0000000000 
_pdbx_struct_oper_list.matrix[2][3]         0.0000000000 
_pdbx_struct_oper_list.vector[2]            0.0000000000 
_pdbx_struct_oper_list.matrix[3][1]         0.0000000000 
_pdbx_struct_oper_list.matrix[3][2]         0.0000000000 
_pdbx_struct_oper_list.matrix[3][3]         1.0000000000 
_pdbx_struct_oper_list.vector[3]            0.0000000000 
# 
_struct_biol.id   1 
# 
_struct_conf.conf_type_id            HELX_P 
_struct_conf.id                      HELX_P1 
_struct_conf.pdbx_PDB_helix_id       1 
_struct_conf.beg_label_comp_id       ASP 
_struct_conf.beg_label_asym_id       A 
_struct_conf.beg_label_seq_id        3 
_struct_conf.pdbx_beg_PDB_ins_code   ? 
_struct_conf.end_label_comp_id       ALA 
_struct_conf.end_label_asym_id       A 
_struct_conf.end_label_seq_id        16 
_struct_conf.pdbx_end_PDB_ins_code   ? 
_struct_conf.beg_auth_comp_id        ASP 
_struct_conf.beg_auth_asym_id        A 
_struct_conf.beg_auth_seq_id         3 
_struct_conf.end_auth_comp_id        ALA 
_struct_conf.end_auth_asym_id        A 
_struct_conf.end_auth_seq_id         16 
_struct_conf.pdbx_PDB_helix_class    1 
_struct_conf.details                 ? 
_struct_conf.pdbx_PDB_helix_length   14 
# 
_struct_conf_type.id          HELX_P 
_struct_conf_type.criteria    ? 
_struct_conf_type.reference   ? 
# 
loop_
_pdbx_validate_rmsd_bond.id 
_pdbx_validate_rmsd_bond.PDB_model_num 
_pdbx_validate_rmsd_bond.auth_atom_id_1 
_pdbx_validate_rmsd_bond.auth_asym_id_1 
_pdbx_validate_rmsd_bond.auth_comp_id_1 
_pdbx_validate_rmsd_bond.auth_seq_id_1 
_pdbx_validate_rmsd_bond.PDB_ins_code_1 
_pdbx_validate_rmsd_bond.label_alt_id_1 
_pdbx_validate_rmsd_bond.auth_atom_id_2 
_pdbx_validate_rmsd_bond.auth_asym_id_2 
_pdbx_validate_rmsd_bond.auth_comp_id_2 
_pdbx_validate_rmsd_bond.auth_seq_id_2 
_pdbx_validate_rmsd_bond.PDB_ins_code_2 
_pdbx_validate_rmsd_bond.label_alt_id_2 
_pdbx_validate_rmsd_bond.bond_value 
_pdbx_validate_rmsd_bond.bond_target_value 
_pdbx_validate_rmsd_bond.bond_deviation 
_pdbx_validate_rmsd_bond.bond_standard_deviation 
_pdbx_validate_rmsd_bond.linker_flag 
1  1 CD A GLU 7  ? ? OE1 A GLU 7  ? ? 1.362 1.252 0.110 0.011 N 
2  1 CD A GLU 13 ? ? OE2 A GLU 13 ? ? 1.363 1.252 0.111 0.011 N 
3  1 CD A GLU 18 ? ? OE2 A GLU 18 ? ? 1.361 1.252 0.109 0.011 N 
4  2 CD A GLU 7  ? ? OE2 A GLU 7  ? ? 1.363 1.252 0.111 0.011 N 
5  2 CD A GLU 13 ? ? OE2 A GLU 13 ? ? 1.361 1.252 0.109 0.011 N 
6  2 CD A GLU 18 ? ? OE2 A GLU 18 ? ? 1.362 1.252 0.110 0.011 N 
7  3 CD A GLU 7  ? ? OE1 A GLU 7  ? ? 1.362 1.252 0.110 0.011 N 
8  3 CD A GLU 13 ? ? OE2 A GLU 13 ? ? 1.362 1.252 0.110 0.011 N 
9  3 CD A GLU 18 ? ? OE2 A GLU 18 ? ? 1.361 1.252 0.109 0.011 N 
10 4 CD A GLU 7  ? ? OE2 A GLU 7  ? ? 1.362 1.252 0.110 0.011 N 
11 4 CD A GLU 13 ? ? OE2 A GLU 13 ? ? 1.362 1.252 0.110 0.011 N 
12 4 CD A GLU 18 ? ? OE1 A GLU 18 ? ? 1.362 1.252 0.110 0.011 N 
13 5 CD A GLU 7  ? ? OE2 A GLU 7  ? ? 1.362 1.252 0.110 0.011 N 
14 5 CD A GLU 13 ? ? OE1 A GLU 13 ? ? 1.362 1.252 0.110 0.011 N 
15 5 CD A GLU 18 ? ? OE1 A GLU 18 ? ? 1.361 1.252 0.109 0.011 N 
# 
loop_
_pdbx_validate_rmsd_angle.id 
_pdbx_validate_rmsd_angle.PDB_model_num 
_pdbx_validate_rmsd_angle.auth_atom_id_1 
_pdbx_validate_rmsd_angle.auth_asym_id_1 
_pdbx_validate_rmsd_angle.auth_comp_id_1 
_pdbx_validate_rmsd_angle.auth_seq_id_1 
_pdbx_validate_rmsd_angle.PDB_ins_code_1 
_pdbx_validate_rmsd_angle.label_alt_id_1 
_pdbx_validate_rmsd_angle.auth_atom_id_2 
_pdbx_validate_rmsd_angle.auth_asym_id_2 
_pdbx_validate_rmsd_angle.auth_comp_id_2 
_pdbx_validate_rmsd_angle.auth_seq_id_2 
_pdbx_validate_rmsd_angle.PDB_ins_code_2 
_pdbx_validate_rmsd_angle.label_alt_id_2 
_pdbx_validate_rmsd_angle.auth_atom_id_3 
_pdbx_validate_rmsd_angle.auth_asym_id_3 
_pdbx_validate_rmsd_angle.auth_comp_id_3 
_pdbx_validate_rmsd_angle.auth_seq_id_3 
_pdbx_validate_rmsd_angle.PDB_ins_code_3 
_pdbx_validate_rmsd_angle.label_alt_id_3 
_pdbx_validate_rmsd_angle.angle_value 
_pdbx_validate_rmsd_angle.angle_target_value 
_pdbx_validate_rmsd_angle.angle_deviation 
_pdbx_validate_rmsd_angle.angle_standard_deviation 
_pdbx_validate_rmsd_angle.linker_flag 
1  1 CB A ASP 3  ? ? CG A ASP 3  ? ? OD1 A ASP 3  ? ? 112.87 118.30 -5.43 0.90 N 
2  1 CB A ASP 14 ? ? CG A ASP 14 ? ? OD2 A ASP 14 ? ? 112.79 118.30 -5.51 0.90 N 
3  1 NE A ARG 17 ? ? CZ A ARG 17 ? ? NH1 A ARG 17 ? ? 124.34 120.30 4.04  0.50 N 
4  2 CB A ASP 3  ? ? CG A ASP 3  ? ? OD1 A ASP 3  ? ? 112.85 118.30 -5.45 0.90 N 
5  2 CB A ASP 14 ? ? CG A ASP 14 ? ? OD1 A ASP 14 ? ? 112.83 118.30 -5.47 0.90 N 
6  2 NE A ARG 17 ? ? CZ A ARG 17 ? ? NH1 A ARG 17 ? ? 124.38 120.30 4.08  0.50 N 
7  3 CB A ASP 3  ? ? CG A ASP 3  ? ? OD1 A ASP 3  ? ? 112.86 118.30 -5.44 0.90 N 
8  3 CB A ASP 14 ? ? CG A ASP 14 ? ? OD1 A ASP 14 ? ? 112.79 118.30 -5.51 0.90 N 
9  3 NE A ARG 17 ? ? CZ A ARG 17 ? ? NH1 A ARG 17 ? ? 124.36 120.30 4.06  0.50 N 
10 4 CB A ASP 3  ? ? CG A ASP 3  ? ? OD1 A ASP 3  ? ? 112.79 118.30 -5.51 0.90 N 
11 4 NE A ARG 17 ? ? CZ A ARG 17 ? ? NH1 A ARG 17 ? ? 124.39 120.30 4.09  0.50 N 
12 5 CB A ASP 3  ? ? CG A ASP 3  ? ? OD2 A ASP 3  ? ? 112.83 118.30 -5.47 0.90 N 
13 5 CB A ASP 14 ? ? CG A ASP 14 ? ? OD2 A ASP 14 ? ? 112.84 118.30 -5.46 0.90 N 
14 5 NE A ARG 17 ? ? CZ A ARG 17 ? ? NH1 A ARG 17 ? ? 124.35 120.30 4.05  0.50 N 
# 
loop_
_pdbx_validate_torsion.id 
_pdbx_validate_torsion.PDB_model_num 
_pdbx_validate_torsion.auth_comp_id 
_pdbx_validate_torsion.auth_asym_id 
_pdbx_validate_torsion.auth_seq_id 
_pdbx_validate_torsion.PDB_ins_code 
_pdbx_validate_torsion.label_alt_id 
_pdbx_validate_torsion.phi 
_pdbx_validate_torsion.psi 
1 2 ALA A 16 ? ? -148.58 46.74 
2 2 ARG A 17 ? ? -154.27 35.10 
3 3 ARG A 17 ? ? -149.43 30.07 
4 5 ALA A 16 ? ? -157.97 53.35 
# 
_pdbx_nmr_ensemble.entry_id                             1ALE 
_pdbx_nmr_ensemble.conformers_calculated_total_number   ? 
_pdbx_nmr_ensemble.conformers_submitted_total_number    5 
_pdbx_nmr_ensemble.conformer_selection_criteria         ? 
# 
loop_
_chem_comp_atom.comp_id 
_chem_comp_atom.atom_id 
_chem_comp_atom.type_symbol 
_chem_comp_atom.pdbx_aromatic_flag 
_chem_comp_atom.pdbx_stereo_config 
_chem_comp_atom.pdbx_ordinal 
ALA N    N N N 1   
ALA CA   C N S 2   
ALA C    C N N 3   
ALA O    O N N 4   
ALA CB   C N N 5   
ALA OXT  O N N 6   
ALA H    H N N 7   
ALA H2   H N N 8   
ALA HA   H N N 9   
ALA HB1  H N N 10  
ALA HB2  H N N 11  
ALA HB3  H N N 12  
ALA HXT  H N N 13  
ARG N    N N N 14  
ARG CA   C N S 15  
ARG C    C N N 16  
ARG O    O N N 17  
ARG CB   C N N 18  
ARG CG   C N N 19  
ARG CD   C N N 20  
ARG NE   N N N 21  
ARG CZ   C N N 22  
ARG NH1  N N N 23  
ARG NH2  N N N 24  
ARG OXT  O N N 25  
ARG H    H N N 26  
ARG H2   H N N 27  
ARG HA   H N N 28  
ARG HB2  H N N 29  
ARG HB3  H N N 30  
ARG HG2  H N N 31  
ARG HG3  H N N 32  
ARG HD2  H N N 33  
ARG HD3  H N N 34  
ARG HE   H N N 35  
ARG HH11 H N N 36  
ARG HH12 H N N 37  
ARG HH21 H N N 38  
ARG HH22 H N N 39  
ARG HXT  H N N 40  
ASN N    N N N 41  
ASN CA   C N S 42  
ASN C    C N N 43  
ASN O    O N N 44  
ASN CB   C N N 45  
ASN CG   C N N 46  
ASN OD1  O N N 47  
ASN ND2  N N N 48  
ASN OXT  O N N 49  
ASN H    H N N 50  
ASN H2   H N N 51  
ASN HA   H N N 52  
ASN HB2  H N N 53  
ASN HB3  H N N 54  
ASN HD21 H N N 55  
ASN HD22 H N N 56  
ASN HXT  H N N 57  
ASP N    N N N 58  
ASP CA   C N S 59  
ASP C    C N N 60  
ASP O    O N N 61  
ASP CB   C N N 62  
ASP CG   C N N 63  
ASP OD1  O N N 64  
ASP OD2  O N N 65  
ASP OXT  O N N 66  
ASP H    H N N 67  
ASP H2   H N N 68  
ASP HA   H N N 69  
ASP HB2  H N N 70  
ASP HB3  H N N 71  
ASP HD2  H N N 72  
ASP HXT  H N N 73  
GLU N    N N N 74  
GLU CA   C N S 75  
GLU C    C N N 76  
GLU O    O N N 77  
GLU CB   C N N 78  
GLU CG   C N N 79  
GLU CD   C N N 80  
GLU OE1  O N N 81  
GLU OE2  O N N 82  
GLU OXT  O N N 83  
GLU H    H N N 84  
GLU H2   H N N 85  
GLU HA   H N N 86  
GLU HB2  H N N 87  
GLU HB3  H N N 88  
GLU HG2  H N N 89  
GLU HG3  H N N 90  
GLU HE2  H N N 91  
GLU HXT  H N N 92  
GLY N    N N N 93  
GLY CA   C N N 94  
GLY C    C N N 95  
GLY O    O N N 96  
GLY OXT  O N N 97  
GLY H    H N N 98  
GLY H2   H N N 99  
GLY HA2  H N N 100 
GLY HA3  H N N 101 
GLY HXT  H N N 102 
LEU N    N N N 103 
LEU CA   C N S 104 
LEU C    C N N 105 
LEU O    O N N 106 
LEU CB   C N N 107 
LEU CG   C N N 108 
LEU CD1  C N N 109 
LEU CD2  C N N 110 
LEU OXT  O N N 111 
LEU H    H N N 112 
LEU H2   H N N 113 
LEU HA   H N N 114 
LEU HB2  H N N 115 
LEU HB3  H N N 116 
LEU HG   H N N 117 
LEU HD11 H N N 118 
LEU HD12 H N N 119 
LEU HD13 H N N 120 
LEU HD21 H N N 121 
LEU HD22 H N N 122 
LEU HD23 H N N 123 
LEU HXT  H N N 124 
LYS N    N N N 125 
LYS CA   C N S 126 
LYS C    C N N 127 
LYS O    O N N 128 
LYS CB   C N N 129 
LYS CG   C N N 130 
LYS CD   C N N 131 
LYS CE   C N N 132 
LYS NZ   N N N 133 
LYS OXT  O N N 134 
LYS H    H N N 135 
LYS H2   H N N 136 
LYS HA   H N N 137 
LYS HB2  H N N 138 
LYS HB3  H N N 139 
LYS HG2  H N N 140 
LYS HG3  H N N 141 
LYS HD2  H N N 142 
LYS HD3  H N N 143 
LYS HE2  H N N 144 
LYS HE3  H N N 145 
LYS HZ1  H N N 146 
LYS HZ2  H N N 147 
LYS HZ3  H N N 148 
LYS HXT  H N N 149 
PHE N    N N N 150 
PHE CA   C N S 151 
PHE C    C N N 152 
PHE O    O N N 153 
PHE CB   C N N 154 
PHE CG   C Y N 155 
PHE CD1  C Y N 156 
PHE CD2  C Y N 157 
PHE CE1  C Y N 158 
PHE CE2  C Y N 159 
PHE CZ   C Y N 160 
PHE OXT  O N N 161 
PHE H    H N N 162 
PHE H2   H N N 163 
PHE HA   H N N 164 
PHE HB2  H N N 165 
PHE HB3  H N N 166 
PHE HD1  H N N 167 
PHE HD2  H N N 168 
PHE HE1  H N N 169 
PHE HE2  H N N 170 
PHE HZ   H N N 171 
PHE HXT  H N N 172 
THR N    N N N 173 
THR CA   C N S 174 
THR C    C N N 175 
THR O    O N N 176 
THR CB   C N R 177 
THR OG1  O N N 178 
THR CG2  C N N 179 
THR OXT  O N N 180 
THR H    H N N 181 
THR H2   H N N 182 
THR HA   H N N 183 
THR HB   H N N 184 
THR HG1  H N N 185 
THR HG21 H N N 186 
THR HG22 H N N 187 
THR HG23 H N N 188 
THR HXT  H N N 189 
# 
loop_
_chem_comp_bond.comp_id 
_chem_comp_bond.atom_id_1 
_chem_comp_bond.atom_id_2 
_chem_comp_bond.value_order 
_chem_comp_bond.pdbx_aromatic_flag 
_chem_comp_bond.pdbx_stereo_config 
_chem_comp_bond.pdbx_ordinal 
ALA N   CA   sing N N 1   
ALA N   H    sing N N 2   
ALA N   H2   sing N N 3   
ALA CA  C    sing N N 4   
ALA CA  CB   sing N N 5   
ALA CA  HA   sing N N 6   
ALA C   O    doub N N 7   
ALA C   OXT  sing N N 8   
ALA CB  HB1  sing N N 9   
ALA CB  HB2  sing N N 10  
ALA CB  HB3  sing N N 11  
ALA OXT HXT  sing N N 12  
ARG N   CA   sing N N 13  
ARG N   H    sing N N 14  
ARG N   H2   sing N N 15  
ARG CA  C    sing N N 16  
ARG CA  CB   sing N N 17  
ARG CA  HA   sing N N 18  
ARG C   O    doub N N 19  
ARG C   OXT  sing N N 20  
ARG CB  CG   sing N N 21  
ARG CB  HB2  sing N N 22  
ARG CB  HB3  sing N N 23  
ARG CG  CD   sing N N 24  
ARG CG  HG2  sing N N 25  
ARG CG  HG3  sing N N 26  
ARG CD  NE   sing N N 27  
ARG CD  HD2  sing N N 28  
ARG CD  HD3  sing N N 29  
ARG NE  CZ   sing N N 30  
ARG NE  HE   sing N N 31  
ARG CZ  NH1  sing N N 32  
ARG CZ  NH2  doub N N 33  
ARG NH1 HH11 sing N N 34  
ARG NH1 HH12 sing N N 35  
ARG NH2 HH21 sing N N 36  
ARG NH2 HH22 sing N N 37  
ARG OXT HXT  sing N N 38  
ASN N   CA   sing N N 39  
ASN N   H    sing N N 40  
ASN N   H2   sing N N 41  
ASN CA  C    sing N N 42  
ASN CA  CB   sing N N 43  
ASN CA  HA   sing N N 44  
ASN C   O    doub N N 45  
ASN C   OXT  sing N N 46  
ASN CB  CG   sing N N 47  
ASN CB  HB2  sing N N 48  
ASN CB  HB3  sing N N 49  
ASN CG  OD1  doub N N 50  
ASN CG  ND2  sing N N 51  
ASN ND2 HD21 sing N N 52  
ASN ND2 HD22 sing N N 53  
ASN OXT HXT  sing N N 54  
ASP N   CA   sing N N 55  
ASP N   H    sing N N 56  
ASP N   H2   sing N N 57  
ASP CA  C    sing N N 58  
ASP CA  CB   sing N N 59  
ASP CA  HA   sing N N 60  
ASP C   O    doub N N 61  
ASP C   OXT  sing N N 62  
ASP CB  CG   sing N N 63  
ASP CB  HB2  sing N N 64  
ASP CB  HB3  sing N N 65  
ASP CG  OD1  doub N N 66  
ASP CG  OD2  sing N N 67  
ASP OD2 HD2  sing N N 68  
ASP OXT HXT  sing N N 69  
GLU N   CA   sing N N 70  
GLU N   H    sing N N 71  
GLU N   H2   sing N N 72  
GLU CA  C    sing N N 73  
GLU CA  CB   sing N N 74  
GLU CA  HA   sing N N 75  
GLU C   O    doub N N 76  
GLU C   OXT  sing N N 77  
GLU CB  CG   sing N N 78  
GLU CB  HB2  sing N N 79  
GLU CB  HB3  sing N N 80  
GLU CG  CD   sing N N 81  
GLU CG  HG2  sing N N 82  
GLU CG  HG3  sing N N 83  
GLU CD  OE1  doub N N 84  
GLU CD  OE2  sing N N 85  
GLU OE2 HE2  sing N N 86  
GLU OXT HXT  sing N N 87  
GLY N   CA   sing N N 88  
GLY N   H    sing N N 89  
GLY N   H2   sing N N 90  
GLY CA  C    sing N N 91  
GLY CA  HA2  sing N N 92  
GLY CA  HA3  sing N N 93  
GLY C   O    doub N N 94  
GLY C   OXT  sing N N 95  
GLY OXT HXT  sing N N 96  
LEU N   CA   sing N N 97  
LEU N   H    sing N N 98  
LEU N   H2   sing N N 99  
LEU CA  C    sing N N 100 
LEU CA  CB   sing N N 101 
LEU CA  HA   sing N N 102 
LEU C   O    doub N N 103 
LEU C   OXT  sing N N 104 
LEU CB  CG   sing N N 105 
LEU CB  HB2  sing N N 106 
LEU CB  HB3  sing N N 107 
LEU CG  CD1  sing N N 108 
LEU CG  CD2  sing N N 109 
LEU CG  HG   sing N N 110 
LEU CD1 HD11 sing N N 111 
LEU CD1 HD12 sing N N 112 
LEU CD1 HD13 sing N N 113 
LEU CD2 HD21 sing N N 114 
LEU CD2 HD22 sing N N 115 
LEU CD2 HD23 sing N N 116 
LEU OXT HXT  sing N N 117 
LYS N   CA   sing N N 118 
LYS N   H    sing N N 119 
LYS N   H2   sing N N 120 
LYS CA  C    sing N N 121 
LYS CA  CB   sing N N 122 
LYS CA  HA   sing N N 123 
LYS C   O    doub N N 124 
LYS C   OXT  sing N N 125 
LYS CB  CG   sing N N 126 
LYS CB  HB2  sing N N 127 
LYS CB  HB3  sing N N 128 
LYS CG  CD   sing N N 129 
LYS CG  HG2  sing N N 130 
LYS CG  HG3  sing N N 131 
LYS CD  CE   sing N N 132 
LYS CD  HD2  sing N N 133 
LYS CD  HD3  sing N N 134 
LYS CE  NZ   sing N N 135 
LYS CE  HE2  sing N N 136 
LYS CE  HE3  sing N N 137 
LYS NZ  HZ1  sing N N 138 
LYS NZ  HZ2  sing N N 139 
LYS NZ  HZ3  sing N N 140 
LYS OXT HXT  sing N N 141 
PHE N   CA   sing N N 142 
PHE N   H    sing N N 143 
PHE N   H2   sing N N 144 
PHE CA  C    sing N N 145 
PHE CA  CB   sing N N 146 
PHE CA  HA   sing N N 147 
PHE C   O    doub N N 148 
PHE C   OXT  sing N N 149 
PHE CB  CG   sing N N 150 
PHE CB  HB2  sing N N 151 
PHE CB  HB3  sing N N 152 
PHE CG  CD1  doub Y N 153 
PHE CG  CD2  sing Y N 154 
PHE CD1 CE1  sing Y N 155 
PHE CD1 HD1  sing N N 156 
PHE CD2 CE2  doub Y N 157 
PHE CD2 HD2  sing N N 158 
PHE CE1 CZ   doub Y N 159 
PHE CE1 HE1  sing N N 160 
PHE CE2 CZ   sing Y N 161 
PHE CE2 HE2  sing N N 162 
PHE CZ  HZ   sing N N 163 
PHE OXT HXT  sing N N 164 
THR N   CA   sing N N 165 
THR N   H    sing N N 166 
THR N   H2   sing N N 167 
THR CA  C    sing N N 168 
THR CA  CB   sing N N 169 
THR CA  HA   sing N N 170 
THR C   O    doub N N 171 
THR C   OXT  sing N N 172 
THR CB  OG1  sing N N 173 
THR CB  CG2  sing N N 174 
THR CB  HB   sing N N 175 
THR OG1 HG1  sing N N 176 
THR CG2 HG21 sing N N 177 
THR CG2 HG22 sing N N 178 
THR CG2 HG23 sing N N 179 
THR OXT HXT  sing N N 180 
# 
_atom_sites.entry_id                    1ALE 
_atom_sites.fract_transf_matrix[1][1]   1.000000 
_atom_sites.fract_transf_matrix[1][2]   0.000000 
_atom_sites.fract_transf_matrix[1][3]   0.000000 
_atom_sites.fract_transf_matrix[2][1]   0.000000 
_atom_sites.fract_transf_matrix[2][2]   1.000000 
_atom_sites.fract_transf_matrix[2][3]   0.000000 
_atom_sites.fract_transf_matrix[3][1]   0.000000 
_atom_sites.fract_transf_matrix[3][2]   0.000000 
_atom_sites.fract_transf_matrix[3][3]   1.000000 
_atom_sites.fract_transf_vector[1]      0.00000 
_atom_sites.fract_transf_vector[2]      0.00000 
_atom_sites.fract_transf_vector[3]      0.00000 
# 
loop_
_atom_type.symbol 
C 
H 
N 
O 
# 
loop_
_atom_site.group_PDB 
_atom_site.id 
_atom_site.type_symbol 
_atom_site.label_atom_id 
_atom_site.label_alt_id 
_atom_site.label_comp_id 
_atom_site.label_asym_id 
_atom_site.label_entity_id 
_atom_site.label_seq_id 
_atom_site.pdbx_PDB_ins_code 
_atom_site.Cartn_x 
_atom_site.Cartn_y 
_atom_site.Cartn_z 
_atom_site.occupancy 
_atom_site.B_iso_or_equiv 
_atom_site.pdbx_formal_charge 
_atom_site.auth_seq_id 
_atom_site.auth_comp_id 
_atom_site.auth_asym_id 
_atom_site.auth_atom_id 
_atom_site.pdbx_PDB_model_num 
ATOM 1    N N    . ALA A 1 1  ? 9.745   -3.536 10.159  1.00 0.00 ? 1  ALA A N    1 
ATOM 2    C CA   . ALA A 1 1  ? 10.676  -3.149 9.104   1.00 0.00 ? 1  ALA A CA   1 
ATOM 3    C C    . ALA A 1 1  ? 10.053  -3.320 7.739   1.00 0.00 ? 1  ALA A C    1 
ATOM 4    O O    . ALA A 1 1  ? 8.919   -3.797 7.587   1.00 0.00 ? 1  ALA A O    1 
ATOM 5    C CB   . ALA A 1 1  ? 11.957  -3.982 9.284   1.00 0.00 ? 1  ALA A CB   1 
ATOM 6    H H1   . ALA A 1 1  ? 9.142   -4.300 9.822   1.00 0.00 ? 1  ALA A H1   1 
ATOM 7    H H2   . ALA A 1 1  ? 10.273  -3.856 10.984  1.00 0.00 ? 1  ALA A H2   1 
ATOM 8    H H3   . ALA A 1 1  ? 9.161   -2.728 10.419  1.00 0.00 ? 1  ALA A H3   1 
ATOM 9    H HA   . ALA A 1 1  ? 10.915  -2.075 9.223   1.00 0.00 ? 1  ALA A HA   1 
ATOM 10   H HB1  . ALA A 1 1  ? 12.420  -3.815 10.275  1.00 0.00 ? 1  ALA A HB1  1 
ATOM 11   H HB2  . ALA A 1 1  ? 11.762  -5.068 9.197   1.00 0.00 ? 1  ALA A HB2  1 
ATOM 12   H HB3  . ALA A 1 1  ? 12.723  -3.727 8.529   1.00 0.00 ? 1  ALA A HB3  1 
ATOM 13   N N    . LEU A 1 2  ? 10.782  -2.912 6.718   1.00 0.00 ? 2  LEU A N    1 
ATOM 14   C CA   . LEU A 1 2  ? 10.275  -2.913 5.347   1.00 0.00 ? 2  LEU A CA   1 
ATOM 15   C C    . LEU A 1 2  ? 8.936   -2.213 5.277   1.00 0.00 ? 2  LEU A C    1 
ATOM 16   O O    . LEU A 1 2  ? 8.027   -2.582 4.523   1.00 0.00 ? 2  LEU A O    1 
ATOM 17   C CB   . LEU A 1 2  ? 10.202  -4.366 4.798   1.00 0.00 ? 2  LEU A CB   1 
ATOM 18   C CG   . LEU A 1 2  ? 11.472  -5.251 4.926   1.00 0.00 ? 2  LEU A CG   1 
ATOM 19   C CD1  . LEU A 1 2  ? 11.238  -6.507 5.780   1.00 0.00 ? 2  LEU A CD1  1 
ATOM 20   C CD2  . LEU A 1 2  ? 11.977  -5.657 3.535   1.00 0.00 ? 2  LEU A CD2  1 
ATOM 21   H H    . LEU A 1 2  ? 11.751  -2.542 6.953   1.00 0.00 ? 2  LEU A H    1 
ATOM 22   H HA   . LEU A 1 2  ? 10.962  -2.313 4.724   1.00 0.00 ? 2  LEU A HA   1 
ATOM 23   H HB2  . LEU A 1 2  ? 9.363   -4.893 5.296   1.00 0.00 ? 2  LEU A HB2  1 
ATOM 24   H HB3  . LEU A 1 2  ? 9.908   -4.324 3.731   1.00 0.00 ? 2  LEU A HB3  1 
ATOM 25   H HG   . LEU A 1 2  ? 12.267  -4.645 5.414   1.00 0.00 ? 2  LEU A HG   1 
ATOM 26   H HD11 . LEU A 1 2  ? 10.753  -6.255 6.741   1.00 0.00 ? 2  LEU A HD11 1 
ATOM 27   H HD12 . LEU A 1 2  ? 10.565  -7.228 5.279   1.00 0.00 ? 2  LEU A HD12 1 
ATOM 28   H HD13 . LEU A 1 2  ? 12.180  -7.036 6.015   1.00 0.00 ? 2  LEU A HD13 1 
ATOM 29   H HD21 . LEU A 1 2  ? 12.117  -4.779 2.875   1.00 0.00 ? 2  LEU A HD21 1 
ATOM 30   H HD22 . LEU A 1 2  ? 12.947  -6.190 3.579   1.00 0.00 ? 2  LEU A HD22 1 
ATOM 31   H HD23 . LEU A 1 2  ? 11.262  -6.326 3.020   1.00 0.00 ? 2  LEU A HD23 1 
ATOM 32   N N    . ASP A 1 3  ? 8.809   -1.158 6.064   1.00 0.00 ? 3  ASP A N    1 
ATOM 33   C CA   . ASP A 1 3  ? 7.549   -0.434 6.201   1.00 0.00 ? 3  ASP A CA   1 
ATOM 34   C C    . ASP A 1 3  ? 7.301   0.523  5.058   1.00 0.00 ? 3  ASP A C    1 
ATOM 35   O O    . ASP A 1 3  ? 6.165   0.989  4.841   1.00 0.00 ? 3  ASP A O    1 
ATOM 36   C CB   . ASP A 1 3  ? 7.509   0.298  7.572   1.00 0.00 ? 3  ASP A CB   1 
ATOM 37   C CG   . ASP A 1 3  ? 6.121   0.551  8.176   1.00 0.00 ? 3  ASP A CG   1 
ATOM 38   O OD1  . ASP A 1 3  ? 5.225   -0.439 7.882   1.00 0.00 ? 3  ASP A OD1  1 
ATOM 39   O OD2  . ASP A 1 3  ? 5.861   1.529  8.863   1.00 0.00 ? 3  ASP A OD2  1 
ATOM 40   H H    . ASP A 1 3  ? 9.698   -0.845 6.564   1.00 0.00 ? 3  ASP A H    1 
ATOM 41   H HA   . ASP A 1 3  ? 6.747   -1.195 6.151   1.00 0.00 ? 3  ASP A HA   1 
ATOM 42   H HB2  . ASP A 1 3  ? 8.104   -0.243 8.327   1.00 0.00 ? 3  ASP A HB2  1 
ATOM 43   H HB3  . ASP A 1 3  ? 8.010   1.281  7.474   1.00 0.00 ? 3  ASP A HB3  1 
ATOM 44   N N    . LYS A 1 4  ? 8.335   0.862  4.315   1.00 0.00 ? 4  LYS A N    1 
ATOM 45   C CA   . LYS A 1 4  ? 8.211   1.772  3.179   1.00 0.00 ? 4  LYS A CA   1 
ATOM 46   C C    . LYS A 1 4  ? 7.612   1.067  1.986   1.00 0.00 ? 4  LYS A C    1 
ATOM 47   O O    . LYS A 1 4  ? 6.880   1.652  1.175   1.00 0.00 ? 4  LYS A O    1 
ATOM 48   C CB   . LYS A 1 4  ? 9.614   2.352  2.841   1.00 0.00 ? 4  LYS A CB   1 
ATOM 49   C CG   . LYS A 1 4  ? 9.898   3.713  3.524   1.00 0.00 ? 4  LYS A CG   1 
ATOM 50   C CD   . LYS A 1 4  ? 9.491   4.943  2.708   1.00 0.00 ? 4  LYS A CD   1 
ATOM 51   C CE   . LYS A 1 4  ? 10.528  6.054  2.916   1.00 0.00 ? 4  LYS A CE   1 
ATOM 52   N NZ   . LYS A 1 4  ? 10.504  6.491  4.323   1.00 0.00 ? 4  LYS A NZ   1 
ATOM 53   H H    . LYS A 1 4  ? 9.265   0.408  4.562   1.00 0.00 ? 4  LYS A H    1 
ATOM 54   H HA   . LYS A 1 4  ? 7.527   2.595  3.458   1.00 0.00 ? 4  LYS A HA   1 
ATOM 55   H HB2  . LYS A 1 4  ? 10.397  1.627  3.142   1.00 0.00 ? 4  LYS A HB2  1 
ATOM 56   H HB3  . LYS A 1 4  ? 9.719   2.446  1.741   1.00 0.00 ? 4  LYS A HB3  1 
ATOM 57   H HG2  . LYS A 1 4  ? 9.351   3.782  4.483   1.00 0.00 ? 4  LYS A HG2  1 
ATOM 58   H HG3  . LYS A 1 4  ? 10.972  3.776  3.791   1.00 0.00 ? 4  LYS A HG3  1 
ATOM 59   H HD2  . LYS A 1 4  ? 9.398   4.671  1.639   1.00 0.00 ? 4  LYS A HD2  1 
ATOM 60   H HD3  . LYS A 1 4  ? 8.488   5.292  3.029   1.00 0.00 ? 4  LYS A HD3  1 
ATOM 61   H HE2  . LYS A 1 4  ? 11.542  5.695  2.640   1.00 0.00 ? 4  LYS A HE2  1 
ATOM 62   H HE3  . LYS A 1 4  ? 10.325  6.922  2.254   1.00 0.00 ? 4  LYS A HE3  1 
ATOM 63   H HZ1  . LYS A 1 4  ? 9.534   6.480  4.670   1.00 0.00 ? 4  LYS A HZ1  1 
ATOM 64   H HZ2  . LYS A 1 4  ? 11.078  5.853  4.891   1.00 0.00 ? 4  LYS A HZ2  1 
ATOM 65   H HZ3  . LYS A 1 4  ? 10.882  7.446  4.393   1.00 0.00 ? 4  LYS A HZ3  1 
ATOM 66   N N    . LEU A 1 5  ? 7.910   -0.214 1.862   1.00 0.00 ? 5  LEU A N    1 
ATOM 67   C CA   . LEU A 1 5  ? 7.410   -1.021 0.753   1.00 0.00 ? 5  LEU A CA   1 
ATOM 68   C C    . LEU A 1 5  ? 6.011   -1.520 1.026   1.00 0.00 ? 5  LEU A C    1 
ATOM 69   O O    . LEU A 1 5  ? 5.151   -1.583 0.135   1.00 0.00 ? 5  LEU A O    1 
ATOM 70   C CB   . LEU A 1 5  ? 8.375   -2.205 0.461   1.00 0.00 ? 5  LEU A CB   1 
ATOM 71   C CG   . LEU A 1 5  ? 9.498   -1.991 -0.589  1.00 0.00 ? 5  LEU A CG   1 
ATOM 72   C CD1  . LEU A 1 5  ? 8.926   -1.321 -1.845  1.00 0.00 ? 5  LEU A CD1  1 
ATOM 73   C CD2  . LEU A 1 5  ? 10.670  -1.157 -0.043  1.00 0.00 ? 5  LEU A CD2  1 
ATOM 74   H H    . LEU A 1 5  ? 8.566   -0.613 2.599   1.00 0.00 ? 5  LEU A H    1 
ATOM 75   H HA   . LEU A 1 5  ? 7.338   -0.375 -0.142  1.00 0.00 ? 5  LEU A HA   1 
ATOM 76   H HB2  . LEU A 1 5  ? 8.849   -2.519 1.414   1.00 0.00 ? 5  LEU A HB2  1 
ATOM 77   H HB3  . LEU A 1 5  ? 7.771   -3.080 0.150   1.00 0.00 ? 5  LEU A HB3  1 
ATOM 78   H HG   . LEU A 1 5  ? 9.889   -2.987 -0.883  1.00 0.00 ? 5  LEU A HG   1 
ATOM 79   H HD11 . LEU A 1 5  ? 8.107   -1.916 -2.292  1.00 0.00 ? 5  LEU A HD11 1 
ATOM 80   H HD12 . LEU A 1 5  ? 8.521   -0.313 -1.635  1.00 0.00 ? 5  LEU A HD12 1 
ATOM 81   H HD13 . LEU A 1 5  ? 9.697   -1.205 -2.631  1.00 0.00 ? 5  LEU A HD13 1 
ATOM 82   H HD21 . LEU A 1 5  ? 10.341  -0.174 0.342   1.00 0.00 ? 5  LEU A HD21 1 
ATOM 83   H HD22 . LEU A 1 5  ? 11.182  -1.680 0.786   1.00 0.00 ? 5  LEU A HD22 1 
ATOM 84   H HD23 . LEU A 1 5  ? 11.442  -0.975 -0.814  1.00 0.00 ? 5  LEU A HD23 1 
ATOM 85   N N    . LYS A 1 6  ? 5.760   -1.905 2.264   1.00 0.00 ? 6  LYS A N    1 
ATOM 86   C CA   . LYS A 1 6  ? 4.478   -2.492 2.647   1.00 0.00 ? 6  LYS A CA   1 
ATOM 87   C C    . LYS A 1 6  ? 3.385   -1.452 2.653   1.00 0.00 ? 6  LYS A C    1 
ATOM 88   O O    . LYS A 1 6  ? 2.239   -1.698 2.249   1.00 0.00 ? 6  LYS A O    1 
ATOM 89   C CB   . LYS A 1 6  ? 4.623   -3.165 4.040   1.00 0.00 ? 6  LYS A CB   1 
ATOM 90   C CG   . LYS A 1 6  ? 5.679   -4.298 4.059   1.00 0.00 ? 6  LYS A CG   1 
ATOM 91   C CD   . LYS A 1 6  ? 6.315   -4.558 5.428   1.00 0.00 ? 6  LYS A CD   1 
ATOM 92   C CE   . LYS A 1 6  ? 5.854   -5.922 5.956   1.00 0.00 ? 6  LYS A CE   1 
ATOM 93   N NZ   . LYS A 1 6  ? 5.029   -5.728 7.161   1.00 0.00 ? 6  LYS A NZ   1 
ATOM 94   H H    . LYS A 1 6  ? 6.557   -1.797 2.960   1.00 0.00 ? 6  LYS A H    1 
ATOM 95   H HA   . LYS A 1 6  ? 4.206   -3.251 1.891   1.00 0.00 ? 6  LYS A HA   1 
ATOM 96   H HB2  . LYS A 1 6  ? 4.899   -2.403 4.795   1.00 0.00 ? 6  LYS A HB2  1 
ATOM 97   H HB3  . LYS A 1 6  ? 3.639   -3.556 4.372   1.00 0.00 ? 6  LYS A HB3  1 
ATOM 98   H HG2  . LYS A 1 6  ? 5.222   -5.252 3.736   1.00 0.00 ? 6  LYS A HG2  1 
ATOM 99   H HG3  . LYS A 1 6  ? 6.469   -4.083 3.312   1.00 0.00 ? 6  LYS A HG3  1 
ATOM 100  H HD2  . LYS A 1 6  ? 7.419   -4.510 5.342   1.00 0.00 ? 6  LYS A HD2  1 
ATOM 101  H HD3  . LYS A 1 6  ? 6.023   -3.754 6.136   1.00 0.00 ? 6  LYS A HD3  1 
ATOM 102  H HE2  . LYS A 1 6  ? 5.278   -6.466 5.176   1.00 0.00 ? 6  LYS A HE2  1 
ATOM 103  H HE3  . LYS A 1 6  ? 6.719   -6.572 6.199   1.00 0.00 ? 6  LYS A HE3  1 
ATOM 104  H HZ1  . LYS A 1 6  ? 5.336   -4.878 7.655   1.00 0.00 ? 6  LYS A HZ1  1 
ATOM 105  H HZ2  . LYS A 1 6  ? 4.040   -5.628 6.890   1.00 0.00 ? 6  LYS A HZ2  1 
ATOM 106  H HZ3  . LYS A 1 6  ? 5.132   -6.542 7.783   1.00 0.00 ? 6  LYS A HZ3  1 
ATOM 107  N N    . GLU A 1 7  ? 3.717   -0.266 3.131   1.00 0.00 ? 7  GLU A N    1 
ATOM 108  C CA   . GLU A 1 7  ? 2.797   0.867  3.086   1.00 0.00 ? 7  GLU A CA   1 
ATOM 109  C C    . GLU A 1 7  ? 2.508   1.290  1.664   1.00 0.00 ? 7  GLU A C    1 
ATOM 110  O O    . GLU A 1 7  ? 1.456   1.881  1.364   1.00 0.00 ? 7  GLU A O    1 
ATOM 111  C CB   . GLU A 1 7  ? 3.415   2.034  3.907   1.00 0.00 ? 7  GLU A CB   1 
ATOM 112  C CG   . GLU A 1 7  ? 3.027   2.124  5.420   1.00 0.00 ? 7  GLU A CG   1 
ATOM 113  C CD   . GLU A 1 7  ? 1.557   2.346  5.783   1.00 0.00 ? 7  GLU A CD   1 
ATOM 114  O OE1  . GLU A 1 7  ? 0.779   1.240  5.616   1.00 0.00 ? 7  GLU A OE1  1 
ATOM 115  O OE2  . GLU A 1 7  ? 1.124   3.417  6.184   1.00 0.00 ? 7  GLU A OE2  1 
ATOM 116  H H    . GLU A 1 7  ? 4.707   -0.181 3.514   1.00 0.00 ? 7  GLU A H    1 
ATOM 117  H HA   . GLU A 1 7  ? 1.838   0.560  3.544   1.00 0.00 ? 7  GLU A HA   1 
ATOM 118  H HB2  . GLU A 1 7  ? 4.518   1.976  3.831   1.00 0.00 ? 7  GLU A HB2  1 
ATOM 119  H HB3  . GLU A 1 7  ? 3.159   2.990  3.412   1.00 0.00 ? 7  GLU A HB3  1 
ATOM 120  H HG2  . GLU A 1 7  ? 3.348   1.203  5.941   1.00 0.00 ? 7  GLU A HG2  1 
ATOM 121  H HG3  . GLU A 1 7  ? 3.603   2.930  5.913   1.00 0.00 ? 7  GLU A HG3  1 
ATOM 122  N N    . PHE A 1 8  ? 3.424   1.006  0.758   1.00 0.00 ? 8  PHE A N    1 
ATOM 123  C CA   . PHE A 1 8  ? 3.296   1.433  -0.634  1.00 0.00 ? 8  PHE A CA   1 
ATOM 124  C C    . PHE A 1 8  ? 2.222   0.648  -1.348  1.00 0.00 ? 8  PHE A C    1 
ATOM 125  O O    . PHE A 1 8  ? 1.455   1.173  -2.166  1.00 0.00 ? 8  PHE A O    1 
ATOM 126  C CB   . PHE A 1 8  ? 4.649   1.218  -1.381  1.00 0.00 ? 8  PHE A CB   1 
ATOM 127  C CG   . PHE A 1 8  ? 4.716   1.708  -2.836  1.00 0.00 ? 8  PHE A CG   1 
ATOM 128  C CD1  . PHE A 1 8  ? 4.096   0.959  -3.844  1.00 0.00 ? 8  PHE A CD1  1 
ATOM 129  C CD2  . PHE A 1 8  ? 5.438   2.854  -3.175  1.00 0.00 ? 8  PHE A CD2  1 
ATOM 130  C CE1  . PHE A 1 8  ? 4.190   1.359  -5.173  1.00 0.00 ? 8  PHE A CE1  1 
ATOM 131  C CE2  . PHE A 1 8  ? 5.531   3.253  -4.506  1.00 0.00 ? 8  PHE A CE2  1 
ATOM 132  C CZ   . PHE A 1 8  ? 4.905   2.508  -5.503  1.00 0.00 ? 8  PHE A CZ   1 
ATOM 133  H H    . PHE A 1 8  ? 4.280   0.478  1.104   1.00 0.00 ? 8  PHE A H    1 
ATOM 134  H HA   . PHE A 1 8  ? 3.022   2.503  -0.654  1.00 0.00 ? 8  PHE A HA   1 
ATOM 135  H HB2  . PHE A 1 8  ? 5.467   1.692  -0.798  1.00 0.00 ? 8  PHE A HB2  1 
ATOM 136  H HB3  . PHE A 1 8  ? 4.910   0.142  -1.361  1.00 0.00 ? 8  PHE A HB3  1 
ATOM 137  H HD1  . PHE A 1 8  ? 3.569   0.047  -3.599  1.00 0.00 ? 8  PHE A HD1  1 
ATOM 138  H HD2  . PHE A 1 8  ? 5.941   3.428  -2.409  1.00 0.00 ? 8  PHE A HD2  1 
ATOM 139  H HE1  . PHE A 1 8  ? 3.694   0.784  -5.942  1.00 0.00 ? 8  PHE A HE1  1 
ATOM 140  H HE2  . PHE A 1 8  ? 6.086   4.143  -4.763  1.00 0.00 ? 8  PHE A HE2  1 
ATOM 141  H HZ   . PHE A 1 8  ? 4.972   2.820  -6.535  1.00 0.00 ? 8  PHE A HZ   1 
ATOM 142  N N    . GLY A 1 9  ? 2.169   -0.643 -1.068  1.00 0.00 ? 9  GLY A N    1 
ATOM 143  C CA   . GLY A 1 9  ? 1.150   -1.520 -1.634  1.00 0.00 ? 9  GLY A CA   1 
ATOM 144  C C    . GLY A 1 9  ? -0.229  -1.240 -1.086  1.00 0.00 ? 9  GLY A C    1 
ATOM 145  O O    . GLY A 1 9  ? -1.247  -1.677 -1.653  1.00 0.00 ? 9  GLY A O    1 
ATOM 146  H H    . GLY A 1 9  ? 2.944   -1.012 -0.439  1.00 0.00 ? 9  GLY A H    1 
ATOM 147  H HA2  . GLY A 1 9  ? 1.129   -1.401 -2.737  1.00 0.00 ? 9  GLY A HA2  1 
ATOM 148  H HA3  . GLY A 1 9  ? 1.404   -2.580 -1.438  1.00 0.00 ? 9  GLY A HA3  1 
ATOM 149  N N    . ASN A 1 10 ? -0.309  -0.544 0.031   1.00 0.00 ? 10 ASN A N    1 
ATOM 150  C CA   . ASN A 1 10 ? -1.586  -0.108 0.593   1.00 0.00 ? 10 ASN A CA   1 
ATOM 151  C C    . ASN A 1 10 ? -2.152  1.091  -0.131  1.00 0.00 ? 10 ASN A C    1 
ATOM 152  O O    . ASN A 1 10 ? -3.354  1.398  -0.038  1.00 0.00 ? 10 ASN A O    1 
ATOM 153  C CB   . ASN A 1 10 ? -1.385  0.214  2.105   1.00 0.00 ? 10 ASN A CB   1 
ATOM 154  C CG   . ASN A 1 10 ? -2.642  0.485  2.937   1.00 0.00 ? 10 ASN A CG   1 
ATOM 155  O OD1  . ASN A 1 10 ? -2.624  1.187  3.937   1.00 0.00 ? 10 ASN A OD1  1 
ATOM 156  N ND2  . ASN A 1 10 ? -3.772  -0.052 2.563   1.00 0.00 ? 10 ASN A ND2  1 
ATOM 157  H H    . ASN A 1 10 ? 0.612   -0.357 0.530   1.00 0.00 ? 10 ASN A H    1 
ATOM 158  H HA   . ASN A 1 10 ? -2.317  -0.931 0.470   1.00 0.00 ? 10 ASN A HA   1 
ATOM 159  H HB2  . ASN A 1 10 ? -0.854  -0.632 2.587   1.00 0.00 ? 10 ASN A HB2  1 
ATOM 160  H HB3  . ASN A 1 10 ? -0.694  1.068  2.222   1.00 0.00 ? 10 ASN A HB3  1 
ATOM 161  H HD21 . ASN A 1 10 ? -3.773  -0.567 1.683   1.00 0.00 ? 10 ASN A HD21 1 
ATOM 162  H HD22 . ASN A 1 10 ? -4.562  0.258  3.136   1.00 0.00 ? 10 ASN A HD22 1 
ATOM 163  N N    . THR A 1 11 ? -1.310  1.814  -0.841  1.00 0.00 ? 11 THR A N    1 
ATOM 164  C CA   . THR A 1 11 ? -1.744  2.916  -1.696  1.00 0.00 ? 11 THR A CA   1 
ATOM 165  C C    . THR A 1 11 ? -2.339  2.387  -2.982  1.00 0.00 ? 11 THR A C    1 
ATOM 166  O O    . THR A 1 11 ? -3.416  2.797  -3.434  1.00 0.00 ? 11 THR A O    1 
ATOM 167  C CB   . THR A 1 11 ? -0.541  3.867  -2.007  1.00 0.00 ? 11 THR A CB   1 
ATOM 168  O OG1  . THR A 1 11 ? -0.427  4.881  -1.018  1.00 0.00 ? 11 THR A OG1  1 
ATOM 169  C CG2  . THR A 1 11 ? -0.610  4.641  -3.344  1.00 0.00 ? 11 THR A CG2  1 
ATOM 170  H H    . THR A 1 11 ? -0.278  1.570  -0.729  1.00 0.00 ? 11 THR A H    1 
ATOM 171  H HA   . THR A 1 11 ? -2.533  3.489  -1.176  1.00 0.00 ? 11 THR A HA   1 
ATOM 172  H HB   . THR A 1 11 ? 0.391   3.259  -2.007  1.00 0.00 ? 11 THR A HB   1 
ATOM 173  H HG1  . THR A 1 11 ? 0.368   5.378  -1.233  1.00 0.00 ? 11 THR A HG1  1 
ATOM 174  H HG21 . THR A 1 11 ? -1.517  5.272  -3.405  1.00 0.00 ? 11 THR A HG21 1 
ATOM 175  H HG22 . THR A 1 11 ? 0.262   5.303  -3.487  1.00 0.00 ? 11 THR A HG22 1 
ATOM 176  H HG23 . THR A 1 11 ? -0.622  3.967  -4.221  1.00 0.00 ? 11 THR A HG23 1 
ATOM 177  N N    . LEU A 1 12 ? -1.618  1.475  -3.609  1.00 0.00 ? 12 LEU A N    1 
ATOM 178  C CA   . LEU A 1 12 ? -2.092  0.790  -4.810  1.00 0.00 ? 12 LEU A CA   1 
ATOM 179  C C    . LEU A 1 12 ? -3.458  0.175  -4.609  1.00 0.00 ? 12 LEU A C    1 
ATOM 180  O O    . LEU A 1 12 ? -4.363  0.309  -5.447  1.00 0.00 ? 12 LEU A O    1 
ATOM 181  C CB   . LEU A 1 12 ? -1.064  -0.296 -5.249  1.00 0.00 ? 12 LEU A CB   1 
ATOM 182  C CG   . LEU A 1 12 ? -1.387  -1.143 -6.508  1.00 0.00 ? 12 LEU A CG   1 
ATOM 183  C CD1  . LEU A 1 12 ? -0.123  -1.632 -7.235  1.00 0.00 ? 12 LEU A CD1  1 
ATOM 184  C CD2  . LEU A 1 12 ? -2.262  -2.345 -6.128  1.00 0.00 ? 12 LEU A CD2  1 
ATOM 185  H H    . LEU A 1 12 ? -0.642  1.298  -3.208  1.00 0.00 ? 12 LEU A H    1 
ATOM 186  H HA   . LEU A 1 12 ? -2.210  1.541  -5.613  1.00 0.00 ? 12 LEU A HA   1 
ATOM 187  H HB2  . LEU A 1 12 ? -0.078  0.188  -5.402  1.00 0.00 ? 12 LEU A HB2  1 
ATOM 188  H HB3  . LEU A 1 12 ? -0.902  -0.982 -4.393  1.00 0.00 ? 12 LEU A HB3  1 
ATOM 189  H HG   . LEU A 1 12 ? -1.967  -0.509 -7.211  1.00 0.00 ? 12 LEU A HG   1 
ATOM 190  H HD11 . LEU A 1 12 ? 0.586   -0.803 -7.409  1.00 0.00 ? 12 LEU A HD11 1 
ATOM 191  H HD12 . LEU A 1 12 ? 0.428   -2.387 -6.644  1.00 0.00 ? 12 LEU A HD12 1 
ATOM 192  H HD13 . LEU A 1 12 ? -0.353  -2.080 -8.220  1.00 0.00 ? 12 LEU A HD13 1 
ATOM 193  H HD21 . LEU A 1 12 ? -3.163  -2.037 -5.563  1.00 0.00 ? 12 LEU A HD21 1 
ATOM 194  H HD22 . LEU A 1 12 ? -2.610  -2.909 -7.014  1.00 0.00 ? 12 LEU A HD22 1 
ATOM 195  H HD23 . LEU A 1 12 ? -1.716  -3.059 -5.482  1.00 0.00 ? 12 LEU A HD23 1 
ATOM 196  N N    . GLU A 1 13 ? -3.627  -0.529 -3.507  1.00 0.00 ? 13 GLU A N    1 
ATOM 197  C CA   . GLU A 1 13 ? -4.890  -1.199 -3.202  1.00 0.00 ? 13 GLU A CA   1 
ATOM 198  C C    . GLU A 1 13 ? -5.997  -0.186 -3.022  1.00 0.00 ? 13 GLU A C    1 
ATOM 199  O O    . GLU A 1 13 ? -7.063  -0.244 -3.650  1.00 0.00 ? 13 GLU A O    1 
ATOM 200  C CB   . GLU A 1 13 ? -4.696  -2.057 -1.920  1.00 0.00 ? 13 GLU A CB   1 
ATOM 201  C CG   . GLU A 1 13 ? -3.957  -3.426 -2.083  1.00 0.00 ? 13 GLU A CG   1 
ATOM 202  C CD   . GLU A 1 13 ? -2.914  -3.821 -1.034  1.00 0.00 ? 13 GLU A CD   1 
ATOM 203  O OE1  . GLU A 1 13 ? -3.023  -3.545 0.152   1.00 0.00 ? 13 GLU A OE1  1 
ATOM 204  O OE2  . GLU A 1 13 ? -1.855  -4.508 -1.547  1.00 0.00 ? 13 GLU A OE2  1 
ATOM 205  H H    . GLU A 1 13 ? -2.806  -0.546 -2.833  1.00 0.00 ? 13 GLU A H    1 
ATOM 206  H HA   . GLU A 1 13 ? -5.159  -1.856 -4.050  1.00 0.00 ? 13 GLU A HA   1 
ATOM 207  H HB2  . GLU A 1 13 ? -4.153  -1.454 -1.168  1.00 0.00 ? 13 GLU A HB2  1 
ATOM 208  H HB3  . GLU A 1 13 ? -5.687  -2.236 -1.460  1.00 0.00 ? 13 GLU A HB3  1 
ATOM 209  H HG2  . GLU A 1 13 ? -4.699  -4.246 -2.115  1.00 0.00 ? 13 GLU A HG2  1 
ATOM 210  H HG3  . GLU A 1 13 ? -3.457  -3.473 -3.069  1.00 0.00 ? 13 GLU A HG3  1 
ATOM 211  N N    . ASP A 1 14 ? -5.765  0.763  -2.132  1.00 0.00 ? 14 ASP A N    1 
ATOM 212  C CA   . ASP A 1 14 ? -6.667  1.890  -1.928  1.00 0.00 ? 14 ASP A CA   1 
ATOM 213  C C    . ASP A 1 14 ? -7.097  2.516  -3.235  1.00 0.00 ? 14 ASP A C    1 
ATOM 214  O O    . ASP A 1 14 ? -8.171  3.142  -3.325  1.00 0.00 ? 14 ASP A O    1 
ATOM 215  C CB   . ASP A 1 14 ? -6.010  2.929  -0.973  1.00 0.00 ? 14 ASP A CB   1 
ATOM 216  C CG   . ASP A 1 14 ? -6.495  2.933  0.483   1.00 0.00 ? 14 ASP A CG   1 
ATOM 217  O OD1  . ASP A 1 14 ? -6.915  1.935  1.051   1.00 0.00 ? 14 ASP A OD1  1 
ATOM 218  O OD2  . ASP A 1 14 ? -6.429  4.172  1.060   1.00 0.00 ? 14 ASP A OD2  1 
ATOM 219  H H    . ASP A 1 14 ? -4.888  0.629  -1.536  1.00 0.00 ? 14 ASP A H    1 
ATOM 220  H HA   . ASP A 1 14 ? -7.586  1.502  -1.454  1.00 0.00 ? 14 ASP A HA   1 
ATOM 221  H HB2  . ASP A 1 14 ? -4.914  2.812  -0.957  1.00 0.00 ? 14 ASP A HB2  1 
ATOM 222  H HB3  . ASP A 1 14 ? -6.188  3.939  -1.385  1.00 0.00 ? 14 ASP A HB3  1 
ATOM 223  N N    . LYS A 1 15 ? -6.293  2.373  -4.271  1.00 0.00 ? 15 LYS A N    1 
ATOM 224  C CA   . LYS A 1 15 ? -6.612  2.938  -5.580  1.00 0.00 ? 15 LYS A CA   1 
ATOM 225  C C    . LYS A 1 15 ? -7.954  2.449  -6.071  1.00 0.00 ? 15 LYS A C    1 
ATOM 226  O O    . LYS A 1 15 ? -8.853  3.235  -6.411  1.00 0.00 ? 15 LYS A O    1 
ATOM 227  C CB   . LYS A 1 15 ? -5.488  2.581  -6.590  1.00 0.00 ? 15 LYS A CB   1 
ATOM 228  C CG   . LYS A 1 15 ? -4.554  3.774  -6.918  1.00 0.00 ? 15 LYS A CG   1 
ATOM 229  C CD   . LYS A 1 15 ? -4.618  4.266  -8.366  1.00 0.00 ? 15 LYS A CD   1 
ATOM 230  C CE   . LYS A 1 15 ? -3.303  4.975  -8.719  1.00 0.00 ? 15 LYS A CE   1 
ATOM 231  N NZ   . LYS A 1 15 ? -3.440  6.419  -8.458  1.00 0.00 ? 15 LYS A NZ   1 
ATOM 232  H H    . LYS A 1 15 ? -5.383  1.855  -4.086  1.00 0.00 ? 15 LYS A H    1 
ATOM 233  H HA   . LYS A 1 15 ? -6.679  4.037  -5.476  1.00 0.00 ? 15 LYS A HA   1 
ATOM 234  H HB2  . LYS A 1 15 ? -4.881  1.745  -6.193  1.00 0.00 ? 15 LYS A HB2  1 
ATOM 235  H HB3  . LYS A 1 15 ? -5.938  2.189  -7.526  1.00 0.00 ? 15 LYS A HB3  1 
ATOM 236  H HG2  . LYS A 1 15 ? -4.807  4.644  -6.281  1.00 0.00 ? 15 LYS A HG2  1 
ATOM 237  H HG3  . LYS A 1 15 ? -3.510  3.511  -6.655  1.00 0.00 ? 15 LYS A HG3  1 
ATOM 238  H HD2  . LYS A 1 15 ? -4.813  3.412  -9.044  1.00 0.00 ? 15 LYS A HD2  1 
ATOM 239  H HD3  . LYS A 1 15 ? -5.473  4.962  -8.488  1.00 0.00 ? 15 LYS A HD3  1 
ATOM 240  H HE2  . LYS A 1 15 ? -2.464  4.552  -8.129  1.00 0.00 ? 15 LYS A HE2  1 
ATOM 241  H HE3  . LYS A 1 15 ? -3.036  4.814  -9.784  1.00 0.00 ? 15 LYS A HE3  1 
ATOM 242  H HZ1  . LYS A 1 15 ? -4.180  6.574  -7.759  1.00 0.00 ? 15 LYS A HZ1  1 
ATOM 243  H HZ2  . LYS A 1 15 ? -2.547  6.789  -8.100  1.00 0.00 ? 15 LYS A HZ2  1 
ATOM 244  H HZ3  . LYS A 1 15 ? -3.685  6.905  -9.332  1.00 0.00 ? 15 LYS A HZ3  1 
ATOM 245  N N    . ALA A 1 16 ? -8.112  1.140  -6.137  1.00 0.00 ? 16 ALA A N    1 
ATOM 246  C CA   . ALA A 1 16 ? -9.342  0.537  -6.643  1.00 0.00 ? 16 ALA A CA   1 
ATOM 247  C C    . ALA A 1 16 ? -9.749  -0.670 -5.828  1.00 0.00 ? 16 ALA A C    1 
ATOM 248  O O    . ALA A 1 16 ? -10.123 -1.727 -6.354  1.00 0.00 ? 16 ALA A O    1 
ATOM 249  C CB   . ALA A 1 16 ? -9.116  0.199  -8.128  1.00 0.00 ? 16 ALA A CB   1 
ATOM 250  H H    . ALA A 1 16 ? -7.308  0.551  -5.770  1.00 0.00 ? 16 ALA A H    1 
ATOM 251  H HA   . ALA A 1 16 ? -10.155 1.280  -6.549  1.00 0.00 ? 16 ALA A HA   1 
ATOM 252  H HB1  . ALA A 1 16 ? -8.858  1.100  -8.718  1.00 0.00 ? 16 ALA A HB1  1 
ATOM 253  H HB2  . ALA A 1 16 ? -8.293  -0.527 -8.271  1.00 0.00 ? 16 ALA A HB2  1 
ATOM 254  H HB3  . ALA A 1 16 ? -10.019 -0.236 -8.594  1.00 0.00 ? 16 ALA A HB3  1 
ATOM 255  N N    . ARG A 1 17 ? -9.683  -0.526 -4.514  1.00 0.00 ? 17 ARG A N    1 
ATOM 256  C CA   . ARG A 1 17 ? -10.163 -1.567 -3.607  1.00 0.00 ? 17 ARG A CA   1 
ATOM 257  C C    . ARG A 1 17 ? -11.607 -1.325 -3.231  1.00 0.00 ? 17 ARG A C    1 
ATOM 258  O O    . ARG A 1 17 ? -12.452 -2.231 -3.263  1.00 0.00 ? 17 ARG A O    1 
ATOM 259  C CB   . ARG A 1 17 ? -9.261  -1.639 -2.343  1.00 0.00 ? 17 ARG A CB   1 
ATOM 260  C CG   . ARG A 1 17 ? -9.742  -2.643 -1.259  1.00 0.00 ? 17 ARG A CG   1 
ATOM 261  C CD   . ARG A 1 17 ? -9.362  -2.198 0.160   1.00 0.00 ? 17 ARG A CD   1 
ATOM 262  N NE   . ARG A 1 17 ? -8.853  -3.378 0.903   1.00 0.00 ? 17 ARG A NE   1 
ATOM 263  C CZ   . ARG A 1 17 ? -9.522  -4.053 1.827   1.00 0.00 ? 17 ARG A CZ   1 
ATOM 264  N NH1  . ARG A 1 17 ? -10.733 -3.771 2.209   1.00 0.00 ? 17 ARG A NH1  1 
ATOM 265  N NH2  . ARG A 1 17 ? -8.929  -5.052 2.378   1.00 0.00 ? 17 ARG A NH2  1 
ATOM 266  H H    . ARG A 1 17 ? -9.228  0.370  -4.172  1.00 0.00 ? 17 ARG A H    1 
ATOM 267  H HA   . ARG A 1 17 ? -10.112 -2.528 -4.149  1.00 0.00 ? 17 ARG A HA   1 
ATOM 268  H HB2  . ARG A 1 17 ? -8.230  -1.919 -2.636  1.00 0.00 ? 17 ARG A HB2  1 
ATOM 269  H HB3  . ARG A 1 17 ? -9.158  -0.631 -1.889  1.00 0.00 ? 17 ARG A HB3  1 
ATOM 270  H HG2  . ARG A 1 17 ? -10.842 -2.774 -1.300  1.00 0.00 ? 17 ARG A HG2  1 
ATOM 271  H HG3  . ARG A 1 17 ? -9.321  -3.648 -1.456  1.00 0.00 ? 17 ARG A HG3  1 
ATOM 272  H HD2  . ARG A 1 17 ? -8.590  -1.402 0.120   1.00 0.00 ? 17 ARG A HD2  1 
ATOM 273  H HD3  . ARG A 1 17 ? -10.244 -1.766 0.677   1.00 0.00 ? 17 ARG A HD3  1 
ATOM 274  H HE   . ARG A 1 17 ? -7.899  -3.700 0.682   1.00 0.00 ? 17 ARG A HE   1 
ATOM 275  H HH11 . ARG A 1 17 ? -11.127 -2.964 1.725   1.00 0.00 ? 17 ARG A HH11 1 
ATOM 276  H HH12 . ARG A 1 17 ? -11.143 -4.363 2.928   1.00 0.00 ? 17 ARG A HH12 1 
ATOM 277  H HH21 . ARG A 1 17 ? -7.987  -5.188 2.008   1.00 0.00 ? 17 ARG A HH21 1 
ATOM 278  H HH22 . ARG A 1 17 ? -9.438  -5.577 3.086   1.00 0.00 ? 17 ARG A HH22 1 
ATOM 279  N N    . GLU A 1 18 ? -11.916 -0.088 -2.894  1.00 0.00 ? 18 GLU A N    1 
ATOM 280  C CA   . GLU A 1 18 ? -13.236 0.299  -2.399  1.00 0.00 ? 18 GLU A CA   1 
ATOM 281  C C    . GLU A 1 18 ? -13.782 -0.718 -1.423  1.00 0.00 ? 18 GLU A C    1 
ATOM 282  O O    . GLU A 1 18 ? -15.015 -1.019 -1.374  1.00 0.00 ? 18 GLU A O    1 
ATOM 283  C CB   . GLU A 1 18 ? -14.190 0.489  -3.613  1.00 0.00 ? 18 GLU A CB   1 
ATOM 284  C CG   . GLU A 1 18 ? -13.834 -0.245 -4.949  1.00 0.00 ? 18 GLU A CG   1 
ATOM 285  C CD   . GLU A 1 18 ? -14.392 -1.652 -5.178  1.00 0.00 ? 18 GLU A CD   1 
ATOM 286  O OE1  . GLU A 1 18 ? -15.408 -2.061 -4.632  1.00 0.00 ? 18 GLU A OE1  1 
ATOM 287  O OE2  . GLU A 1 18 ? -13.653 -2.402 -6.040  1.00 0.00 ? 18 GLU A OE2  1 
ATOM 288  O OXT  . GLU A 1 18 ? -12.928 -1.258 -0.650  1.00 0.00 ? 18 GLU A OXT  1 
ATOM 289  H H    . GLU A 1 18 ? -11.144 0.637  -3.038  1.00 0.00 ? 18 GLU A H    1 
ATOM 290  H HA   . GLU A 1 18 ? -13.137 1.259  -1.857  1.00 0.00 ? 18 GLU A HA   1 
ATOM 291  H HB2  . GLU A 1 18 ? -15.211 0.184  -3.312  1.00 0.00 ? 18 GLU A HB2  1 
ATOM 292  H HB3  . GLU A 1 18 ? -14.283 1.575  -3.818  1.00 0.00 ? 18 GLU A HB3  1 
ATOM 293  H HG2  . GLU A 1 18 ? -14.161 0.368  -5.815  1.00 0.00 ? 18 GLU A HG2  1 
ATOM 294  H HG3  . GLU A 1 18 ? -12.737 -0.308 -5.068  1.00 0.00 ? 18 GLU A HG3  1 
ATOM 295  N N    . ALA A 1 1  ? 9.766   -4.207 10.031  1.00 0.00 ? 1  ALA A N    2 
ATOM 296  C CA   . ALA A 1 1  ? 10.656  -3.639 9.023   1.00 0.00 ? 1  ALA A CA   2 
ATOM 297  C C    . ALA A 1 1  ? 10.029  -3.695 7.649   1.00 0.00 ? 1  ALA A C    2 
ATOM 298  O O    . ALA A 1 1  ? 8.919   -4.210 7.452   1.00 0.00 ? 1  ALA A O    2 
ATOM 299  C CB   . ALA A 1 1  ? 11.991  -4.400 9.098   1.00 0.00 ? 1  ALA A CB   2 
ATOM 300  H H1   . ALA A 1 1  ? 9.284   -5.029 9.641   1.00 0.00 ? 1  ALA A H1   2 
ATOM 301  H H2   . ALA A 1 1  ? 10.316  -4.490 10.854  1.00 0.00 ? 1  ALA A H2   2 
ATOM 302  H H3   . ALA A 1 1  ? 9.069   -3.501 10.310  1.00 0.00 ? 1  ALA A H3   2 
ATOM 303  H HA   . ALA A 1 1  ? 10.826  -2.572 9.262   1.00 0.00 ? 1  ALA A HA   2 
ATOM 304  H HB1  . ALA A 1 1  ? 12.455  -4.316 10.100  1.00 0.00 ? 1  ALA A HB1  2 
ATOM 305  H HB2  . ALA A 1 1  ? 11.867  -5.480 8.888   1.00 0.00 ? 1  ALA A HB2  2 
ATOM 306  H HB3  . ALA A 1 1  ? 12.729  -4.010 8.373   1.00 0.00 ? 1  ALA A HB3  2 
ATOM 307  N N    . LEU A 1 2  ? 10.726  -3.142 6.674   1.00 0.00 ? 2  LEU A N    2 
ATOM 308  C CA   . LEU A 1 2  ? 10.204  -3.022 5.314   1.00 0.00 ? 2  LEU A CA   2 
ATOM 309  C C    . LEU A 1 2  ? 8.835   -2.379 5.327   1.00 0.00 ? 2  LEU A C    2 
ATOM 310  O O    . LEU A 1 2  ? 7.921   -2.729 4.570   1.00 0.00 ? 2  LEU A O    2 
ATOM 311  C CB   . LEU A 1 2  ? 10.191  -4.410 4.615   1.00 0.00 ? 2  LEU A CB   2 
ATOM 312  C CG   . LEU A 1 2  ? 11.506  -5.238 4.630   1.00 0.00 ? 2  LEU A CG   2 
ATOM 313  C CD1  . LEU A 1 2  ? 11.286  -6.568 5.364   1.00 0.00 ? 2  LEU A CD1  2 
ATOM 314  C CD2  . LEU A 1 2  ? 12.056  -5.510 3.220   1.00 0.00 ? 2  LEU A CD2  2 
ATOM 315  H H    . LEU A 1 2  ? 11.678  -2.753 6.943   1.00 0.00 ? 2  LEU A H    2 
ATOM 316  H HA   . LEU A 1 2  ? 10.859  -2.331 4.752   1.00 0.00 ? 2  LEU A HA   2 
ATOM 317  H HB2  . LEU A 1 2  ? 9.389   -5.030 5.063   1.00 0.00 ? 2  LEU A HB2  2 
ATOM 318  H HB3  . LEU A 1 2  ? 9.878   -4.273 3.561   1.00 0.00 ? 2  LEU A HB3  2 
ATOM 319  H HG   . LEU A 1 2  ? 12.272  -4.661 5.195   1.00 0.00 ? 2  LEU A HG   2 
ATOM 320  H HD11 . LEU A 1 2  ? 10.930  -6.412 6.400   1.00 0.00 ? 2  LEU A HD11 2 
ATOM 321  H HD12 . LEU A 1 2  ? 10.542  -7.209 4.857   1.00 0.00 ? 2  LEU A HD12 2 
ATOM 322  H HD13 . LEU A 1 2  ? 12.223  -7.152 5.438   1.00 0.00 ? 2  LEU A HD13 2 
ATOM 323  H HD21 . LEU A 1 2  ? 11.318  -6.018 2.573   1.00 0.00 ? 2  LEU A HD21 2 
ATOM 324  H HD22 . LEU A 1 2  ? 12.344  -4.569 2.714   1.00 0.00 ? 2  LEU A HD22 2 
ATOM 325  H HD23 . LEU A 1 2  ? 12.968  -6.134 3.245   1.00 0.00 ? 2  LEU A HD23 2 
ATOM 326  N N    . ASP A 1 3  ? 8.685   -1.392 6.196   1.00 0.00 ? 3  ASP A N    2 
ATOM 327  C CA   . ASP A 1 3  ? 7.407   -0.715 6.396   1.00 0.00 ? 3  ASP A CA   2 
ATOM 328  C C    . ASP A 1 3  ? 7.163   0.378  5.383   1.00 0.00 ? 3  ASP A C    2 
ATOM 329  O O    . ASP A 1 3  ? 6.031   0.883  5.242   1.00 0.00 ? 3  ASP A O    2 
ATOM 330  C CB   . ASP A 1 3  ? 7.324   -0.168 7.850   1.00 0.00 ? 3  ASP A CB   2 
ATOM 331  C CG   . ASP A 1 3  ? 6.145   -0.660 8.702   1.00 0.00 ? 3  ASP A CG   2 
ATOM 332  O OD1  . ASP A 1 3  ? 4.948   -0.583 8.046   1.00 0.00 ? 3  ASP A OD1  2 
ATOM 333  O OD2  . ASP A 1 3  ? 6.276   -1.084 9.841   1.00 0.00 ? 3  ASP A OD2  2 
ATOM 334  H H    . ASP A 1 3  ? 9.564   -1.102 6.727   1.00 0.00 ? 3  ASP A H    2 
ATOM 335  H HA   . ASP A 1 3  ? 6.621   -1.477 6.231   1.00 0.00 ? 3  ASP A HA   2 
ATOM 336  H HB2  . ASP A 1 3  ? 8.250   -0.387 8.408   1.00 0.00 ? 3  ASP A HB2  2 
ATOM 337  H HB3  . ASP A 1 3  ? 7.270   0.937  7.820   1.00 0.00 ? 3  ASP A HB3  2 
ATOM 338  N N    . LYS A 1 4  ? 8.192   0.791  4.669   1.00 0.00 ? 4  LYS A N    2 
ATOM 339  C CA   . LYS A 1 4  ? 8.044   1.764  3.589   1.00 0.00 ? 4  LYS A CA   2 
ATOM 340  C C    . LYS A 1 4  ? 7.484   1.111  2.348   1.00 0.00 ? 4  LYS A C    2 
ATOM 341  O O    . LYS A 1 4  ? 6.739   1.718  1.565   1.00 0.00 ? 4  LYS A O    2 
ATOM 342  C CB   . LYS A 1 4  ? 9.422   2.421  3.298   1.00 0.00 ? 4  LYS A CB   2 
ATOM 343  C CG   . LYS A 1 4  ? 9.609   3.795  3.988   1.00 0.00 ? 4  LYS A CG   2 
ATOM 344  C CD   . LYS A 1 4  ? 9.735   4.984  3.032   1.00 0.00 ? 4  LYS A CD   2 
ATOM 345  C CE   . LYS A 1 4  ? 8.333   5.451  2.618   1.00 0.00 ? 4  LYS A CE   2 
ATOM 346  N NZ   . LYS A 1 4  ? 8.333   6.914  2.453   1.00 0.00 ? 4  LYS A NZ   2 
ATOM 347  H H    . LYS A 1 4  ? 9.130   0.350  4.899   1.00 0.00 ? 4  LYS A H    2 
ATOM 348  H HA   . LYS A 1 4  ? 7.326   2.540  3.912   1.00 0.00 ? 4  LYS A HA   2 
ATOM 349  H HB2  . LYS A 1 4  ? 10.235  1.740  3.621   1.00 0.00 ? 4  LYS A HB2  2 
ATOM 350  H HB3  . LYS A 1 4  ? 9.559   2.528  2.202   1.00 0.00 ? 4  LYS A HB3  2 
ATOM 351  H HG2  . LYS A 1 4  ? 8.746   4.013  4.645   1.00 0.00 ? 4  LYS A HG2  2 
ATOM 352  H HG3  . LYS A 1 4  ? 10.490  3.756  4.661   1.00 0.00 ? 4  LYS A HG3  2 
ATOM 353  H HD2  . LYS A 1 4  ? 10.304  5.799  3.521   1.00 0.00 ? 4  LYS A HD2  2 
ATOM 354  H HD3  . LYS A 1 4  ? 10.320  4.687  2.139   1.00 0.00 ? 4  LYS A HD3  2 
ATOM 355  H HE2  . LYS A 1 4  ? 8.022   4.953  1.676   1.00 0.00 ? 4  LYS A HE2  2 
ATOM 356  H HE3  . LYS A 1 4  ? 7.575   5.162  3.376   1.00 0.00 ? 4  LYS A HE3  2 
ATOM 357  H HZ1  . LYS A 1 4  ? 9.278   7.231  2.193   1.00 0.00 ? 4  LYS A HZ1  2 
ATOM 358  H HZ2  . LYS A 1 4  ? 7.667   7.177  1.711   1.00 0.00 ? 4  LYS A HZ2  2 
ATOM 359  H HZ3  . LYS A 1 4  ? 8.053   7.361  3.338   1.00 0.00 ? 4  LYS A HZ3  2 
ATOM 360  N N    . LEU A 1 5  ? 7.824   -0.150 2.156   1.00 0.00 ? 5  LEU A N    2 
ATOM 361  C CA   . LEU A 1 5  ? 7.323   -0.921 1.023   1.00 0.00 ? 5  LEU A CA   2 
ATOM 362  C C    . LEU A 1 5  ? 5.899   -1.369 1.257   1.00 0.00 ? 5  LEU A C    2 
ATOM 363  O O    . LEU A 1 5  ? 5.066   -1.413 0.339   1.00 0.00 ? 5  LEU A O    2 
ATOM 364  C CB   . LEU A 1 5  ? 8.248   -2.140 0.739   1.00 0.00 ? 5  LEU A CB   2 
ATOM 365  C CG   . LEU A 1 5  ? 9.323   -1.997 -0.372  1.00 0.00 ? 5  LEU A CG   2 
ATOM 366  C CD1  . LEU A 1 5  ? 8.708   -1.349 -1.620  1.00 0.00 ? 5  LEU A CD1  2 
ATOM 367  C CD2  . LEU A 1 5  ? 10.545  -1.186 0.084   1.00 0.00 ? 5  LEU A CD2  2 
ATOM 368  H H    . LEU A 1 5  ? 8.513   -0.559 2.857   1.00 0.00 ? 5  LEU A H    2 
ATOM 369  H HA   . LEU A 1 5  ? 7.297   -0.263 0.136   1.00 0.00 ? 5  LEU A HA   2 
ATOM 370  H HB2  . LEU A 1 5  ? 8.762   -2.421 1.680   1.00 0.00 ? 5  LEU A HB2  2 
ATOM 371  H HB3  . LEU A 1 5  ? 7.613   -3.014 0.497   1.00 0.00 ? 5  LEU A HB3  2 
ATOM 372  H HG   . LEU A 1 5  ? 9.666   -3.015 -0.652  1.00 0.00 ? 5  LEU A HG   2 
ATOM 373  H HD11 . LEU A 1 5  ? 7.849   -1.929 -2.006  1.00 0.00 ? 5  LEU A HD11 2 
ATOM 374  H HD12 . LEU A 1 5  ? 8.346   -0.321 -1.425  1.00 0.00 ? 5  LEU A HD12 2 
ATOM 375  H HD13 . LEU A 1 5  ? 9.439   -1.284 -2.449  1.00 0.00 ? 5  LEU A HD13 2 
ATOM 376  H HD21 . LEU A 1 5  ? 10.269  -0.181 0.452   1.00 0.00 ? 5  LEU A HD21 2 
ATOM 377  H HD22 . LEU A 1 5  ? 11.084  -1.699 0.903   1.00 0.00 ? 5  LEU A HD22 2 
ATOM 378  H HD23 . LEU A 1 5  ? 11.282  -1.054 -0.730  1.00 0.00 ? 5  LEU A HD23 2 
ATOM 379  N N    . LYS A 1 6  ? 5.598   -1.727 2.491   1.00 0.00 ? 6  LYS A N    2 
ATOM 380  C CA   . LYS A 1 6  ? 4.280   -2.248 2.845   1.00 0.00 ? 6  LYS A CA   2 
ATOM 381  C C    . LYS A 1 6  ? 3.233   -1.161 2.796   1.00 0.00 ? 6  LYS A C    2 
ATOM 382  O O    . LYS A 1 6  ? 2.091   -1.367 2.362   1.00 0.00 ? 6  LYS A O    2 
ATOM 383  C CB   . LYS A 1 6  ? 4.348   -2.890 4.259   1.00 0.00 ? 6  LYS A CB   2 
ATOM 384  C CG   . LYS A 1 6  ? 5.355   -4.064 4.348   1.00 0.00 ? 6  LYS A CG   2 
ATOM 385  C CD   . LYS A 1 6  ? 5.940   -4.304 5.742   1.00 0.00 ? 6  LYS A CD   2 
ATOM 386  C CE   . LYS A 1 6  ? 5.369   -5.606 6.316   1.00 0.00 ? 6  LYS A CE   2 
ATOM 387  N NZ   . LYS A 1 6  ? 6.219   -6.067 7.427   1.00 0.00 ? 6  LYS A NZ   2 
ATOM 388  H H    . LYS A 1 6  ? 6.379   -1.646 3.209   1.00 0.00 ? 6  LYS A H    2 
ATOM 389  H HA   . LYS A 1 6  ? 3.997   -3.014 2.099   1.00 0.00 ? 6  LYS A HA   2 
ATOM 390  H HB2  . LYS A 1 6  ? 4.628   -2.119 5.004   1.00 0.00 ? 6  LYS A HB2  2 
ATOM 391  H HB3  . LYS A 1 6  ? 3.337   -3.229 4.565   1.00 0.00 ? 6  LYS A HB3  2 
ATOM 392  H HG2  . LYS A 1 6  ? 4.867   -5.009 4.043   1.00 0.00 ? 6  LYS A HG2  2 
ATOM 393  H HG3  . LYS A 1 6  ? 6.173   -3.906 3.616   1.00 0.00 ? 6  LYS A HG3  2 
ATOM 394  H HD2  . LYS A 1 6  ? 7.047   -4.339 5.683   1.00 0.00 ? 6  LYS A HD2  2 
ATOM 395  H HD3  . LYS A 1 6  ? 5.691   -3.451 6.406   1.00 0.00 ? 6  LYS A HD3  2 
ATOM 396  H HE2  . LYS A 1 6  ? 4.326   -5.452 6.664   1.00 0.00 ? 6  LYS A HE2  2 
ATOM 397  H HE3  . LYS A 1 6  ? 5.313   -6.397 5.538   1.00 0.00 ? 6  LYS A HE3  2 
ATOM 398  H HZ1  . LYS A 1 6  ? 7.207   -5.873 7.209   1.00 0.00 ? 6  LYS A HZ1  2 
ATOM 399  H HZ2  . LYS A 1 6  ? 5.955   -5.571 8.291   1.00 0.00 ? 6  LYS A HZ2  2 
ATOM 400  H HZ3  . LYS A 1 6  ? 6.091   -7.080 7.561   1.00 0.00 ? 6  LYS A HZ3  2 
ATOM 401  N N    . GLU A 1 7  ? 3.608   0.020  3.251   1.00 0.00 ? 7  GLU A N    2 
ATOM 402  C CA   . GLU A 1 7  ? 2.742   1.193  3.158   1.00 0.00 ? 7  GLU A CA   2 
ATOM 403  C C    . GLU A 1 7  ? 2.460   1.552  1.718   1.00 0.00 ? 7  GLU A C    2 
ATOM 404  O O    . GLU A 1 7  ? 1.422   2.146  1.386   1.00 0.00 ? 7  GLU A O    2 
ATOM 405  C CB   . GLU A 1 7  ? 3.426   2.369  3.909   1.00 0.00 ? 7  GLU A CB   2 
ATOM 406  C CG   . GLU A 1 7  ? 3.263   2.416  5.465   1.00 0.00 ? 7  GLU A CG   2 
ATOM 407  C CD   . GLU A 1 7  ? 1.967   2.989  6.043   1.00 0.00 ? 7  GLU A CD   2 
ATOM 408  O OE1  . GLU A 1 7  ? 0.949   2.324  6.184   1.00 0.00 ? 7  GLU A OE1  2 
ATOM 409  O OE2  . GLU A 1 7  ? 2.054   4.305  6.385   1.00 0.00 ? 7  GLU A OE2  2 
ATOM 410  H H    . GLU A 1 7  ? 4.592   0.074  3.651   1.00 0.00 ? 7  GLU A H    2 
ATOM 411  H HA   . GLU A 1 7  ? 1.776   0.958  3.640   1.00 0.00 ? 7  GLU A HA   2 
ATOM 412  H HB2  . GLU A 1 7  ? 4.508   2.361  3.672   1.00 0.00 ? 7  GLU A HB2  2 
ATOM 413  H HB3  . GLU A 1 7  ? 3.062   3.323  3.480   1.00 0.00 ? 7  GLU A HB3  2 
ATOM 414  H HG2  . GLU A 1 7  ? 3.375   1.397  5.881   1.00 0.00 ? 7  GLU A HG2  2 
ATOM 415  H HG3  . GLU A 1 7  ? 4.095   2.986  5.919   1.00 0.00 ? 7  GLU A HG3  2 
ATOM 416  N N    . PHE A 1 8  ? 3.381   1.219  0.834   1.00 0.00 ? 8  PHE A N    2 
ATOM 417  C CA   . PHE A 1 8  ? 3.281   1.606  -0.572  1.00 0.00 ? 8  PHE A CA   2 
ATOM 418  C C    . PHE A 1 8  ? 2.208   0.813  -1.280  1.00 0.00 ? 8  PHE A C    2 
ATOM 419  O O    . PHE A 1 8  ? 1.453   1.327  -2.117  1.00 0.00 ? 8  PHE A O    2 
ATOM 420  C CB   . PHE A 1 8  ? 4.644   1.355  -1.290  1.00 0.00 ? 8  PHE A CB   2 
ATOM 421  C CG   . PHE A 1 8  ? 4.744   1.813  -2.753  1.00 0.00 ? 8  PHE A CG   2 
ATOM 422  C CD1  . PHE A 1 8  ? 3.820   2.714  -3.286  1.00 0.00 ? 8  PHE A CD1  2 
ATOM 423  C CD2  . PHE A 1 8  ? 5.796   1.349  -3.552  1.00 0.00 ? 8  PHE A CD2  2 
ATOM 424  C CE1  . PHE A 1 8  ? 3.937   3.134  -4.609  1.00 0.00 ? 8  PHE A CE1  2 
ATOM 425  C CE2  . PHE A 1 8  ? 5.911   1.768  -4.872  1.00 0.00 ? 8  PHE A CE2  2 
ATOM 426  C CZ   . PHE A 1 8  ? 4.981   2.659  -5.403  1.00 0.00 ? 8  PHE A CZ   2 
ATOM 427  H H    . PHE A 1 8  ? 4.221   0.683  1.207   1.00 0.00 ? 8  PHE A H    2 
ATOM 428  H HA   . PHE A 1 8  ? 3.020   2.679  -0.628  1.00 0.00 ? 8  PHE A HA   2 
ATOM 429  H HB2  . PHE A 1 8  ? 5.457   1.831  -0.704  1.00 0.00 ? 8  PHE A HB2  2 
ATOM 430  H HB3  . PHE A 1 8  ? 4.888   0.275  -1.240  1.00 0.00 ? 8  PHE A HB3  2 
ATOM 431  H HD1  . PHE A 1 8  ? 3.019   3.099  -2.672  1.00 0.00 ? 8  PHE A HD1  2 
ATOM 432  H HD2  . PHE A 1 8  ? 6.544   0.686  -3.136  1.00 0.00 ? 8  PHE A HD2  2 
ATOM 433  H HE1  . PHE A 1 8  ? 3.216   3.825  -5.020  1.00 0.00 ? 8  PHE A HE1  2 
ATOM 434  H HE2  . PHE A 1 8  ? 6.715   1.389  -5.487  1.00 0.00 ? 8  PHE A HE2  2 
ATOM 435  H HZ   . PHE A 1 8  ? 5.069   2.979  -6.430  1.00 0.00 ? 8  PHE A HZ   2 
ATOM 436  N N    . GLY A 1 9  ? 2.140   -0.469 -0.969  1.00 0.00 ? 9  GLY A N    2 
ATOM 437  C CA   . GLY A 1 9  ? 1.130   -1.355 -1.543  1.00 0.00 ? 9  GLY A CA   2 
ATOM 438  C C    . GLY A 1 9  ? -0.259  -1.053 -1.034  1.00 0.00 ? 9  GLY A C    2 
ATOM 439  O O    . GLY A 1 9  ? -1.270  -1.442 -1.646  1.00 0.00 ? 9  GLY A O    2 
ATOM 440  H H    . GLY A 1 9  ? 2.895   -0.828 -0.312  1.00 0.00 ? 9  GLY A H    2 
ATOM 441  H HA2  . GLY A 1 9  ? 1.138   -1.261 -2.646  1.00 0.00 ? 9  GLY A HA2  2 
ATOM 442  H HA3  . GLY A 1 9  ? 1.372   -2.411 -1.315  1.00 0.00 ? 9  GLY A HA3  2 
ATOM 443  N N    . ASN A 1 10 ? -0.354  -0.387 0.101   1.00 0.00 ? 10 ASN A N    2 
ATOM 444  C CA   . ASN A 1 10 ? -1.635  0.068  0.639   1.00 0.00 ? 10 ASN A CA   2 
ATOM 445  C C    . ASN A 1 10 ? -2.164  1.282  -0.087  1.00 0.00 ? 10 ASN A C    2 
ATOM 446  O O    . ASN A 1 10 ? -3.359  1.616  -0.003  1.00 0.00 ? 10 ASN A O    2 
ATOM 447  C CB   . ASN A 1 10 ? -1.462  0.375  2.158   1.00 0.00 ? 10 ASN A CB   2 
ATOM 448  C CG   . ASN A 1 10 ? -2.731  0.674  2.961   1.00 0.00 ? 10 ASN A CG   2 
ATOM 449  O OD1  . ASN A 1 10 ? -2.787  1.580  3.780   1.00 0.00 ? 10 ASN A OD1  2 
ATOM 450  N ND2  . ASN A 1 10 ? -3.790  -0.064 2.762   1.00 0.00 ? 10 ASN A ND2  2 
ATOM 451  H H    . ASN A 1 10 ? 0.558   -0.238 0.629   1.00 0.00 ? 10 ASN A H    2 
ATOM 452  H HA   . ASN A 1 10 ? -2.378  -0.740 0.492   1.00 0.00 ? 10 ASN A HA   2 
ATOM 453  H HB2  . ASN A 1 10 ? -0.965  -0.487 2.647   1.00 0.00 ? 10 ASN A HB2  2 
ATOM 454  H HB3  . ASN A 1 10 ? -0.752  1.211  2.297   1.00 0.00 ? 10 ASN A HB3  2 
ATOM 455  H HD21 . ASN A 1 10 ? -3.739  -0.759 2.018   1.00 0.00 ? 10 ASN A HD21 2 
ATOM 456  H HD22 . ASN A 1 10 ? -4.604  0.269  3.285   1.00 0.00 ? 10 ASN A HD22 2 
ATOM 457  N N    . THR A 1 11 ? -1.298  1.987  -0.788  1.00 0.00 ? 11 THR A N    2 
ATOM 458  C CA   . THR A 1 11 ? -1.699  3.099  -1.645  1.00 0.00 ? 11 THR A CA   2 
ATOM 459  C C    . THR A 1 11 ? -2.297  2.587  -2.936  1.00 0.00 ? 11 THR A C    2 
ATOM 460  O O    . THR A 1 11 ? -3.357  3.029  -3.400  1.00 0.00 ? 11 THR A O    2 
ATOM 461  C CB   . THR A 1 11 ? -0.466  4.018  -1.947  1.00 0.00 ? 11 THR A CB   2 
ATOM 462  O OG1  . THR A 1 11 ? -0.351  5.042  -0.967  1.00 0.00 ? 11 THR A OG1  2 
ATOM 463  C CG2  . THR A 1 11 ? -0.488  4.772  -3.294  1.00 0.00 ? 11 THR A CG2  2 
ATOM 464  H H    . THR A 1 11 ? -0.275  1.718  -0.669  1.00 0.00 ? 11 THR A H    2 
ATOM 465  H HA   . THR A 1 11 ? -2.477  3.691  -1.129  1.00 0.00 ? 11 THR A HA   2 
ATOM 466  H HB   . THR A 1 11 ? 0.448   3.386  -1.919  1.00 0.00 ? 11 THR A HB   2 
ATOM 467  H HG1  . THR A 1 11 ? 0.460   5.518  -1.172  1.00 0.00 ? 11 THR A HG1  2 
ATOM 468  H HG21 . THR A 1 11 ? -1.378  5.424  -3.386  1.00 0.00 ? 11 THR A HG21 2 
ATOM 469  H HG22 . THR A 1 11 ? 0.402   5.413  -3.427  1.00 0.00 ? 11 THR A HG22 2 
ATOM 470  H HG23 . THR A 1 11 ? -0.497  4.087  -4.163  1.00 0.00 ? 11 THR A HG23 2 
ATOM 471  N N    . LEU A 1 12 ? -1.597  1.654  -3.556  1.00 0.00 ? 12 LEU A N    2 
ATOM 472  C CA   . LEU A 1 12 ? -2.081  0.975  -4.755  1.00 0.00 ? 12 LEU A CA   2 
ATOM 473  C C    . LEU A 1 12 ? -3.471  0.409  -4.572  1.00 0.00 ? 12 LEU A C    2 
ATOM 474  O O    . LEU A 1 12 ? -4.358  0.574  -5.422  1.00 0.00 ? 12 LEU A O    2 
ATOM 475  C CB   . LEU A 1 12 ? -1.086  -0.151 -5.170  1.00 0.00 ? 12 LEU A CB   2 
ATOM 476  C CG   . LEU A 1 12 ? -1.428  -1.007 -6.418  1.00 0.00 ? 12 LEU A CG   2 
ATOM 477  C CD1  . LEU A 1 12 ? -1.207  -0.188 -7.698  1.00 0.00 ? 12 LEU A CD1  2 
ATOM 478  C CD2  . LEU A 1 12 ? -0.609  -2.307 -6.490  1.00 0.00 ? 12 LEU A CD2  2 
ATOM 479  H H    . LEU A 1 12 ? -0.626  1.458  -3.149  1.00 0.00 ? 12 LEU A H    2 
ATOM 480  H HA   . LEU A 1 12 ? -2.162  1.722  -5.566  1.00 0.00 ? 12 LEU A HA   2 
ATOM 481  H HB2  . LEU A 1 12 ? -0.084  0.300  -5.325  1.00 0.00 ? 12 LEU A HB2  2 
ATOM 482  H HB3  . LEU A 1 12 ? -0.950  -0.828 -4.303  1.00 0.00 ? 12 LEU A HB3  2 
ATOM 483  H HG   . LEU A 1 12 ? -2.503  -1.276 -6.368  1.00 0.00 ? 12 LEU A HG   2 
ATOM 484  H HD11 . LEU A 1 12 ? -1.814  0.738  -7.702  1.00 0.00 ? 12 LEU A HD11 2 
ATOM 485  H HD12 . LEU A 1 12 ? -0.151  0.114  -7.826  1.00 0.00 ? 12 LEU A HD12 2 
ATOM 486  H HD13 . LEU A 1 12 ? -1.496  -0.757 -8.602  1.00 0.00 ? 12 LEU A HD13 2 
ATOM 487  H HD21 . LEU A 1 12 ? 0.480   -2.119 -6.466  1.00 0.00 ? 12 LEU A HD21 2 
ATOM 488  H HD22 . LEU A 1 12 ? -0.846  -2.976 -5.641  1.00 0.00 ? 12 LEU A HD22 2 
ATOM 489  H HD23 . LEU A 1 12 ? -0.831  -2.886 -7.406  1.00 0.00 ? 12 LEU A HD23 2 
ATOM 490  N N    . GLU A 1 13 ? -3.682  -0.290 -3.472  1.00 0.00 ? 13 GLU A N    2 
ATOM 491  C CA   . GLU A 1 13 ? -4.965  -0.929 -3.193  1.00 0.00 ? 13 GLU A CA   2 
ATOM 492  C C    . GLU A 1 13 ? -6.044  0.112  -3.000  1.00 0.00 ? 13 GLU A C    2 
ATOM 493  O O    . GLU A 1 13 ? -7.123  0.074  -3.608  1.00 0.00 ? 13 GLU A O    2 
ATOM 494  C CB   . GLU A 1 13 ? -4.810  -1.819 -1.928  1.00 0.00 ? 13 GLU A CB   2 
ATOM 495  C CG   . GLU A 1 13 ? -4.066  -3.185 -2.099  1.00 0.00 ? 13 GLU A CG   2 
ATOM 496  C CD   . GLU A 1 13 ? -2.988  -3.561 -1.078  1.00 0.00 ? 13 GLU A CD   2 
ATOM 497  O OE1  . GLU A 1 13 ? -2.919  -3.054 0.033   1.00 0.00 ? 13 GLU A OE1  2 
ATOM 498  O OE2  . GLU A 1 13 ? -2.117  -4.507 -1.525  1.00 0.00 ? 13 GLU A OE2  2 
ATOM 499  H H    . GLU A 1 13 ? -2.874  -0.324 -2.781  1.00 0.00 ? 13 GLU A H    2 
ATOM 500  H HA   . GLU A 1 13 ? -5.246  -1.559 -4.057  1.00 0.00 ? 13 GLU A HA   2 
ATOM 501  H HB2  . GLU A 1 13 ? -4.291  -1.234 -1.144  1.00 0.00 ? 13 GLU A HB2  2 
ATOM 502  H HB3  . GLU A 1 13 ? -5.814  -2.009 -1.502  1.00 0.00 ? 13 GLU A HB3  2 
ATOM 503  H HG2  . GLU A 1 13 ? -4.802  -4.010 -2.102  1.00 0.00 ? 13 GLU A HG2  2 
ATOM 504  H HG3  . GLU A 1 13 ? -3.594  -3.238 -3.099  1.00 0.00 ? 13 GLU A HG3  2 
ATOM 505  N N    . ASP A 1 14 ? -5.772  1.059  -2.119  1.00 0.00 ? 14 ASP A N    2 
ATOM 506  C CA   . ASP A 1 14 ? -6.641  2.214  -1.914  1.00 0.00 ? 14 ASP A CA   2 
ATOM 507  C C    . ASP A 1 14 ? -7.022  2.876  -3.220  1.00 0.00 ? 14 ASP A C    2 
ATOM 508  O O    . ASP A 1 14 ? -8.087  3.510  -3.336  1.00 0.00 ? 14 ASP A O    2 
ATOM 509  C CB   . ASP A 1 14 ? -5.970  3.214  -0.932  1.00 0.00 ? 14 ASP A CB   2 
ATOM 510  C CG   . ASP A 1 14 ? -6.470  3.196  0.520   1.00 0.00 ? 14 ASP A CG   2 
ATOM 511  O OD1  . ASP A 1 14 ? -6.208  2.014  1.156   1.00 0.00 ? 14 ASP A OD1  2 
ATOM 512  O OD2  . ASP A 1 14 ? -7.061  4.134  1.034   1.00 0.00 ? 14 ASP A OD2  2 
ATOM 513  H H    . ASP A 1 14 ? -4.892  0.903  -1.532  1.00 0.00 ? 14 ASP A H    2 
ATOM 514  H HA   . ASP A 1 14 ? -7.581  1.848  -1.467  1.00 0.00 ? 14 ASP A HA   2 
ATOM 515  H HB2  . ASP A 1 14 ? -4.876  3.074  -0.907  1.00 0.00 ? 14 ASP A HB2  2 
ATOM 516  H HB3  . ASP A 1 14 ? -6.117  4.239  -1.323  1.00 0.00 ? 14 ASP A HB3  2 
ATOM 517  N N    . LYS A 1 15 ? -6.171  2.768  -4.222  1.00 0.00 ? 15 LYS A N    2 
ATOM 518  C CA   . LYS A 1 15 ? -6.382  3.447  -5.496  1.00 0.00 ? 15 LYS A CA   2 
ATOM 519  C C    . LYS A 1 15 ? -7.729  3.094  -6.083  1.00 0.00 ? 15 LYS A C    2 
ATOM 520  O O    . LYS A 1 15 ? -8.497  3.965  -6.523  1.00 0.00 ? 15 LYS A O    2 
ATOM 521  C CB   . LYS A 1 15 ? -5.227  3.079  -6.478  1.00 0.00 ? 15 LYS A CB   2 
ATOM 522  C CG   . LYS A 1 15 ? -5.628  1.971  -7.481  1.00 0.00 ? 15 LYS A CG   2 
ATOM 523  C CD   . LYS A 1 15 ? -4.572  1.636  -8.537  1.00 0.00 ? 15 LYS A CD   2 
ATOM 524  C CE   . LYS A 1 15 ? -3.887  2.929  -8.998  1.00 0.00 ? 15 LYS A CE   2 
ATOM 525  N NZ   . LYS A 1 15 ? -3.503  2.802  -10.415 1.00 0.00 ? 15 LYS A NZ   2 
ATOM 526  H H    . LYS A 1 15 ? -5.337  2.129  -4.059  1.00 0.00 ? 15 LYS A H    2 
ATOM 527  H HA   . LYS A 1 15 ? -6.370  4.538  -5.332  1.00 0.00 ? 15 LYS A HA   2 
ATOM 528  H HB2  . LYS A 1 15 ? -4.914  3.979  -7.035  1.00 0.00 ? 15 LYS A HB2  2 
ATOM 529  H HB3  . LYS A 1 15 ? -4.337  2.764  -5.902  1.00 0.00 ? 15 LYS A HB3  2 
ATOM 530  H HG2  . LYS A 1 15 ? -5.841  1.026  -6.943  1.00 0.00 ? 15 LYS A HG2  2 
ATOM 531  H HG3  . LYS A 1 15 ? -6.583  2.246  -7.976  1.00 0.00 ? 15 LYS A HG3  2 
ATOM 532  H HD2  . LYS A 1 15 ? -3.840  0.917  -8.120  1.00 0.00 ? 15 LYS A HD2  2 
ATOM 533  H HD3  . LYS A 1 15 ? -5.050  1.128  -9.400  1.00 0.00 ? 15 LYS A HD3  2 
ATOM 534  H HE2  . LYS A 1 15 ? -4.562  3.799  -8.856  1.00 0.00 ? 15 LYS A HE2  2 
ATOM 535  H HE3  . LYS A 1 15 ? -2.986  3.144  -8.386  1.00 0.00 ? 15 LYS A HE3  2 
ATOM 536  H HZ1  . LYS A 1 15 ? -4.163  2.174  -10.895 1.00 0.00 ? 15 LYS A HZ1  2 
ATOM 537  H HZ2  . LYS A 1 15 ? -3.526  3.731  -10.862 1.00 0.00 ? 15 LYS A HZ2  2 
ATOM 538  H HZ3  . LYS A 1 15 ? -2.551  2.415  -10.479 1.00 0.00 ? 15 LYS A HZ3  2 
ATOM 539  N N    . ALA A 1 16 ? -8.050  1.814  -6.092  1.00 0.00 ? 16 ALA A N    2 
ATOM 540  C CA   . ALA A 1 16 ? -9.294  1.333  -6.685  1.00 0.00 ? 16 ALA A CA   2 
ATOM 541  C C    . ALA A 1 16 ? -9.801  0.108  -5.962  1.00 0.00 ? 16 ALA A C    2 
ATOM 542  O O    . ALA A 1 16 ? -10.204 -0.895 -6.571  1.00 0.00 ? 16 ALA A O    2 
ATOM 543  C CB   . ALA A 1 16 ? -9.032  1.077  -8.180  1.00 0.00 ? 16 ALA A CB   2 
ATOM 544  H H    . ALA A 1 16 ? -7.366  1.159  -5.609  1.00 0.00 ? 16 ALA A H    2 
ATOM 545  H HA   . ALA A 1 16 ? -10.063 2.120  -6.575  1.00 0.00 ? 16 ALA A HA   2 
ATOM 546  H HB1  . ALA A 1 16 ? -8.698  1.994  -8.701  1.00 0.00 ? 16 ALA A HB1  2 
ATOM 547  H HB2  . ALA A 1 16 ? -8.248  0.311  -8.340  1.00 0.00 ? 16 ALA A HB2  2 
ATOM 548  H HB3  . ALA A 1 16 ? -9.939  0.728  -8.704  1.00 0.00 ? 16 ALA A HB3  2 
ATOM 549  N N    . ARG A 1 17 ? -9.809  0.175  -4.644  1.00 0.00 ? 17 ARG A N    2 
ATOM 550  C CA   . ARG A 1 17 ? -10.328 -0.907 -3.814  1.00 0.00 ? 17 ARG A CA   2 
ATOM 551  C C    . ARG A 1 17 ? -10.803 -0.388 -2.477  1.00 0.00 ? 17 ARG A C    2 
ATOM 552  O O    . ARG A 1 17 ? -10.700 -1.058 -1.440  1.00 0.00 ? 17 ARG A O    2 
ATOM 553  C CB   . ARG A 1 17 ? -9.222  -1.985 -3.642  1.00 0.00 ? 17 ARG A CB   2 
ATOM 554  C CG   . ARG A 1 17 ? -9.744  -3.412 -3.327  1.00 0.00 ? 17 ARG A CG   2 
ATOM 555  C CD   . ARG A 1 17 ? -8.727  -4.249 -2.540  1.00 0.00 ? 17 ARG A CD   2 
ATOM 556  N NE   . ARG A 1 17 ? -8.933  -3.994 -1.091  1.00 0.00 ? 17 ARG A NE   2 
ATOM 557  C CZ   . ARG A 1 17 ? -9.145  -4.923 -0.169  1.00 0.00 ? 17 ARG A CZ   2 
ATOM 558  N NH1  . ARG A 1 17 ? -9.198  -6.199 -0.411  1.00 0.00 ? 17 ARG A NH1  2 
ATOM 559  N NH2  . ARG A 1 17 ? -9.307  -4.527 1.044   1.00 0.00 ? 17 ARG A NH2  2 
ATOM 560  H H    . ARG A 1 17 ? -9.448  1.083  -4.221  1.00 0.00 ? 17 ARG A H    2 
ATOM 561  H HA   . ARG A 1 17 ? -11.202 -1.345 -4.332  1.00 0.00 ? 17 ARG A HA   2 
ATOM 562  H HB2  . ARG A 1 17 ? -8.607  -2.038 -4.562  1.00 0.00 ? 17 ARG A HB2  2 
ATOM 563  H HB3  . ARG A 1 17 ? -8.513  -1.663 -2.852  1.00 0.00 ? 17 ARG A HB3  2 
ATOM 564  H HG2  . ARG A 1 17 ? -10.686 -3.372 -2.744  1.00 0.00 ? 17 ARG A HG2  2 
ATOM 565  H HG3  . ARG A 1 17 ? -10.006 -3.939 -4.266  1.00 0.00 ? 17 ARG A HG3  2 
ATOM 566  H HD2  . ARG A 1 17 ? -8.856  -5.327 -2.765  1.00 0.00 ? 17 ARG A HD2  2 
ATOM 567  H HD3  . ARG A 1 17 ? -7.693  -3.977 -2.835  1.00 0.00 ? 17 ARG A HD3  2 
ATOM 568  H HE   . ARG A 1 17 ? -8.912  -3.013 -0.777  1.00 0.00 ? 17 ARG A HE   2 
ATOM 569  H HH11 . ARG A 1 17 ? -9.059  -6.425 -1.396  1.00 0.00 ? 17 ARG A HH11 2 
ATOM 570  H HH12 . ARG A 1 17 ? -9.366  -6.816 0.382   1.00 0.00 ? 17 ARG A HH12 2 
ATOM 571  H HH21 . ARG A 1 17 ? -9.248  -3.511 1.126   1.00 0.00 ? 17 ARG A HH21 2 
ATOM 572  H HH22 . ARG A 1 17 ? -9.470  -5.235 1.758   1.00 0.00 ? 17 ARG A HH22 2 
ATOM 573  N N    . GLU A 1 18 ? -11.355 0.810  -2.486  1.00 0.00 ? 18 GLU A N    2 
ATOM 574  C CA   . GLU A 1 18 ? -11.799 1.491  -1.271  1.00 0.00 ? 18 GLU A CA   2 
ATOM 575  C C    . GLU A 1 18 ? -10.780 1.374  -0.160  1.00 0.00 ? 18 GLU A C    2 
ATOM 576  O O    . GLU A 1 18 ? -9.554  1.134  -0.398  1.00 0.00 ? 18 GLU A O    2 
ATOM 577  C CB   . GLU A 1 18 ? -13.174 0.890  -0.861  1.00 0.00 ? 18 GLU A CB   2 
ATOM 578  C CG   . GLU A 1 18 ? -13.667 -0.377 -1.638  1.00 0.00 ? 18 GLU A CG   2 
ATOM 579  C CD   . GLU A 1 18 ? -15.084 -0.889 -1.369  1.00 0.00 ? 18 GLU A CD   2 
ATOM 580  O OE1  . GLU A 1 18 ? -16.068 -0.468 -1.963  1.00 0.00 ? 18 GLU A OE1  2 
ATOM 581  O OE2  . GLU A 1 18 ? -15.145 -1.855 -0.411  1.00 0.00 ? 18 GLU A OE2  2 
ATOM 582  O OXT  . GLU A 1 18 ? -11.212 1.538  1.022   1.00 0.00 ? 18 GLU A OXT  2 
ATOM 583  H H    . GLU A 1 18 ? -11.504 1.245  -3.449  1.00 0.00 ? 18 GLU A H    2 
ATOM 584  H HA   . GLU A 1 18 ? -11.918 2.567  -1.497  1.00 0.00 ? 18 GLU A HA   2 
ATOM 585  H HB2  . GLU A 1 18 ? -13.156 0.648  0.220   1.00 0.00 ? 18 GLU A HB2  2 
ATOM 586  H HB3  . GLU A 1 18 ? -13.943 1.682  -0.949  1.00 0.00 ? 18 GLU A HB3  2 
ATOM 587  H HG2  . GLU A 1 18 ? -13.591 -0.207 -2.728  1.00 0.00 ? 18 GLU A HG2  2 
ATOM 588  H HG3  . GLU A 1 18 ? -12.981 -1.224 -1.447  1.00 0.00 ? 18 GLU A HG3  2 
ATOM 589  N N    . ALA A 1 1  ? 9.784   -3.861 10.003  1.00 0.00 ? 1  ALA A N    3 
ATOM 590  C CA   . ALA A 1 1  ? 10.674  -3.209 9.047   1.00 0.00 ? 1  ALA A CA   3 
ATOM 591  C C    . ALA A 1 1  ? 10.138  -3.326 7.640   1.00 0.00 ? 1  ALA A C    3 
ATOM 592  O O    . ALA A 1 1  ? 9.085   -3.928 7.384   1.00 0.00 ? 1  ALA A O    3 
ATOM 593  C CB   . ALA A 1 1  ? 12.070  -3.835 9.207   1.00 0.00 ? 1  ALA A CB   3 
ATOM 594  H H1   . ALA A 1 1  ? 9.394   -4.717 9.581   1.00 0.00 ? 1  ALA A H1   3 
ATOM 595  H H2   . ALA A 1 1  ? 10.312  -4.108 10.852  1.00 0.00 ? 1  ALA A H2   3 
ATOM 596  H H3   . ALA A 1 1  ? 9.016   -3.221 10.251  1.00 0.00 ? 1  ALA A H3   3 
ATOM 597  H HA   . ALA A 1 1  ? 10.724  -2.131 9.290   1.00 0.00 ? 1  ALA A HA   3 
ATOM 598  H HB1  . ALA A 1 1  ? 12.463  -3.706 10.234  1.00 0.00 ? 1  ALA A HB1  3 
ATOM 599  H HB2  . ALA A 1 1  ? 12.065  -4.923 8.996   1.00 0.00 ? 1  ALA A HB2  3 
ATOM 600  H HB3  . ALA A 1 1  ? 12.808  -3.375 8.525   1.00 0.00 ? 1  ALA A HB3  3 
ATOM 601  N N    . LEU A 1 2  ? 10.848  -2.730 6.700   1.00 0.00 ? 2  LEU A N    3 
ATOM 602  C CA   . LEU A 1 2  ? 10.400  -2.664 5.310   1.00 0.00 ? 2  LEU A CA   3 
ATOM 603  C C    . LEU A 1 2  ? 8.995   -2.114 5.232   1.00 0.00 ? 2  LEU A C    3 
ATOM 604  O O    . LEU A 1 2  ? 8.154   -2.530 4.423   1.00 0.00 ? 2  LEU A O    3 
ATOM 605  C CB   . LEU A 1 2  ? 10.520  -4.061 4.637   1.00 0.00 ? 2  LEU A CB   3 
ATOM 606  C CG   . LEU A 1 2  ? 11.887  -4.793 4.736   1.00 0.00 ? 2  LEU A CG   3 
ATOM 607  C CD1  . LEU A 1 2  ? 11.776  -6.177 5.395   1.00 0.00 ? 2  LEU A CD1  3 
ATOM 608  C CD2  . LEU A 1 2  ? 12.514  -4.933 3.342   1.00 0.00 ? 2  LEU A CD2  3 
ATOM 609  H H    . LEU A 1 2  ? 11.752  -2.268 7.017   1.00 0.00 ? 2  LEU A H    3 
ATOM 610  H HA   . LEU A 1 2  ? 11.041  -1.941 4.773   1.00 0.00 ? 2  LEU A HA   3 
ATOM 611  H HB2  . LEU A 1 2  ? 9.741   -4.729 5.058   1.00 0.00 ? 2  LEU A HB2  3 
ATOM 612  H HB3  . LEU A 1 2  ? 10.252  -3.961 3.567   1.00 0.00 ? 2  LEU A HB3  3 
ATOM 613  H HG   . LEU A 1 2  ? 12.570  -4.168 5.353   1.00 0.00 ? 2  LEU A HG   3 
ATOM 614  H HD11 . LEU A 1 2  ? 11.213  -6.124 6.346   1.00 0.00 ? 2  LEU A HD11 3 
ATOM 615  H HD12 . LEU A 1 2  ? 11.231  -6.897 4.757   1.00 0.00 ? 2  LEU A HD12 3 
ATOM 616  H HD13 . LEU A 1 2  ? 12.766  -6.613 5.623   1.00 0.00 ? 2  LEU A HD13 3 
ATOM 617  H HD21 . LEU A 1 2  ? 12.571  -3.961 2.816   1.00 0.00 ? 2  LEU A HD21 3 
ATOM 618  H HD22 . LEU A 1 2  ? 13.540  -5.344 3.382   1.00 0.00 ? 2  LEU A HD22 3 
ATOM 619  H HD23 . LEU A 1 2  ? 11.920  -5.606 2.694   1.00 0.00 ? 2  LEU A HD23 3 
ATOM 620  N N    . ASP A 1 3  ? 8.725   -1.132 6.077   1.00 0.00 ? 3  ASP A N    3 
ATOM 621  C CA   . ASP A 1 3  ? 7.392   -0.551 6.201   1.00 0.00 ? 3  ASP A CA   3 
ATOM 622  C C    . ASP A 1 3  ? 7.105   0.482  5.137   1.00 0.00 ? 3  ASP A C    3 
ATOM 623  O O    . ASP A 1 3  ? 5.955   0.938  4.978   1.00 0.00 ? 3  ASP A O    3 
ATOM 624  C CB   . ASP A 1 3  ? 7.207   0.040  7.627   1.00 0.00 ? 3  ASP A CB   3 
ATOM 625  C CG   . ASP A 1 3  ? 6.029   -0.503 8.449   1.00 0.00 ? 3  ASP A CG   3 
ATOM 626  O OD1  . ASP A 1 3  ? 4.826   0.010  8.054   1.00 0.00 ? 3  ASP A OD1  3 
ATOM 627  O OD2  . ASP A 1 3  ? 6.168   -1.294 9.371   1.00 0.00 ? 3  ASP A OD2  3 
ATOM 628  H H    . ASP A 1 3  ? 9.553   -0.766 6.641   1.00 0.00 ? 3  ASP A H    3 
ATOM 629  H HA   . ASP A 1 3  ? 6.676   -1.378 6.036   1.00 0.00 ? 3  ASP A HA   3 
ATOM 630  H HB2  . ASP A 1 3  ? 8.121   -0.092 8.231   1.00 0.00 ? 3  ASP A HB2  3 
ATOM 631  H HB3  . ASP A 1 3  ? 7.078   1.137  7.553   1.00 0.00 ? 3  ASP A HB3  3 
ATOM 632  N N    . LYS A 1 4  ? 8.116   0.898  4.399   1.00 0.00 ? 4  LYS A N    3 
ATOM 633  C CA   . LYS A 1 4  ? 7.933   1.821  3.282   1.00 0.00 ? 4  LYS A CA   3 
ATOM 634  C C    . LYS A 1 4  ? 7.414   1.099  2.061   1.00 0.00 ? 4  LYS A C    3 
ATOM 635  O O    . LYS A 1 4  ? 6.668   1.652  1.239   1.00 0.00 ? 4  LYS A O    3 
ATOM 636  C CB   . LYS A 1 4  ? 9.285   2.527  2.982   1.00 0.00 ? 4  LYS A CB   3 
ATOM 637  C CG   . LYS A 1 4  ? 9.433   3.899  3.685   1.00 0.00 ? 4  LYS A CG   3 
ATOM 638  C CD   . LYS A 1 4  ? 9.005   5.107  2.846   1.00 0.00 ? 4  LYS A CD   3 
ATOM 639  C CE   . LYS A 1 4  ? 9.135   6.380  3.692   1.00 0.00 ? 4  LYS A CE   3 
ATOM 640  N NZ   . LYS A 1 4  ? 8.340   6.233  4.924   1.00 0.00 ? 4  LYS A NZ   3 
ATOM 641  H H    . LYS A 1 4  ? 9.072   0.504  4.643   1.00 0.00 ? 4  LYS A H    3 
ATOM 642  H HA   . LYS A 1 4  ? 7.176   2.576  3.568   1.00 0.00 ? 4  LYS A HA   3 
ATOM 643  H HB2  . LYS A 1 4  ? 10.123  1.871  3.291   1.00 0.00 ? 4  LYS A HB2  3 
ATOM 644  H HB3  . LYS A 1 4  ? 9.406   2.644  1.886   1.00 0.00 ? 4  LYS A HB3  3 
ATOM 645  H HG2  . LYS A 1 4  ? 8.817   3.925  4.604   1.00 0.00 ? 4  LYS A HG2  3 
ATOM 646  H HG3  . LYS A 1 4  ? 10.479  4.029  4.027   1.00 0.00 ? 4  LYS A HG3  3 
ATOM 647  H HD2  . LYS A 1 4  ? 9.624   5.164  1.929   1.00 0.00 ? 4  LYS A HD2  3 
ATOM 648  H HD3  . LYS A 1 4  ? 7.957   4.976  2.508   1.00 0.00 ? 4  LYS A HD3  3 
ATOM 649  H HE2  . LYS A 1 4  ? 10.199  6.575  3.939   1.00 0.00 ? 4  LYS A HE2  3 
ATOM 650  H HE3  . LYS A 1 4  ? 8.788   7.272  3.129   1.00 0.00 ? 4  LYS A HE3  3 
ATOM 651  H HZ1  . LYS A 1 4  ? 7.418   5.835  4.693   1.00 0.00 ? 4  LYS A HZ1  3 
ATOM 652  H HZ2  . LYS A 1 4  ? 8.830   5.605  5.576   1.00 0.00 ? 4  LYS A HZ2  3 
ATOM 653  H HZ3  . LYS A 1 4  ? 8.214   7.155  5.364   1.00 0.00 ? 4  LYS A HZ3  3 
ATOM 654  N N    . LEU A 1 5  ? 7.816   -0.149 1.908   1.00 0.00 ? 5  LEU A N    3 
ATOM 655  C CA   . LEU A 1 5  ? 7.418   -0.954 0.755   1.00 0.00 ? 5  LEU A CA   3 
ATOM 656  C C    . LEU A 1 5  ? 6.088   -1.631 0.985   1.00 0.00 ? 5  LEU A C    3 
ATOM 657  O O    . LEU A 1 5  ? 5.329   -1.918 0.046   1.00 0.00 ? 5  LEU A O    3 
ATOM 658  C CB   . LEU A 1 5  ? 8.520   -1.999 0.418   1.00 0.00 ? 5  LEU A CB   3 
ATOM 659  C CG   . LEU A 1 5  ? 9.563   -1.636 -0.673  1.00 0.00 ? 5  LEU A CG   3 
ATOM 660  C CD1  . LEU A 1 5  ? 8.882   -0.883 -1.825  1.00 0.00 ? 5  LEU A CD1  3 
ATOM 661  C CD2  . LEU A 1 5  ? 10.728  -0.797 -0.124  1.00 0.00 ? 5  LEU A CD2  3 
ATOM 662  H H    . LEU A 1 5  ? 8.476   -0.524 2.654   1.00 0.00 ? 5  LEU A H    3 
ATOM 663  H HA   . LEU A 1 5  ? 7.275   -0.277 -0.107  1.00 0.00 ? 5  LEU A HA   3 
ATOM 664  H HB2  . LEU A 1 5  ? 9.068   -2.250 1.348   1.00 0.00 ? 5  LEU A HB2  3 
ATOM 665  H HB3  . LEU A 1 5  ? 8.026   -2.946 0.123   1.00 0.00 ? 5  LEU A HB3  3 
ATOM 666  H HG   . LEU A 1 5  ? 9.977   -2.581 -1.082  1.00 0.00 ? 5  LEU A HG   3 
ATOM 667  H HD11 . LEU A 1 5  ? 8.063   -1.475 -2.276  1.00 0.00 ? 5  LEU A HD11 3 
ATOM 668  H HD12 . LEU A 1 5  ? 8.447   0.080  -1.498  1.00 0.00 ? 5  LEU A HD12 3 
ATOM 669  H HD13 . LEU A 1 5  ? 9.594   -0.659 -2.642  1.00 0.00 ? 5  LEU A HD13 3 
ATOM 670  H HD21 . LEU A 1 5  ? 10.382  0.129  0.371   1.00 0.00 ? 5  LEU A HD21 3 
ATOM 671  H HD22 . LEU A 1 5  ? 11.317  -1.366 0.620   1.00 0.00 ? 5  LEU A HD22 3 
ATOM 672  H HD23 . LEU A 1 5  ? 11.440  -0.507 -0.918  1.00 0.00 ? 5  LEU A HD23 3 
ATOM 673  N N    . LYS A 1 6  ? 5.787   -1.924 2.236   1.00 0.00 ? 6  LYS A N    3 
ATOM 674  C CA   . LYS A 1 6  ? 4.516   -2.551 2.598   1.00 0.00 ? 6  LYS A CA   3 
ATOM 675  C C    . LYS A 1 6  ? 3.384   -1.554 2.584   1.00 0.00 ? 6  LYS A C    3 
ATOM 676  O O    . LYS A 1 6  ? 2.278   -1.824 2.089   1.00 0.00 ? 6  LYS A O    3 
ATOM 677  C CB   . LYS A 1 6  ? 4.668   -3.220 3.993   1.00 0.00 ? 6  LYS A CB   3 
ATOM 678  C CG   . LYS A 1 6  ? 5.805   -4.272 4.037   1.00 0.00 ? 6  LYS A CG   3 
ATOM 679  C CD   . LYS A 1 6  ? 6.433   -4.487 5.417   1.00 0.00 ? 6  LYS A CD   3 
ATOM 680  C CE   . LYS A 1 6  ? 6.131   -5.912 5.895   1.00 0.00 ? 6  LYS A CE   3 
ATOM 681  N NZ   . LYS A 1 6  ? 5.921   -5.907 7.353   1.00 0.00 ? 6  LYS A NZ   3 
ATOM 682  H H    . LYS A 1 6  ? 6.536   -1.724 2.962   1.00 0.00 ? 6  LYS A H    3 
ATOM 683  H HA   . LYS A 1 6  ? 4.285   -3.323 1.839   1.00 0.00 ? 6  LYS A HA   3 
ATOM 684  H HB2  . LYS A 1 6  ? 4.867   -2.443 4.757   1.00 0.00 ? 6  LYS A HB2  3 
ATOM 685  H HB3  . LYS A 1 6  ? 3.707   -3.684 4.296   1.00 0.00 ? 6  LYS A HB3  3 
ATOM 686  H HG2  . LYS A 1 6  ? 5.425   -5.258 3.708   1.00 0.00 ? 6  LYS A HG2  3 
ATOM 687  H HG3  . LYS A 1 6  ? 6.590   -4.000 3.304   1.00 0.00 ? 6  LYS A HG3  3 
ATOM 688  H HD2  . LYS A 1 6  ? 7.523   -4.299 5.365   1.00 0.00 ? 6  LYS A HD2  3 
ATOM 689  H HD3  . LYS A 1 6  ? 6.023   -3.747 6.135   1.00 0.00 ? 6  LYS A HD3  3 
ATOM 690  H HE2  . LYS A 1 6  ? 5.233   -6.313 5.377   1.00 0.00 ? 6  LYS A HE2  3 
ATOM 691  H HE3  . LYS A 1 6  ? 6.960   -6.604 5.640   1.00 0.00 ? 6  LYS A HE3  3 
ATOM 692  H HZ1  . LYS A 1 6  ? 5.362   -5.082 7.618   1.00 0.00 ? 6  LYS A HZ1  3 
ATOM 693  H HZ2  . LYS A 1 6  ? 5.423   -6.763 7.632   1.00 0.00 ? 6  LYS A HZ2  3 
ATOM 694  H HZ3  . LYS A 1 6  ? 6.833   -5.870 7.831   1.00 0.00 ? 6  LYS A HZ3  3 
ATOM 695  N N    . GLU A 1 7  ? 3.627   -0.385 3.145   1.00 0.00 ? 7  GLU A N    3 
ATOM 696  C CA   . GLU A 1 7  ? 2.663   0.711  3.087   1.00 0.00 ? 7  GLU A CA   3 
ATOM 697  C C    . GLU A 1 7  ? 2.433   1.170  1.666   1.00 0.00 ? 7  GLU A C    3 
ATOM 698  O O    . GLU A 1 7  ? 1.395   1.771  1.337   1.00 0.00 ? 7  GLU A O    3 
ATOM 699  C CB   . GLU A 1 7  ? 3.186   1.874  3.975   1.00 0.00 ? 7  GLU A CB   3 
ATOM 700  C CG   . GLU A 1 7  ? 2.965   1.753  5.520   1.00 0.00 ? 7  GLU A CG   3 
ATOM 701  C CD   . GLU A 1 7  ? 1.684   1.083  6.022   1.00 0.00 ? 7  GLU A CD   3 
ATOM 702  O OE1  . GLU A 1 7  ? 0.645   1.945  6.195   1.00 0.00 ? 7  GLU A OE1  3 
ATOM 703  O OE2  . GLU A 1 7  ? 1.604   -0.118 6.246   1.00 0.00 ? 7  GLU A OE2  3 
ATOM 704  H H    . GLU A 1 7  ? 4.581   -0.278 3.603   1.00 0.00 ? 7  GLU A H    3 
ATOM 705  H HA   . GLU A 1 7  ? 1.695   0.349  3.483   1.00 0.00 ? 7  GLU A HA   3 
ATOM 706  H HB2  . GLU A 1 7  ? 4.270   2.004  3.788   1.00 0.00 ? 7  GLU A HB2  3 
ATOM 707  H HB3  . GLU A 1 7  ? 2.736   2.821  3.622   1.00 0.00 ? 7  GLU A HB3  3 
ATOM 708  H HG2  . GLU A 1 7  ? 3.811   1.203  5.974   1.00 0.00 ? 7  GLU A HG2  3 
ATOM 709  H HG3  . GLU A 1 7  ? 3.008   2.753  5.991   1.00 0.00 ? 7  GLU A HG3  3 
ATOM 710  N N    . PHE A 1 8  ? 3.389   0.913  0.794   1.00 0.00 ? 8  PHE A N    3 
ATOM 711  C CA   . PHE A 1 8  ? 3.279   1.278  -0.617  1.00 0.00 ? 8  PHE A CA   3 
ATOM 712  C C    . PHE A 1 8  ? 2.181   0.497  -1.299  1.00 0.00 ? 8  PHE A C    3 
ATOM 713  O O    . PHE A 1 8  ? 1.420   1.016  -2.128  1.00 0.00 ? 8  PHE A O    3 
ATOM 714  C CB   . PHE A 1 8  ? 4.625   0.985  -1.349  1.00 0.00 ? 8  PHE A CB   3 
ATOM 715  C CG   . PHE A 1 8  ? 4.710   1.373  -2.833  1.00 0.00 ? 8  PHE A CG   3 
ATOM 716  C CD1  . PHE A 1 8  ? 3.654   2.028  -3.472  1.00 0.00 ? 8  PHE A CD1  3 
ATOM 717  C CD2  . PHE A 1 8  ? 5.842   1.006  -3.573  1.00 0.00 ? 8  PHE A CD2  3 
ATOM 718  C CE1  . PHE A 1 8  ? 3.726   2.306  -4.835  1.00 0.00 ? 8  PHE A CE1  3 
ATOM 719  C CE2  . PHE A 1 8  ? 5.913   1.284  -4.934  1.00 0.00 ? 8  PHE A CE2  3 
ATOM 720  C CZ   . PHE A 1 8  ? 4.855   1.935  -5.564  1.00 0.00 ? 8  PHE A CZ   3 
ATOM 721  H H    . PHE A 1 8  ? 4.256   0.430  1.182   1.00 0.00 ? 8  PHE A H    3 
ATOM 722  H HA   . PHE A 1 8  ? 3.036   2.354  -0.690  1.00 0.00 ? 8  PHE A HA   3 
ATOM 723  H HB2  . PHE A 1 8  ? 5.454   1.479  -0.801  1.00 0.00 ? 8  PHE A HB2  3 
ATOM 724  H HB3  . PHE A 1 8  ? 4.860   -0.094 -1.255  1.00 0.00 ? 8  PHE A HB3  3 
ATOM 725  H HD1  . PHE A 1 8  ? 2.785   2.335  -2.909  1.00 0.00 ? 8  PHE A HD1  3 
ATOM 726  H HD2  . PHE A 1 8  ? 6.684   0.536  -3.081  1.00 0.00 ? 8  PHE A HD2  3 
ATOM 727  H HE1  . PHE A 1 8  ? 2.907   2.812  -5.324  1.00 0.00 ? 8  PHE A HE1  3 
ATOM 728  H HE2  . PHE A 1 8  ? 6.787   0.989  -5.496  1.00 0.00 ? 8  PHE A HE2  3 
ATOM 729  H HZ   . PHE A 1 8  ? 4.914   2.154  -6.620  1.00 0.00 ? 8  PHE A HZ   3 
ATOM 730  N N    . GLY A 1 9  ? 2.103   -0.783 -0.981  1.00 0.00 ? 9  GLY A N    3 
ATOM 731  C CA   . GLY A 1 9  ? 1.088   -1.664 -1.551  1.00 0.00 ? 9  GLY A CA   3 
ATOM 732  C C    . GLY A 1 9  ? -0.302  -1.350 -1.050  1.00 0.00 ? 9  GLY A C    3 
ATOM 733  O O    . GLY A 1 9  ? -1.312  -1.730 -1.668  1.00 0.00 ? 9  GLY A O    3 
ATOM 734  H H    . GLY A 1 9  ? 2.855   -1.144 -0.322  1.00 0.00 ? 9  GLY A H    3 
ATOM 735  H HA2  . GLY A 1 9  ? 1.099   -1.578 -2.656  1.00 0.00 ? 9  GLY A HA2  3 
ATOM 736  H HA3  . GLY A 1 9  ? 1.321   -2.722 -1.316  1.00 0.00 ? 9  GLY A HA3  3 
ATOM 737  N N    . ASN A 1 10 ? -0.397  -0.681 0.083   1.00 0.00 ? 10 ASN A N    3 
ATOM 738  C CA   . ASN A 1 10 ? -1.679  -0.222 0.615   1.00 0.00 ? 10 ASN A CA   3 
ATOM 739  C C    . ASN A 1 10 ? -2.207  0.991  -0.113  1.00 0.00 ? 10 ASN A C    3 
ATOM 740  O O    . ASN A 1 10 ? -3.398  1.333  -0.017  1.00 0.00 ? 10 ASN A O    3 
ATOM 741  C CB   . ASN A 1 10 ? -1.509  0.086  2.134   1.00 0.00 ? 10 ASN A CB   3 
ATOM 742  C CG   . ASN A 1 10 ? -2.780  0.386  2.935   1.00 0.00 ? 10 ASN A CG   3 
ATOM 743  O OD1  . ASN A 1 10 ? -3.899  0.228  2.467   1.00 0.00 ? 10 ASN A OD1  3 
ATOM 744  N ND2  . ASN A 1 10 ? -2.665  0.825  4.159   1.00 0.00 ? 10 ASN A ND2  3 
ATOM 745  H H    . ASN A 1 10 ? 0.514   -0.531 0.613   1.00 0.00 ? 10 ASN A H    3 
ATOM 746  H HA   . ASN A 1 10 ? -2.423  -1.030 0.468   1.00 0.00 ? 10 ASN A HA   3 
ATOM 747  H HB2  . ASN A 1 10 ? -1.014  -0.775 2.626   1.00 0.00 ? 10 ASN A HB2  3 
ATOM 748  H HB3  . ASN A 1 10 ? -0.800  0.923  2.274   1.00 0.00 ? 10 ASN A HB3  3 
ATOM 749  H HD21 . ASN A 1 10 ? -1.723  0.872  4.549   1.00 0.00 ? 10 ASN A HD21 3 
ATOM 750  H HD22 . ASN A 1 10 ? -3.568  0.914  4.630   1.00 0.00 ? 10 ASN A HD22 3 
ATOM 751  N N    . THR A 1 11 ? -1.345  1.685  -0.828  1.00 0.00 ? 11 THR A N    3 
ATOM 752  C CA   . THR A 1 11 ? -1.753  2.792  -1.690  1.00 0.00 ? 11 THR A CA   3 
ATOM 753  C C    . THR A 1 11 ? -2.358  2.268  -2.973  1.00 0.00 ? 11 THR A C    3 
ATOM 754  O O    . THR A 1 11 ? -3.413  2.716  -3.440  1.00 0.00 ? 11 THR A O    3 
ATOM 755  C CB   . THR A 1 11 ? -0.528  3.713  -2.008  1.00 0.00 ? 11 THR A CB   3 
ATOM 756  O OG1  . THR A 1 11 ? -0.392  4.732  -1.026  1.00 0.00 ? 11 THR A OG1  3 
ATOM 757  C CG2  . THR A 1 11 ? -0.581  4.478  -3.350  1.00 0.00 ? 11 THR A CG2  3 
ATOM 758  H H    . THR A 1 11 ? -0.321  1.418  -0.713  1.00 0.00 ? 11 THR A H    3 
ATOM 759  H HA   . THR A 1 11 ? -2.532  3.384  -1.175  1.00 0.00 ? 11 THR A HA   3 
ATOM 760  H HB   . THR A 1 11 ? 0.388   3.083  -2.002  1.00 0.00 ? 11 THR A HB   3 
ATOM 761  H HG1  . THR A 1 11 ? 0.413   5.210  -1.245  1.00 0.00 ? 11 THR A HG1  3 
ATOM 762  H HG21 . THR A 1 11 ? -1.473  5.128  -3.417  1.00 0.00 ? 11 THR A HG21 3 
ATOM 763  H HG22 . THR A 1 11 ? 0.305   5.120  -3.498  1.00 0.00 ? 11 THR A HG22 3 
ATOM 764  H HG23 . THR A 1 11 ? -0.608  3.798  -4.223  1.00 0.00 ? 11 THR A HG23 3 
ATOM 765  N N    . LEU A 1 12 ? -1.669  1.322  -3.584  1.00 0.00 ? 12 LEU A N    3 
ATOM 766  C CA   . LEU A 1 12 ? -2.164  0.624  -4.767  1.00 0.00 ? 12 LEU A CA   3 
ATOM 767  C C    . LEU A 1 12 ? -3.559  0.075  -4.563  1.00 0.00 ? 12 LEU A C    3 
ATOM 768  O O    . LEU A 1 12 ? -4.453  0.239  -5.408  1.00 0.00 ? 12 LEU A O    3 
ATOM 769  C CB   . LEU A 1 12 ? -1.182  -0.519 -5.165  1.00 0.00 ? 12 LEU A CB   3 
ATOM 770  C CG   . LEU A 1 12 ? -1.550  -1.410 -6.382  1.00 0.00 ? 12 LEU A CG   3 
ATOM 771  C CD1  . LEU A 1 12 ? -0.400  -1.418 -7.398  1.00 0.00 ? 12 LEU A CD1  3 
ATOM 772  C CD2  . LEU A 1 12 ? -1.895  -2.854 -5.978  1.00 0.00 ? 12 LEU A CD2  3 
ATOM 773  H H    . LEU A 1 12 ? -0.692  1.134  -3.186  1.00 0.00 ? 12 LEU A H    3 
ATOM 774  H HA   . LEU A 1 12 ? -2.244  1.356  -5.592  1.00 0.00 ? 12 LEU A HA   3 
ATOM 775  H HB2  . LEU A 1 12 ? -0.181  -0.078 -5.349  1.00 0.00 ? 12 LEU A HB2  3 
ATOM 776  H HB3  . LEU A 1 12 ? -1.037  -1.173 -4.282  1.00 0.00 ? 12 LEU A HB3  3 
ATOM 777  H HG   . LEU A 1 12 ? -2.439  -0.968 -6.878  1.00 0.00 ? 12 LEU A HG   3 
ATOM 778  H HD11 . LEU A 1 12 ? -0.150  -0.398 -7.746  1.00 0.00 ? 12 LEU A HD11 3 
ATOM 779  H HD12 . LEU A 1 12 ? 0.527   -1.856 -6.980  1.00 0.00 ? 12 LEU A HD12 3 
ATOM 780  H HD13 . LEU A 1 12 ? -0.657  -2.004 -8.300  1.00 0.00 ? 12 LEU A HD13 3 
ATOM 781  H HD21 . LEU A 1 12 ? -1.079  -3.336 -5.408  1.00 0.00 ? 12 LEU A HD21 3 
ATOM 782  H HD22 . LEU A 1 12 ? -2.801  -2.887 -5.345  1.00 0.00 ? 12 LEU A HD22 3 
ATOM 783  H HD23 . LEU A 1 12 ? -2.111  -3.488 -6.856  1.00 0.00 ? 12 LEU A HD23 3 
ATOM 784  N N    . GLU A 1 13 ? -3.763  -0.608 -3.453  1.00 0.00 ? 13 GLU A N    3 
ATOM 785  C CA   . GLU A 1 13 ? -5.039  -1.259 -3.164  1.00 0.00 ? 13 GLU A CA   3 
ATOM 786  C C    . GLU A 1 13 ? -6.123  -0.229 -2.946  1.00 0.00 ? 13 GLU A C    3 
ATOM 787  O O    . GLU A 1 13 ? -7.238  -0.313 -3.478  1.00 0.00 ? 13 GLU A O    3 
ATOM 788  C CB   . GLU A 1 13 ? -4.860  -2.160 -1.910  1.00 0.00 ? 13 GLU A CB   3 
ATOM 789  C CG   . GLU A 1 13 ? -4.091  -3.510 -2.101  1.00 0.00 ? 13 GLU A CG   3 
ATOM 790  C CD   . GLU A 1 13 ? -2.995  -3.873 -1.097  1.00 0.00 ? 13 GLU A CD   3 
ATOM 791  O OE1  . GLU A 1 13 ? -2.886  -3.330 -0.006  1.00 0.00 ? 13 GLU A OE1  3 
ATOM 792  O OE2  . GLU A 1 13 ? -2.156  -4.854 -1.532  1.00 0.00 ? 13 GLU A OE2  3 
ATOM 793  H H    . GLU A 1 13 ? -2.957  -0.621 -2.760  1.00 0.00 ? 13 GLU A H    3 
ATOM 794  H HA   . GLU A 1 13 ? -5.326  -1.883 -4.030  1.00 0.00 ? 13 GLU A HA   3 
ATOM 795  H HB2  . GLU A 1 13 ? -4.347  -1.575 -1.122  1.00 0.00 ? 13 GLU A HB2  3 
ATOM 796  H HB3  . GLU A 1 13 ? -5.859  -2.373 -1.482  1.00 0.00 ? 13 GLU A HB3  3 
ATOM 797  H HG2  . GLU A 1 13 ? -4.811  -4.350 -2.102  1.00 0.00 ? 13 GLU A HG2  3 
ATOM 798  H HG3  . GLU A 1 13 ? -3.632  -3.544 -3.107  1.00 0.00 ? 13 GLU A HG3  3 
ATOM 799  N N    . ASP A 1 14 ? -5.815  0.760  -2.127  1.00 0.00 ? 14 ASP A N    3 
ATOM 800  C CA   . ASP A 1 14 ? -6.691  1.907  -1.915  1.00 0.00 ? 14 ASP A CA   3 
ATOM 801  C C    . ASP A 1 14 ? -7.081  2.570  -3.218  1.00 0.00 ? 14 ASP A C    3 
ATOM 802  O O    . ASP A 1 14 ? -8.152  3.196  -3.329  1.00 0.00 ? 14 ASP A O    3 
ATOM 803  C CB   . ASP A 1 14 ? -6.023  2.912  -0.934  1.00 0.00 ? 14 ASP A CB   3 
ATOM 804  C CG   . ASP A 1 14 ? -6.518  2.895  0.519   1.00 0.00 ? 14 ASP A CG   3 
ATOM 805  O OD1  . ASP A 1 14 ? -7.603  3.704  0.719   1.00 0.00 ? 14 ASP A OD1  3 
ATOM 806  O OD2  . ASP A 1 14 ? -6.005  2.210  1.392   1.00 0.00 ? 14 ASP A OD2  3 
ATOM 807  H H    . ASP A 1 14 ? -4.895  0.643  -1.590  1.00 0.00 ? 14 ASP A H    3 
ATOM 808  H HA   . ASP A 1 14 ? -7.628  1.535  -1.465  1.00 0.00 ? 14 ASP A HA   3 
ATOM 809  H HB2  . ASP A 1 14 ? -4.928  2.778  -0.912  1.00 0.00 ? 14 ASP A HB2  3 
ATOM 810  H HB3  . ASP A 1 14 ? -6.177  3.936  -1.325  1.00 0.00 ? 14 ASP A HB3  3 
ATOM 811  N N    . LYS A 1 15 ? -6.246  2.447  -4.230  1.00 0.00 ? 15 LYS A N    3 
ATOM 812  C CA   . LYS A 1 15 ? -6.444  3.144  -5.497  1.00 0.00 ? 15 LYS A CA   3 
ATOM 813  C C    . LYS A 1 15 ? -7.602  2.565  -6.274  1.00 0.00 ? 15 LYS A C    3 
ATOM 814  O O    . LYS A 1 15 ? -8.345  3.276  -6.969  1.00 0.00 ? 15 LYS A O    3 
ATOM 815  C CB   . LYS A 1 15 ? -5.129  3.083  -6.332  1.00 0.00 ? 15 LYS A CB   3 
ATOM 816  C CG   . LYS A 1 15 ? -5.238  2.115  -7.539  1.00 0.00 ? 15 LYS A CG   3 
ATOM 817  C CD   . LYS A 1 15 ? -4.241  2.378  -8.670  1.00 0.00 ? 15 LYS A CD   3 
ATOM 818  C CE   . LYS A 1 15 ? -3.790  3.844  -8.617  1.00 0.00 ? 15 LYS A CE   3 
ATOM 819  N NZ   . LYS A 1 15 ? -4.964  4.723  -8.758  1.00 0.00 ? 15 LYS A NZ   3 
ATOM 820  H H    . LYS A 1 15 ? -5.395  1.832  -4.064  1.00 0.00 ? 15 LYS A H    3 
ATOM 821  H HA   . LYS A 1 15 ? -6.682  4.199  -5.280  1.00 0.00 ? 15 LYS A HA   3 
ATOM 822  H HB2  . LYS A 1 15 ? -4.873  4.092  -6.697  1.00 0.00 ? 15 LYS A HB2  3 
ATOM 823  H HB3  . LYS A 1 15 ? -4.289  2.782  -5.681  1.00 0.00 ? 15 LYS A HB3  3 
ATOM 824  H HG2  . LYS A 1 15 ? -5.066  1.073  -7.208  1.00 0.00 ? 15 LYS A HG2  3 
ATOM 825  H HG3  . LYS A 1 15 ? -6.273  2.133  -7.934  1.00 0.00 ? 15 LYS A HG3  3 
ATOM 826  H HD2  . LYS A 1 15 ? -3.380  1.687  -8.581  1.00 0.00 ? 15 LYS A HD2  3 
ATOM 827  H HD3  . LYS A 1 15 ? -4.716  2.159  -9.649  1.00 0.00 ? 15 LYS A HD3  3 
ATOM 828  H HE2  . LYS A 1 15 ? -3.262  4.053  -7.662  1.00 0.00 ? 15 LYS A HE2  3 
ATOM 829  H HE3  . LYS A 1 15 ? -3.058  4.068  -9.420  1.00 0.00 ? 15 LYS A HE3  3 
ATOM 830  H HZ1  . LYS A 1 15 ? -5.694  4.237  -9.298  1.00 0.00 ? 15 LYS A HZ1  3 
ATOM 831  H HZ2  . LYS A 1 15 ? -5.329  4.962  -7.825  1.00 0.00 ? 15 LYS A HZ2  3 
ATOM 832  H HZ3  . LYS A 1 15 ? -4.689  5.586  -9.250  1.00 0.00 ? 15 LYS A HZ3  3 
ATOM 833  N N    . ALA A 1 16 ? -7.783  1.262  -6.171  1.00 0.00 ? 16 ALA A N    3 
ATOM 834  C CA   . ALA A 1 16 ? -8.842  0.566  -6.897  1.00 0.00 ? 16 ALA A CA   3 
ATOM 835  C C    . ALA A 1 16 ? -9.532  -0.446 -6.011  1.00 0.00 ? 16 ALA A C    3 
ATOM 836  O O    . ALA A 1 16 ? -9.849  -1.572 -6.417  1.00 0.00 ? 16 ALA A O    3 
ATOM 837  C CB   . ALA A 1 16 ? -8.215  -0.066 -8.151  1.00 0.00 ? 16 ALA A CB   3 
ATOM 838  H H    . ALA A 1 16 ? -7.140  0.752  -5.496  1.00 0.00 ? 16 ALA A H    3 
ATOM 839  H HA   . ALA A 1 16 ? -9.605  1.310  -7.195  1.00 0.00 ? 16 ALA A HA   3 
ATOM 840  H HB1  . ALA A 1 16 ? -7.750  0.693  -8.807  1.00 0.00 ? 16 ALA A HB1  3 
ATOM 841  H HB2  . ALA A 1 16 ? -7.428  -0.802 -7.897  1.00 0.00 ? 16 ALA A HB2  3 
ATOM 842  H HB3  . ALA A 1 16 ? -8.967  -0.596 -8.765  1.00 0.00 ? 16 ALA A HB3  3 
ATOM 843  N N    . ARG A 1 17 ? -9.791  -0.048 -4.780  1.00 0.00 ? 17 ARG A N    3 
ATOM 844  C CA   . ARG A 1 17 ? -10.557 -0.865 -3.842  1.00 0.00 ? 17 ARG A CA   3 
ATOM 845  C C    . ARG A 1 17 ? -11.329 0.000  -2.874  1.00 0.00 ? 17 ARG A C    3 
ATOM 846  O O    . ARG A 1 17 ? -11.603 -0.385 -1.727  1.00 0.00 ? 17 ARG A O    3 
ATOM 847  C CB   . ARG A 1 17 ? -9.588  -1.823 -3.097  1.00 0.00 ? 17 ARG A CB   3 
ATOM 848  C CG   . ARG A 1 17 ? -10.247 -3.109 -2.529  1.00 0.00 ? 17 ARG A CG   3 
ATOM 849  C CD   . ARG A 1 17 ? -10.342 -3.094 -0.997  1.00 0.00 ? 17 ARG A CD   3 
ATOM 850  N NE   . ARG A 1 17 ? -9.308  -4.011 -0.455  1.00 0.00 ? 17 ARG A NE   3 
ATOM 851  C CZ   . ARG A 1 17 ? -8.284  -3.652 0.309   1.00 0.00 ? 17 ARG A CZ   3 
ATOM 852  N NH1  . ARG A 1 17 ? -8.047  -2.432 0.693   1.00 0.00 ? 17 ARG A NH1  3 
ATOM 853  N NH2  . ARG A 1 17 ? -7.477  -4.576 0.693   1.00 0.00 ? 17 ARG A NH2  3 
ATOM 854  H H    . ARG A 1 17 ? -9.441  0.922  -4.519  1.00 0.00 ? 17 ARG A H    3 
ATOM 855  H HA   . ARG A 1 17 ? -11.291 -1.451 -4.425  1.00 0.00 ? 17 ARG A HA   3 
ATOM 856  H HB2  . ARG A 1 17 ? -8.767  -2.128 -3.776  1.00 0.00 ? 17 ARG A HB2  3 
ATOM 857  H HB3  . ARG A 1 17 ? -9.081  -1.271 -2.278  1.00 0.00 ? 17 ARG A HB3  3 
ATOM 858  H HG2  . ARG A 1 17 ? -11.267 -3.247 -2.939  1.00 0.00 ? 17 ARG A HG2  3 
ATOM 859  H HG3  . ARG A 1 17 ? -9.680  -4.004 -2.854  1.00 0.00 ? 17 ARG A HG3  3 
ATOM 860  H HD2  . ARG A 1 17 ? -10.190 -2.065 -0.610  1.00 0.00 ? 17 ARG A HD2  3 
ATOM 861  H HD3  . ARG A 1 17 ? -11.352 -3.415 -0.671  1.00 0.00 ? 17 ARG A HD3  3 
ATOM 862  H HE   . ARG A 1 17 ? -9.391  -5.009 -0.693  1.00 0.00 ? 17 ARG A HE   3 
ATOM 863  H HH11 . ARG A 1 17 ? -8.736  -1.763 0.348   1.00 0.00 ? 17 ARG A HH11 3 
ATOM 864  H HH12 . ARG A 1 17 ? -7.229  -2.280 1.279   1.00 0.00 ? 17 ARG A HH12 3 
ATOM 865  H HH21 . ARG A 1 17 ? -7.752  -5.495 0.338   1.00 0.00 ? 17 ARG A HH21 3 
ATOM 866  H HH22 . ARG A 1 17 ? -6.690  -4.307 1.278   1.00 0.00 ? 17 ARG A HH22 3 
ATOM 867  N N    . GLU A 1 18 ? -11.713 1.179  -3.327  1.00 0.00 ? 18 GLU A N    3 
ATOM 868  C CA   . GLU A 1 18 ? -12.369 2.168  -2.476  1.00 0.00 ? 18 GLU A CA   3 
ATOM 869  C C    . GLU A 1 18 ? -11.643 2.330  -1.161  1.00 0.00 ? 18 GLU A C    3 
ATOM 870  O O    . GLU A 1 18 ? -12.082 1.823  -0.082  1.00 0.00 ? 18 GLU A O    3 
ATOM 871  C CB   . GLU A 1 18 ? -13.844 1.727  -2.257  1.00 0.00 ? 18 GLU A CB   3 
ATOM 872  C CG   . GLU A 1 18 ? -14.223 0.258  -2.640  1.00 0.00 ? 18 GLU A CG   3 
ATOM 873  C CD   . GLU A 1 18 ? -15.690 -0.056 -2.948  1.00 0.00 ? 18 GLU A CD   3 
ATOM 874  O OE1  . GLU A 1 18 ? -16.622 0.557  -2.443  1.00 0.00 ? 18 GLU A OE1  3 
ATOM 875  O OE2  . GLU A 1 18 ? -15.857 -1.075 -3.835  1.00 0.00 ? 18 GLU A OE2  3 
ATOM 876  O OXT  . GLU A 1 18 ? -10.567 3.004  -1.200  1.00 0.00 ? 18 GLU A OXT  3 
ATOM 877  H H    . GLU A 1 18 ? -11.552 1.354  -4.365  1.00 0.00 ? 18 GLU A H    3 
ATOM 878  H HA   . GLU A 1 18 ? -12.350 3.146  -2.993  1.00 0.00 ? 18 GLU A HA   3 
ATOM 879  H HB2  . GLU A 1 18 ? -14.108 1.889  -1.193  1.00 0.00 ? 18 GLU A HB2  3 
ATOM 880  H HB3  . GLU A 1 18 ? -14.506 2.424  -2.809  1.00 0.00 ? 18 GLU A HB3  3 
ATOM 881  H HG2  . GLU A 1 18 ? -13.638 -0.059 -3.523  1.00 0.00 ? 18 GLU A HG2  3 
ATOM 882  H HG3  . GLU A 1 18 ? -13.908 -0.438 -1.840  1.00 0.00 ? 18 GLU A HG3  3 
ATOM 883  N N    . ALA A 1 1  ? 10.178  -4.294 9.843   1.00 0.00 ? 1  ALA A N    4 
ATOM 884  C CA   . ALA A 1 1  ? 11.050  -3.700 8.834   1.00 0.00 ? 1  ALA A CA   4 
ATOM 885  C C    . ALA A 1 1  ? 10.395  -3.713 7.473   1.00 0.00 ? 1  ALA A C    4 
ATOM 886  O O    . ALA A 1 1  ? 9.289   -4.238 7.281   1.00 0.00 ? 1  ALA A O    4 
ATOM 887  C CB   . ALA A 1 1  ? 12.383  -4.469 8.860   1.00 0.00 ? 1  ALA A CB   4 
ATOM 888  H H1   . ALA A 1 1  ? 9.610   -5.037 9.412   1.00 0.00 ? 1  ALA A H1   4 
ATOM 889  H H2   . ALA A 1 1  ? 10.750  -4.694 10.600  1.00 0.00 ? 1  ALA A H2   4 
ATOM 890  H H3   . ALA A 1 1  ? 9.556   -3.569 10.230  1.00 0.00 ? 1  ALA A H3   4 
ATOM 891  H HA   . ALA A 1 1  ? 11.229  -2.642 9.102   1.00 0.00 ? 1  ALA A HA   4 
ATOM 892  H HB1  . ALA A 1 1  ? 12.868  -4.416 9.854   1.00 0.00 ? 1  ALA A HB1  4 
ATOM 893  H HB2  . ALA A 1 1  ? 12.250  -5.542 8.622   1.00 0.00 ? 1  ALA A HB2  4 
ATOM 894  H HB3  . ALA A 1 1  ? 13.109  -4.060 8.133   1.00 0.00 ? 1  ALA A HB3  4 
ATOM 895  N N    . LEU A 1 2  ? 11.065  -3.117 6.505   1.00 0.00 ? 2  LEU A N    4 
ATOM 896  C CA   . LEU A 1 2  ? 10.510  -2.952 5.162   1.00 0.00 ? 2  LEU A CA   4 
ATOM 897  C C    . LEU A 1 2  ? 9.131   -2.336 5.234   1.00 0.00 ? 2  LEU A C    4 
ATOM 898  O O    . LEU A 1 2  ? 8.206   -2.665 4.480   1.00 0.00 ? 2  LEU A O    4 
ATOM 899  C CB   . LEU A 1 2  ? 10.511  -4.310 4.406   1.00 0.00 ? 2  LEU A CB   4 
ATOM 900  C CG   . LEU A 1 2  ? 11.859  -5.073 4.294   1.00 0.00 ? 2  LEU A CG   4 
ATOM 901  C CD1  . LEU A 1 2  ? 11.709  -6.499 4.840   1.00 0.00 ? 2  LEU A CD1  4 
ATOM 902  C CD2  . LEU A 1 2  ? 12.398  -5.122 2.856   1.00 0.00 ? 2  LEU A CD2  4 
ATOM 903  H H    . LEU A 1 2  ? 12.019  -2.726 6.765   1.00 0.00 ? 2  LEU A H    4 
ATOM 904  H HA   . LEU A 1 2  ? 11.138  -2.225 4.615   1.00 0.00 ? 2  LEU A HA   4 
ATOM 905  H HB2  . LEU A 1 2  ? 9.770   -4.985 4.881   1.00 0.00 ? 2  LEU A HB2  4 
ATOM 906  H HB3  . LEU A 1 2  ? 10.118  -4.144 3.384   1.00 0.00 ? 2  LEU A HB3  4 
ATOM 907  H HG   . LEU A 1 2  ? 12.607  -4.543 4.926   1.00 0.00 ? 2  LEU A HG   4 
ATOM 908  H HD11 . LEU A 1 2  ? 11.363  -6.503 5.892   1.00 0.00 ? 2  LEU A HD11 4 
ATOM 909  H HD12 . LEU A 1 2  ? 10.985  -7.099 4.256   1.00 0.00 ? 2  LEU A HD12 4 
ATOM 910  H HD13 . LEU A 1 2  ? 12.672  -7.045 4.825   1.00 0.00 ? 2  LEU A HD13 4 
ATOM 911  H HD21 . LEU A 1 2  ? 11.672  -5.571 2.152   1.00 0.00 ? 2  LEU A HD21 4 
ATOM 912  H HD22 . LEU A 1 2  ? 12.637  -4.110 2.481   1.00 0.00 ? 2  LEU A HD22 4 
ATOM 913  H HD23 . LEU A 1 2  ? 13.337  -5.703 2.785   1.00 0.00 ? 2  LEU A HD23 4 
ATOM 914  N N    . ASP A 1 3  ? 8.983   -1.397 6.155   1.00 0.00 ? 3  ASP A N    4 
ATOM 915  C CA   . ASP A 1 3  ? 7.699   -0.752 6.417   1.00 0.00 ? 3  ASP A CA   4 
ATOM 916  C C    . ASP A 1 3  ? 7.408   0.377  5.457   1.00 0.00 ? 3  ASP A C    4 
ATOM 917  O O    . ASP A 1 3  ? 6.266   0.865  5.364   1.00 0.00 ? 3  ASP A O    4 
ATOM 918  C CB   . ASP A 1 3  ? 7.644   -0.270 7.894   1.00 0.00 ? 3  ASP A CB   4 
ATOM 919  C CG   . ASP A 1 3  ? 6.671   -1.010 8.823   1.00 0.00 ? 3  ASP A CG   4 
ATOM 920  O OD1  . ASP A 1 3  ? 6.955   -2.342 8.935   1.00 0.00 ? 3  ASP A OD1  4 
ATOM 921  O OD2  . ASP A 1 3  ? 5.733   -0.460 9.381   1.00 0.00 ? 3  ASP A OD2  4 
ATOM 922  H H    . ASP A 1 3  ? 9.871   -1.110 6.675   1.00 0.00 ? 3  ASP A H    4 
ATOM 923  H HA   . ASP A 1 3  ? 6.923   -1.522 6.241   1.00 0.00 ? 3  ASP A HA   4 
ATOM 924  H HB2  . ASP A 1 3  ? 8.643   -0.310 8.361   1.00 0.00 ? 3  ASP A HB2  4 
ATOM 925  H HB3  . ASP A 1 3  ? 7.369   0.803  7.916   1.00 0.00 ? 3  ASP A HB3  4 
ATOM 926  N N    . LYS A 1 4  ? 8.412   0.839  4.738   1.00 0.00 ? 4  LYS A N    4 
ATOM 927  C CA   . LYS A 1 4  ? 8.224   1.856  3.707   1.00 0.00 ? 4  LYS A CA   4 
ATOM 928  C C    . LYS A 1 4  ? 7.636   1.251  2.455   1.00 0.00 ? 4  LYS A C    4 
ATOM 929  O O    . LYS A 1 4  ? 6.863   1.882  1.718   1.00 0.00 ? 4  LYS A O    4 
ATOM 930  C CB   . LYS A 1 4  ? 9.588   2.539  3.410   1.00 0.00 ? 4  LYS A CB   4 
ATOM 931  C CG   . LYS A 1 4  ? 9.802   3.857  4.196   1.00 0.00 ? 4  LYS A CG   4 
ATOM 932  C CD   . LYS A 1 4  ? 9.479   5.134  3.416   1.00 0.00 ? 4  LYS A CD   4 
ATOM 933  C CE   . LYS A 1 4  ? 10.237  6.313  4.041   1.00 0.00 ? 4  LYS A CE   4 
ATOM 934  N NZ   . LYS A 1 4  ? 11.623  6.323  3.541   1.00 0.00 ? 4  LYS A NZ   4 
ATOM 935  H H    . LYS A 1 4  ? 9.364   0.404  4.923   1.00 0.00 ? 4  LYS A H    4 
ATOM 936  H HA   . LYS A 1 4  ? 7.506   2.610  4.081   1.00 0.00 ? 4  LYS A HA   4 
ATOM 937  H HB2  . LYS A 1 4  ? 10.414  1.839  3.648   1.00 0.00 ? 4  LYS A HB2  4 
ATOM 938  H HB3  . LYS A 1 4  ? 9.679   2.726  2.321   1.00 0.00 ? 4  LYS A HB3  4 
ATOM 939  H HG2  . LYS A 1 4  ? 9.163   3.872  5.098   1.00 0.00 ? 4  LYS A HG2  4 
ATOM 940  H HG3  . LYS A 1 4  ? 10.845  3.898  4.572   1.00 0.00 ? 4  LYS A HG3  4 
ATOM 941  H HD2  . LYS A 1 4  ? 9.745   5.000  2.350   1.00 0.00 ? 4  LYS A HD2  4 
ATOM 942  H HD3  . LYS A 1 4  ? 8.386   5.323  3.445   1.00 0.00 ? 4  LYS A HD3  4 
ATOM 943  H HE2  . LYS A 1 4  ? 9.731   7.271  3.801   1.00 0.00 ? 4  LYS A HE2  4 
ATOM 944  H HE3  . LYS A 1 4  ? 10.242  6.244  5.149   1.00 0.00 ? 4  LYS A HE3  4 
ATOM 945  H HZ1  . LYS A 1 4  ? 11.621  6.194  2.519   1.00 0.00 ? 4  LYS A HZ1  4 
ATOM 946  H HZ2  . LYS A 1 4  ? 12.065  7.225  3.773   1.00 0.00 ? 4  LYS A HZ2  4 
ATOM 947  H HZ3  . LYS A 1 4  ? 12.153  5.558  3.982   1.00 0.00 ? 4  LYS A HZ3  4 
ATOM 948  N N    . LEU A 1 5  ? 7.996   0.009  2.190   1.00 0.00 ? 5  LEU A N    4 
ATOM 949  C CA   . LEU A 1 5  ? 7.508   -0.704 1.012   1.00 0.00 ? 5  LEU A CA   4 
ATOM 950  C C    . LEU A 1 5  ? 6.129   -1.274 1.247   1.00 0.00 ? 5  LEU A C    4 
ATOM 951  O O    . LEU A 1 5  ? 5.322   -1.438 0.319   1.00 0.00 ? 5  LEU A O    4 
ATOM 952  C CB   . LEU A 1 5  ? 8.507   -1.825 0.603   1.00 0.00 ? 5  LEU A CB   4 
ATOM 953  C CG   . LEU A 1 5  ? 9.542   -1.509 -0.510  1.00 0.00 ? 5  LEU A CG   4 
ATOM 954  C CD1  . LEU A 1 5  ? 8.853   -0.808 -1.690  1.00 0.00 ? 5  LEU A CD1  4 
ATOM 955  C CD2  . LEU A 1 5  ? 10.711  -0.647 -0.007  1.00 0.00 ? 5  LEU A CD2  4 
ATOM 956  H H    . LEU A 1 5  ? 8.691   -0.431 2.866   1.00 0.00 ? 5  LEU A H    4 
ATOM 957  H HA   . LEU A 1 5  ? 7.406   0.020  0.184   1.00 0.00 ? 5  LEU A HA   4 
ATOM 958  H HB2  . LEU A 1 5  ? 9.061   -2.154 1.505   1.00 0.00 ? 5  LEU A HB2  4 
ATOM 959  H HB3  . LEU A 1 5  ? 7.926   -2.716 0.293   1.00 0.00 ? 5  LEU A HB3  4 
ATOM 960  H HG   . LEU A 1 5  ? 9.955   -2.471 -0.881  1.00 0.00 ? 5  LEU A HG   4 
ATOM 961  H HD11 . LEU A 1 5  ? 8.030   -1.419 -2.108  1.00 0.00 ? 5  LEU A HD11 4 
ATOM 962  H HD12 . LEU A 1 5  ? 8.420   0.169  -1.402  1.00 0.00 ? 5  LEU A HD12 4 
ATOM 963  H HD13 . LEU A 1 5  ? 9.558   -0.619 -2.520  1.00 0.00 ? 5  LEU A HD13 4 
ATOM 964  H HD21 . LEU A 1 5  ? 10.367  0.300  0.449   1.00 0.00 ? 5  LEU A HD21 4 
ATOM 965  H HD22 . LEU A 1 5  ? 11.304  -1.183 0.757   1.00 0.00 ? 5  LEU A HD22 4 
ATOM 966  H HD23 . LEU A 1 5  ? 11.417  -0.392 -0.818  1.00 0.00 ? 5  LEU A HD23 4 
ATOM 967  N N    . LYS A 1 6  ? 5.836   -1.606 2.490   1.00 0.00 ? 6  LYS A N    4 
ATOM 968  C CA   . LYS A 1 6  ? 4.515   -2.112 2.861   1.00 0.00 ? 6  LYS A CA   4 
ATOM 969  C C    . LYS A 1 6  ? 3.476   -1.016 2.846   1.00 0.00 ? 6  LYS A C    4 
ATOM 970  O O    . LYS A 1 6  ? 2.328   -1.205 2.418   1.00 0.00 ? 6  LYS A O    4 
ATOM 971  C CB   . LYS A 1 6  ? 4.604   -2.771 4.265   1.00 0.00 ? 6  LYS A CB   4 
ATOM 972  C CG   . LYS A 1 6  ? 5.607   -3.951 4.322   1.00 0.00 ? 6  LYS A CG   4 
ATOM 973  C CD   . LYS A 1 6  ? 6.224   -4.205 5.701   1.00 0.00 ? 6  LYS A CD   4 
ATOM 974  C CE   . LYS A 1 6  ? 5.906   -5.638 6.143   1.00 0.00 ? 6  LYS A CE   4 
ATOM 975  N NZ   . LYS A 1 6  ? 5.343   -5.617 7.505   1.00 0.00 ? 6  LYS A NZ   4 
ATOM 976  H H    . LYS A 1 6  ? 6.626   -1.527 3.197   1.00 0.00 ? 6  LYS A H    4 
ATOM 977  H HA   . LYS A 1 6  ? 4.210   -2.859 2.106   1.00 0.00 ? 6  LYS A HA   4 
ATOM 978  H HB2  . LYS A 1 6  ? 4.900   -2.010 5.014   1.00 0.00 ? 6  LYS A HB2  4 
ATOM 979  H HB3  . LYS A 1 6  ? 3.596   -3.106 4.584   1.00 0.00 ? 6  LYS A HB3  4 
ATOM 980  H HG2  . LYS A 1 6  ? 5.107   -4.891 4.023   1.00 0.00 ? 6  LYS A HG2  4 
ATOM 981  H HG3  . LYS A 1 6  ? 6.408   -3.791 3.573   1.00 0.00 ? 6  LYS A HG3  4 
ATOM 982  H HD2  . LYS A 1 6  ? 7.317   -4.027 5.660   1.00 0.00 ? 6  LYS A HD2  4 
ATOM 983  H HD3  . LYS A 1 6  ? 5.818   -3.478 6.433   1.00 0.00 ? 6  LYS A HD3  4 
ATOM 984  H HE2  . LYS A 1 6  ? 5.192   -6.113 5.438   1.00 0.00 ? 6  LYS A HE2  4 
ATOM 985  H HE3  . LYS A 1 6  ? 6.815   -6.274 6.126   1.00 0.00 ? 6  LYS A HE3  4 
ATOM 986  H HZ1  . LYS A 1 6  ? 5.593   -4.731 7.966   1.00 0.00 ? 6  LYS A HZ1  4 
ATOM 987  H HZ2  . LYS A 1 6  ? 4.317   -5.701 7.455   1.00 0.00 ? 6  LYS A HZ2  4 
ATOM 988  H HZ3  . LYS A 1 6  ? 5.725   -6.405 8.047   1.00 0.00 ? 6  LYS A HZ3  4 
ATOM 989  N N    . GLU A 1 7  ? 3.870   0.158  3.302   1.00 0.00 ? 7  GLU A N    4 
ATOM 990  C CA   . GLU A 1 7  ? 3.017   1.342  3.217   1.00 0.00 ? 7  GLU A CA   4 
ATOM 991  C C    . GLU A 1 7  ? 2.588   1.563  1.782   1.00 0.00 ? 7  GLU A C    4 
ATOM 992  O O    . GLU A 1 7  ? 1.465   1.976  1.468   1.00 0.00 ? 7  GLU A O    4 
ATOM 993  C CB   . GLU A 1 7  ? 3.825   2.560  3.745   1.00 0.00 ? 7  GLU A CB   4 
ATOM 994  C CG   . GLU A 1 7  ? 4.184   3.687  2.721   1.00 0.00 ? 7  GLU A CG   4 
ATOM 995  C CD   . GLU A 1 7  ? 4.632   5.046  3.263   1.00 0.00 ? 7  GLU A CD   4 
ATOM 996  O OE1  . GLU A 1 7  ? 5.249   5.174  4.312   1.00 0.00 ? 7  GLU A OE1  4 
ATOM 997  O OE2  . GLU A 1 7  ? 4.277   6.097  2.472   1.00 0.00 ? 7  GLU A OE2  4 
ATOM 998  H H    . GLU A 1 7  ? 4.866   0.202  3.672   1.00 0.00 ? 7  GLU A H    4 
ATOM 999  H HA   . GLU A 1 7  ? 2.114   1.190  3.834   1.00 0.00 ? 7  GLU A HA   4 
ATOM 1000 H HB2  . GLU A 1 7  ? 3.268   3.018  4.586   1.00 0.00 ? 7  GLU A HB2  4 
ATOM 1001 H HB3  . GLU A 1 7  ? 4.759   2.189  4.213   1.00 0.00 ? 7  GLU A HB3  4 
ATOM 1002 H HG2  . GLU A 1 7  ? 4.989   3.328  2.048   1.00 0.00 ? 7  GLU A HG2  4 
ATOM 1003 H HG3  . GLU A 1 7  ? 3.330   3.877  2.045   1.00 0.00 ? 7  GLU A HG3  4 
ATOM 1004 N N    . PHE A 1 8  ? 3.516   1.296  0.875   1.00 0.00 ? 8  PHE A N    4 
ATOM 1005 C CA   . PHE A 1 8  ? 3.314   1.557  -0.547  1.00 0.00 ? 8  PHE A CA   4 
ATOM 1006 C C    . PHE A 1 8  ? 2.242   0.663  -1.123  1.00 0.00 ? 8  PHE A C    4 
ATOM 1007 O O    . PHE A 1 8  ? 1.430   1.071  -1.964  1.00 0.00 ? 8  PHE A O    4 
ATOM 1008 C CB   . PHE A 1 8  ? 4.642   1.303  -1.327  1.00 0.00 ? 8  PHE A CB   4 
ATOM 1009 C CG   . PHE A 1 8  ? 4.627   1.610  -2.832  1.00 0.00 ? 8  PHE A CG   4 
ATOM 1010 C CD1  . PHE A 1 8  ? 3.875   2.687  -3.313  1.00 0.00 ? 8  PHE A CD1  4 
ATOM 1011 C CD2  . PHE A 1 8  ? 5.308   0.788  -3.735  1.00 0.00 ? 8  PHE A CD2  4 
ATOM 1012 C CE1  . PHE A 1 8  ? 3.818   2.950  -4.677  1.00 0.00 ? 8  PHE A CE1  4 
ATOM 1013 C CE2  . PHE A 1 8  ? 5.248   1.052  -5.102  1.00 0.00 ? 8  PHE A CE2  4 
ATOM 1014 C CZ   . PHE A 1 8  ? 4.507   2.133  -5.572  1.00 0.00 ? 8  PHE A CZ   4 
ATOM 1015 H H    . PHE A 1 8  ? 4.432   0.886  1.251   1.00 0.00 ? 8  PHE A H    4 
ATOM 1016 H HA   . PHE A 1 8  ? 2.998   2.609  -0.676  1.00 0.00 ? 8  PHE A HA   4 
ATOM 1017 H HB2  . PHE A 1 8  ? 5.463   1.876  -0.848  1.00 0.00 ? 8  PHE A HB2  4 
ATOM 1018 H HB3  . PHE A 1 8  ? 4.949   0.247  -1.186  1.00 0.00 ? 8  PHE A HB3  4 
ATOM 1019 H HD1  . PHE A 1 8  ? 3.308   3.304  -2.628  1.00 0.00 ? 8  PHE A HD1  4 
ATOM 1020 H HD2  . PHE A 1 8  ? 5.871   -0.063 -3.379  1.00 0.00 ? 8  PHE A HD2  4 
ATOM 1021 H HE1  . PHE A 1 8  ? 3.251   3.797  -5.037  1.00 0.00 ? 8  PHE A HE1  4 
ATOM 1022 H HE2  . PHE A 1 8  ? 5.782   0.418  -5.795  1.00 0.00 ? 8  PHE A HE2  4 
ATOM 1023 H HZ   . PHE A 1 8  ? 4.466   2.343  -6.630  1.00 0.00 ? 8  PHE A HZ   4 
ATOM 1024 N N    . GLY A 1 9  ? 2.245   -0.587 -0.697  1.00 0.00 ? 9  GLY A N    4 
ATOM 1025 C CA   . GLY A 1 9  ? 1.261   -1.564 -1.153  1.00 0.00 ? 9  GLY A CA   4 
ATOM 1026 C C    . GLY A 1 9  ? -0.132  -1.270 -0.645  1.00 0.00 ? 9  GLY A C    4 
ATOM 1027 O O    . GLY A 1 9  ? -1.136  -1.745 -1.204  1.00 0.00 ? 9  GLY A O    4 
ATOM 1028 H H    . GLY A 1 9  ? 3.041   -0.851 -0.041  1.00 0.00 ? 9  GLY A H    4 
ATOM 1029 H HA2  . GLY A 1 9  ? 1.241   -1.584 -2.260  1.00 0.00 ? 9  GLY A HA2  4 
ATOM 1030 H HA3  . GLY A 1 9  ? 1.551   -2.582 -0.825  1.00 0.00 ? 9  GLY A HA3  4 
ATOM 1031 N N    . ASN A 1 10 ? -0.234  -0.512 0.428   1.00 0.00 ? 10 ASN A N    4 
ATOM 1032 C CA   . ASN A 1 10 ? -1.522  -0.064 0.954   1.00 0.00 ? 10 ASN A CA   4 
ATOM 1033 C C    . ASN A 1 10 ? -2.115  1.064  0.144   1.00 0.00 ? 10 ASN A C    4 
ATOM 1034 O O    . ASN A 1 10 ? -3.322  1.352  0.220   1.00 0.00 ? 10 ASN A O    4 
ATOM 1035 C CB   . ASN A 1 10 ? -1.335  0.372  2.439   1.00 0.00 ? 10 ASN A CB   4 
ATOM 1036 C CG   . ASN A 1 10 ? -2.600  0.683  3.244   1.00 0.00 ? 10 ASN A CG   4 
ATOM 1037 O OD1  . ASN A 1 10 ? -3.112  1.794  3.253   1.00 0.00 ? 10 ASN A OD1  4 
ATOM 1038 N ND2  . ASN A 1 10 ? -3.152  -0.272 3.943   1.00 0.00 ? 10 ASN A ND2  4 
ATOM 1039 H H    . ASN A 1 10 ? 0.682   -0.279 0.921   1.00 0.00 ? 10 ASN A H    4 
ATOM 1040 H HA   . ASN A 1 10 ? -2.235  -0.910 0.890   1.00 0.00 ? 10 ASN A HA   4 
ATOM 1041 H HB2  . ASN A 1 10 ? -0.792  -0.426 2.986   1.00 0.00 ? 10 ASN A HB2  4 
ATOM 1042 H HB3  . ASN A 1 10 ? -0.659  1.246  2.495   1.00 0.00 ? 10 ASN A HB3  4 
ATOM 1043 H HD21 . ASN A 1 10 ? -2.661  -1.165 3.980   1.00 0.00 ? 10 ASN A HD21 4 
ATOM 1044 H HD22 . ASN A 1 10 ? -3.940  0.060  4.506   1.00 0.00 ? 10 ASN A HD22 4 
ATOM 1045 N N    . THR A 1 11 ? -1.290  1.748  -0.624  1.00 0.00 ? 11 THR A N    4 
ATOM 1046 C CA   . THR A 1 11 ? -1.750  2.772  -1.559  1.00 0.00 ? 11 THR A CA   4 
ATOM 1047 C C    . THR A 1 11 ? -2.344  2.136  -2.795  1.00 0.00 ? 11 THR A C    4 
ATOM 1048 O O    . THR A 1 11 ? -3.414  2.516  -3.285  1.00 0.00 ? 11 THR A O    4 
ATOM 1049 C CB   . THR A 1 11 ? -0.562  3.712  -1.956  1.00 0.00 ? 11 THR A CB   4 
ATOM 1050 O OG1  . THR A 1 11 ? -0.452  4.804  -1.053  1.00 0.00 ? 11 THR A OG1  4 
ATOM 1051 C CG2  . THR A 1 11 ? -0.657  4.376  -3.349  1.00 0.00 ? 11 THR A CG2  4 
ATOM 1052 H H    . THR A 1 11 ? -0.253  1.535  -0.497  1.00 0.00 ? 11 THR A H    4 
ATOM 1053 H HA   . THR A 1 11 ? -2.545  3.370  -1.077  1.00 0.00 ? 11 THR A HA   4 
ATOM 1054 H HB   . THR A 1 11 ? 0.376   3.116  -1.919  1.00 0.00 ? 11 THR A HB   4 
ATOM 1055 H HG1  . THR A 1 11 ? 0.334   5.292  -1.316  1.00 0.00 ? 11 THR A HG1  4 
ATOM 1056 H HG21 . THR A 1 11 ? -1.573  4.988  -3.450  1.00 0.00 ? 11 THR A HG21 4 
ATOM 1057 H HG22 . THR A 1 11 ? 0.205   5.037  -3.556  1.00 0.00 ? 11 THR A HG22 4 
ATOM 1058 H HG23 . THR A 1 11 ? -0.669  3.634  -4.170  1.00 0.00 ? 11 THR A HG23 4 
ATOM 1059 N N    . LEU A 1 12 ? -1.626  1.171  -3.342  1.00 0.00 ? 12 LEU A N    4 
ATOM 1060 C CA   . LEU A 1 12 ? -2.103  0.375  -4.468  1.00 0.00 ? 12 LEU A CA   4 
ATOM 1061 C C    . LEU A 1 12 ? -3.472  -0.214 -4.213  1.00 0.00 ? 12 LEU A C    4 
ATOM 1062 O O    . LEU A 1 12 ? -4.380  -0.140 -5.056  1.00 0.00 ? 12 LEU A O    4 
ATOM 1063 C CB   . LEU A 1 12 ? -1.079  -0.752 -4.800  1.00 0.00 ? 12 LEU A CB   4 
ATOM 1064 C CG   . LEU A 1 12 ? -1.414  -1.729 -5.958  1.00 0.00 ? 12 LEU A CG   4 
ATOM 1065 C CD1  . LEU A 1 12 ? -0.190  -2.065 -6.827  1.00 0.00 ? 12 LEU A CD1  4 
ATOM 1066 C CD2  . LEU A 1 12 ? -2.020  -3.023 -5.398  1.00 0.00 ? 12 LEU A CD2  4 
ATOM 1067 H H    . LEU A 1 12 ? -0.644  1.043  -2.936  1.00 0.00 ? 12 LEU A H    4 
ATOM 1068 H HA   . LEU A 1 12 ? -2.219  1.045  -5.341  1.00 0.00 ? 12 LEU A HA   4 
ATOM 1069 H HB2  . LEU A 1 12 ? -0.095  -0.286 -5.015  1.00 0.00 ? 12 LEU A HB2  4 
ATOM 1070 H HB3  . LEU A 1 12 ? -0.908  -1.343 -3.879  1.00 0.00 ? 12 LEU A HB3  4 
ATOM 1071 H HG   . LEU A 1 12 ? -2.178  -1.248 -6.605  1.00 0.00 ? 12 LEU A HG   4 
ATOM 1072 H HD11 . LEU A 1 12 ? 0.342   -1.147 -7.139  1.00 0.00 ? 12 LEU A HD11 4 
ATOM 1073 H HD12 . LEU A 1 12 ? 0.551   -2.676 -6.279  1.00 0.00 ? 12 LEU A HD12 4 
ATOM 1074 H HD13 . LEU A 1 12 ? -0.466  -2.614 -7.746  1.00 0.00 ? 12 LEU A HD13 4 
ATOM 1075 H HD21 . LEU A 1 12 ? -2.880  -2.821 -4.732  1.00 0.00 ? 12 LEU A HD21 4 
ATOM 1076 H HD22 . LEU A 1 12 ? -2.379  -3.699 -6.198  1.00 0.00 ? 12 LEU A HD22 4 
ATOM 1077 H HD23 . LEU A 1 12 ? -1.285  -3.592 -4.798  1.00 0.00 ? 12 LEU A HD23 4 
ATOM 1078 N N    . GLU A 1 13 ? -3.640  -0.832 -3.060  1.00 0.00 ? 13 GLU A N    4 
ATOM 1079 C CA   . GLU A 1 13 ? -4.897  -1.489 -2.708  1.00 0.00 ? 13 GLU A CA   4 
ATOM 1080 C C    . GLU A 1 13 ? -6.007  -0.470 -2.583  1.00 0.00 ? 13 GLU A C    4 
ATOM 1081 O O    . GLU A 1 13 ? -7.085  -0.581 -3.185  1.00 0.00 ? 13 GLU A O    4 
ATOM 1082 C CB   . GLU A 1 13 ? -4.694  -2.268 -1.379  1.00 0.00 ? 13 GLU A CB   4 
ATOM 1083 C CG   . GLU A 1 13 ? -3.899  -3.614 -1.450  1.00 0.00 ? 13 GLU A CG   4 
ATOM 1084 C CD   . GLU A 1 13 ? -2.785  -3.856 -0.428  1.00 0.00 ? 13 GLU A CD   4 
ATOM 1085 O OE1  . GLU A 1 13 ? -2.837  -3.444 0.723   1.00 0.00 ? 13 GLU A OE1  4 
ATOM 1086 O OE2  . GLU A 1 13 ? -1.737  -4.573 -0.920  1.00 0.00 ? 13 GLU A OE2  4 
ATOM 1087 H H    . GLU A 1 13 ? -2.819  -0.786 -2.384  1.00 0.00 ? 13 GLU A H    4 
ATOM 1088 H HA   . GLU A 1 13 ? -5.172  -2.193 -3.514  1.00 0.00 ? 13 GLU A HA   4 
ATOM 1089 H HB2  . GLU A 1 13 ? -4.191  -1.603 -0.650  1.00 0.00 ? 13 GLU A HB2  4 
ATOM 1090 H HB3  . GLU A 1 13 ? -5.687  -2.461 -0.926  1.00 0.00 ? 13 GLU A HB3  4 
ATOM 1091 H HG2  . GLU A 1 13 ? -4.600  -4.464 -1.363  1.00 0.00 ? 13 GLU A HG2  4 
ATOM 1092 H HG3  . GLU A 1 13 ? -3.448  -3.734 -2.453  1.00 0.00 ? 13 GLU A HG3  4 
ATOM 1093 N N    . ASP A 1 14 ? -5.765  0.542  -1.770  1.00 0.00 ? 14 ASP A N    4 
ATOM 1094 C CA   . ASP A 1 14 ? -6.665  1.683  -1.647  1.00 0.00 ? 14 ASP A CA   4 
ATOM 1095 C C    . ASP A 1 14 ? -7.077  2.219  -2.999  1.00 0.00 ? 14 ASP A C    4 
ATOM 1096 O O    . ASP A 1 14 ? -8.170  2.791  -3.162  1.00 0.00 ? 14 ASP A O    4 
ATOM 1097 C CB   . ASP A 1 14 ? -6.012  2.781  -0.760  1.00 0.00 ? 14 ASP A CB   4 
ATOM 1098 C CG   . ASP A 1 14 ? -6.478  2.859  0.701   1.00 0.00 ? 14 ASP A CG   4 
ATOM 1099 O OD1  . ASP A 1 14 ? -7.491  3.451  1.046   1.00 0.00 ? 14 ASP A OD1  4 
ATOM 1100 O OD2  . ASP A 1 14 ? -5.658  2.180  1.558   1.00 0.00 ? 14 ASP A OD2  4 
ATOM 1101 H H    . ASP A 1 14 ? -4.882  0.454  -1.174  1.00 0.00 ? 14 ASP A H    4 
ATOM 1102 H HA   . ASP A 1 14 ? -7.590  1.329  -1.157  1.00 0.00 ? 14 ASP A HA   4 
ATOM 1103 H HB2  . ASP A 1 14 ? -4.913  2.683  -0.752  1.00 0.00 ? 14 ASP A HB2  4 
ATOM 1104 H HB3  . ASP A 1 14 ? -6.207  3.765  -1.224  1.00 0.00 ? 14 ASP A HB3  4 
ATOM 1105 N N    . LYS A 1 15 ? -6.236  2.040  -4.000  1.00 0.00 ? 15 LYS A N    4 
ATOM 1106 C CA   . LYS A 1 15 ? -6.472  2.612  -5.323  1.00 0.00 ? 15 LYS A CA   4 
ATOM 1107 C C    . LYS A 1 15 ? -7.754  2.092  -5.925  1.00 0.00 ? 15 LYS A C    4 
ATOM 1108 O O    . LYS A 1 15 ? -8.588  2.846  -6.447  1.00 0.00 ? 15 LYS A O    4 
ATOM 1109 C CB   . LYS A 1 15 ? -5.262  2.302  -6.249  1.00 0.00 ? 15 LYS A CB   4 
ATOM 1110 C CG   . LYS A 1 15 ? -4.306  3.509  -6.430  1.00 0.00 ? 15 LYS A CG   4 
ATOM 1111 C CD   . LYS A 1 15 ? -4.724  4.502  -7.518  1.00 0.00 ? 15 LYS A CD   4 
ATOM 1112 C CE   . LYS A 1 15 ? -3.501  5.315  -7.960  1.00 0.00 ? 15 LYS A CE   4 
ATOM 1113 N NZ   . LYS A 1 15 ? -3.940  6.430  -8.818  1.00 0.00 ? 15 LYS A NZ   4 
ATOM 1114 H H    . LYS A 1 15 ? -5.358  1.485  -3.777  1.00 0.00 ? 15 LYS A H    4 
ATOM 1115 H HA   . LYS A 1 15 ? -6.578  3.708  -5.211  1.00 0.00 ? 15 LYS A HA   4 
ATOM 1116 H HB2  . LYS A 1 15 ? -4.692  1.445  -5.842  1.00 0.00 ? 15 LYS A HB2  4 
ATOM 1117 H HB3  . LYS A 1 15 ? -5.628  1.960  -7.238  1.00 0.00 ? 15 LYS A HB3  4 
ATOM 1118 H HG2  . LYS A 1 15 ? -4.237  4.087  -5.490  1.00 0.00 ? 15 LYS A HG2  4 
ATOM 1119 H HG3  . LYS A 1 15 ? -3.280  3.142  -6.627  1.00 0.00 ? 15 LYS A HG3  4 
ATOM 1120 H HD2  . LYS A 1 15 ? -5.176  3.955  -8.370  1.00 0.00 ? 15 LYS A HD2  4 
ATOM 1121 H HD3  . LYS A 1 15 ? -5.513  5.177  -7.127  1.00 0.00 ? 15 LYS A HD3  4 
ATOM 1122 H HE2  . LYS A 1 15 ? -2.950  5.701  -7.076  1.00 0.00 ? 15 LYS A HE2  4 
ATOM 1123 H HE3  . LYS A 1 15 ? -2.778  4.682  -8.514  1.00 0.00 ? 15 LYS A HE3  4 
ATOM 1124 H HZ1  . LYS A 1 15 ? -4.692  6.107  -9.443  1.00 0.00 ? 15 LYS A HZ1  4 
ATOM 1125 H HZ2  . LYS A 1 15 ? -4.289  7.200  -8.230  1.00 0.00 ? 15 LYS A HZ2  4 
ATOM 1126 H HZ3  . LYS A 1 15 ? -3.144  6.764  -9.382  1.00 0.00 ? 15 LYS A HZ3  4 
ATOM 1127 N N    . ALA A 1 16 ? -7.929  0.784  -5.879  1.00 0.00 ? 16 ALA A N    4 
ATOM 1128 C CA   . ALA A 1 16 ? -9.079  0.137  -6.507  1.00 0.00 ? 16 ALA A CA   4 
ATOM 1129 C C    . ALA A 1 16 ? -9.737  -0.838 -5.557  1.00 0.00 ? 16 ALA A C    4 
ATOM 1130 O O    . ALA A 1 16 ? -10.148 -1.948 -5.923  1.00 0.00 ? 16 ALA A O    4 
ATOM 1131 C CB   . ALA A 1 16 ? -8.599  -0.525 -7.808  1.00 0.00 ? 16 ALA A CB   4 
ATOM 1132 H H    . ALA A 1 16 ? -7.211  0.232  -5.324  1.00 0.00 ? 16 ALA A H    4 
ATOM 1133 H HA   . ALA A 1 16 ? -9.828  0.919  -6.733  1.00 0.00 ? 16 ALA A HA   4 
ATOM 1134 H HB1  . ALA A 1 16 ? -8.156  0.210  -8.505  1.00 0.00 ? 16 ALA A HB1  4 
ATOM 1135 H HB2  . ALA A 1 16 ? -7.829  -1.299 -7.622  1.00 0.00 ? 16 ALA A HB2  4 
ATOM 1136 H HB3  . ALA A 1 16 ? -9.428  -1.017 -8.350  1.00 0.00 ? 16 ALA A HB3  4 
ATOM 1137 N N    . ARG A 1 17 ? -9.861  -0.419 -4.308  1.00 0.00 ? 17 ARG A N    4 
ATOM 1138 C CA   . ARG A 1 17 ? -10.584 -1.193 -3.302  1.00 0.00 ? 17 ARG A CA   4 
ATOM 1139 C C    . ARG A 1 17 ? -12.076 -0.998 -3.446  1.00 0.00 ? 17 ARG A C    4 
ATOM 1140 O O    . ARG A 1 17 ? -12.869 -1.948 -3.403  1.00 0.00 ? 17 ARG A O    4 
ATOM 1141 C CB   . ARG A 1 17 ? -10.095 -0.781 -1.886  1.00 0.00 ? 17 ARG A CB   4 
ATOM 1142 C CG   . ARG A 1 17 ? -10.761 -1.552 -0.715  1.00 0.00 ? 17 ARG A CG   4 
ATOM 1143 C CD   . ARG A 1 17 ? -10.497 -3.063 -0.773  1.00 0.00 ? 17 ARG A CD   4 
ATOM 1144 N NE   . ARG A 1 17 ? -11.803 -3.767 -0.706  1.00 0.00 ? 17 ARG A NE   4 
ATOM 1145 C CZ   . ARG A 1 17 ? -12.226 -4.512 0.305   1.00 0.00 ? 17 ARG A CZ   4 
ATOM 1146 N NH1  . ARG A 1 17 ? -11.544 -4.732 1.390   1.00 0.00 ? 17 ARG A NH1  4 
ATOM 1147 N NH2  . ARG A 1 17 ? -13.390 -5.050 0.201   1.00 0.00 ? 17 ARG A NH2  4 
ATOM 1148 H H    . ARG A 1 17 ? -9.370  0.494  -4.077  1.00 0.00 ? 17 ARG A H    4 
ATOM 1149 H HA   . ARG A 1 17 ? -10.367 -2.263 -3.473  1.00 0.00 ? 17 ARG A HA   4 
ATOM 1150 H HB2  . ARG A 1 17 ? -8.999  -0.923 -1.814  1.00 0.00 ? 17 ARG A HB2  4 
ATOM 1151 H HB3  . ARG A 1 17 ? -10.243 0.310  -1.744  1.00 0.00 ? 17 ARG A HB3  4 
ATOM 1152 H HG2  . ARG A 1 17 ? -10.404 -1.174 0.265   1.00 0.00 ? 17 ARG A HG2  4 
ATOM 1153 H HG3  . ARG A 1 17 ? -11.855 -1.369 -0.713  1.00 0.00 ? 17 ARG A HG3  4 
ATOM 1154 H HD2  . ARG A 1 17 ? -9.962  -3.326 -1.707  1.00 0.00 ? 17 ARG A HD2  4 
ATOM 1155 H HD3  . ARG A 1 17 ? -9.848  -3.373 0.072   1.00 0.00 ? 17 ARG A HD3  4 
ATOM 1156 H HE   . ARG A 1 17 ? -12.433 -3.668 -1.515  1.00 0.00 ? 17 ARG A HE   4 
ATOM 1157 H HH11 . ARG A 1 17 ? -10.636 -4.266 1.393   1.00 0.00 ? 17 ARG A HH11 4 
ATOM 1158 H HH12 . ARG A 1 17 ? -11.976 -5.322 2.099   1.00 0.00 ? 17 ARG A HH12 4 
ATOM 1159 H HH21 . ARG A 1 17 ? -13.840 -4.815 -0.685  1.00 0.00 ? 17 ARG A HH21 4 
ATOM 1160 H HH22 . ARG A 1 17 ? -13.720 -5.624 0.973   1.00 0.00 ? 17 ARG A HH22 4 
ATOM 1161 N N    . GLU A 1 18 ? -12.478 0.243  -3.646  1.00 0.00 ? 18 GLU A N    4 
ATOM 1162 C CA   . GLU A 1 18 ? -13.888 0.609  -3.745  1.00 0.00 ? 18 GLU A CA   4 
ATOM 1163 C C    . GLU A 1 18 ? -14.702 -0.025 -2.641  1.00 0.00 ? 18 GLU A C    4 
ATOM 1164 O O    . GLU A 1 18 ? -15.466 -1.017 -2.851  1.00 0.00 ? 18 GLU A O    4 
ATOM 1165 C CB   . GLU A 1 18 ? -14.407 0.183  -5.147  1.00 0.00 ? 18 GLU A CB   4 
ATOM 1166 C CG   . GLU A 1 18 ? -13.507 -0.782 -5.988  1.00 0.00 ? 18 GLU A CG   4 
ATOM 1167 C CD   . GLU A 1 18 ? -13.683 -0.794 -7.510  1.00 0.00 ? 18 GLU A CD   4 
ATOM 1168 O OE1  . GLU A 1 18 ? -14.915 -1.207 -7.916  1.00 0.00 ? 18 GLU A OE1  4 
ATOM 1169 O OE2  . GLU A 1 18 ? -12.795 -0.462 -8.285  1.00 0.00 ? 18 GLU A OE2  4 
ATOM 1170 O OXT  . GLU A 1 18 ? -14.574 0.494  -1.488  1.00 0.00 ? 18 GLU A OXT  4 
ATOM 1171 H H    . GLU A 1 18 ? -11.704 0.968  -3.771  1.00 0.00 ? 18 GLU A H    4 
ATOM 1172 H HA   . GLU A 1 18 ? -13.976 1.706  -3.636  1.00 0.00 ? 18 GLU A HA   4 
ATOM 1173 H HB2  . GLU A 1 18 ? -15.404 -0.285 -5.031  1.00 0.00 ? 18 GLU A HB2  4 
ATOM 1174 H HB3  . GLU A 1 18 ? -14.605 1.097  -5.742  1.00 0.00 ? 18 GLU A HB3  4 
ATOM 1175 H HG2  . GLU A 1 18 ? -12.440 -0.562 -5.794  1.00 0.00 ? 18 GLU A HG2  4 
ATOM 1176 H HG3  . GLU A 1 18 ? -13.637 -1.824 -5.644  1.00 0.00 ? 18 GLU A HG3  4 
ATOM 1177 N N    . ALA A 1 1  ? 9.720   -3.933 10.160  1.00 0.00 ? 1  ALA A N    5 
ATOM 1178 C CA   . ALA A 1 1  ? 10.660  -3.384 9.187   1.00 0.00 ? 1  ALA A CA   5 
ATOM 1179 C C    . ALA A 1 1  ? 10.092  -3.440 7.789   1.00 0.00 ? 1  ALA A C    5 
ATOM 1180 O O    . ALA A 1 1  ? 8.981   -3.934 7.548   1.00 0.00 ? 1  ALA A O    5 
ATOM 1181 C CB   . ALA A 1 1  ? 11.979  -4.161 9.326   1.00 0.00 ? 1  ALA A CB   5 
ATOM 1182 H H1   . ALA A 1 1  ? 8.760   -3.658 9.903   1.00 0.00 ? 1  ALA A H1   5 
ATOM 1183 H H2   . ALA A 1 1  ? 9.793   -4.960 10.165  1.00 0.00 ? 1  ALA A H2   5 
ATOM 1184 H H3   . ALA A 1 1  ? 9.942   -3.568 11.097  1.00 0.00 ? 1  ALA A H3   5 
ATOM 1185 H HA   . ALA A 1 1  ? 10.832  -2.317 9.427   1.00 0.00 ? 1  ALA A HA   5 
ATOM 1186 H HB1  . ALA A 1 1  ? 12.401  -4.077 10.345  1.00 0.00 ? 1  ALA A HB1  5 
ATOM 1187 H HB2  . ALA A 1 1  ? 11.852  -5.241 9.117   1.00 0.00 ? 1  ALA A HB2  5 
ATOM 1188 H HB3  . ALA A 1 1  ? 12.755  -3.785 8.631   1.00 0.00 ? 1  ALA A HB3  5 
ATOM 1189 N N    . LEU A 1 2  ? 10.843  -2.913 6.840   1.00 0.00 ? 2  LEU A N    5 
ATOM 1190 C CA   . LEU A 1 2  ? 10.389  -2.805 5.455   1.00 0.00 ? 2  LEU A CA   5 
ATOM 1191 C C    . LEU A 1 2  ? 9.031   -2.142 5.393   1.00 0.00 ? 2  LEU A C    5 
ATOM 1192 O O    . LEU A 1 2  ? 8.156   -2.491 4.590   1.00 0.00 ? 2  LEU A O    5 
ATOM 1193 C CB   . LEU A 1 2  ? 10.386  -4.203 4.776   1.00 0.00 ? 2  LEU A CB   5 
ATOM 1194 C CG   . LEU A 1 2  ? 11.690  -5.044 4.849   1.00 0.00 ? 2  LEU A CG   5 
ATOM 1195 C CD1  . LEU A 1 2  ? 11.422  -6.372 5.570   1.00 0.00 ? 2  LEU A CD1  5 
ATOM 1196 C CD2  . LEU A 1 2  ? 12.300  -5.319 3.466   1.00 0.00 ? 2  LEU A CD2  5 
ATOM 1197 H H    . LEU A 1 2  ? 11.788  -2.535 7.147   1.00 0.00 ? 2  LEU A H    5 
ATOM 1198 H HA   . LEU A 1 2  ? 11.080  -2.131 4.916   1.00 0.00 ? 2  LEU A HA   5 
ATOM 1199 H HB2  . LEU A 1 2  ? 9.561   -4.807 5.205   1.00 0.00 ? 2  LEU A HB2  5 
ATOM 1200 H HB3  . LEU A 1 2  ? 10.109  -4.075 3.710   1.00 0.00 ? 2  LEU A HB3  5 
ATOM 1201 H HG   . LEU A 1 2  ? 12.434  -4.475 5.451   1.00 0.00 ? 2  LEU A HG   5 
ATOM 1202 H HD11 . LEU A 1 2  ? 11.020  -6.214 6.589   1.00 0.00 ? 2  LEU A HD11 5 
ATOM 1203 H HD12 . LEU A 1 2  ? 10.694  -7.006 5.027   1.00 0.00 ? 2  LEU A HD12 5 
ATOM 1204 H HD13 . LEU A 1 2  ? 12.348  -6.967 5.685   1.00 0.00 ? 2  LEU A HD13 5 
ATOM 1205 H HD21 . LEU A 1 2  ? 11.587  -5.819 2.784   1.00 0.00 ? 2  LEU A HD21 5 
ATOM 1206 H HD22 . LEU A 1 2  ? 12.621  -4.381 2.975   1.00 0.00 ? 2  LEU A HD22 5 
ATOM 1207 H HD23 . LEU A 1 2  ? 13.203  -5.954 3.531   1.00 0.00 ? 2  LEU A HD23 5 
ATOM 1208 N N    . ASP A 1 3  ? 8.849   -1.145 6.242   1.00 0.00 ? 3  ASP A N    5 
ATOM 1209 C CA   . ASP A 1 3  ? 7.567   -0.458 6.373   1.00 0.00 ? 3  ASP A CA   5 
ATOM 1210 C C    . ASP A 1 3  ? 7.318   0.531  5.258   1.00 0.00 ? 3  ASP A C    5 
ATOM 1211 O O    . ASP A 1 3  ? 6.179   0.996  5.056   1.00 0.00 ? 3  ASP A O    5 
ATOM 1212 C CB   . ASP A 1 3  ? 7.477   0.224  7.767   1.00 0.00 ? 3  ASP A CB   5 
ATOM 1213 C CG   . ASP A 1 3  ? 6.447   -0.350 8.749   1.00 0.00 ? 3  ASP A CG   5 
ATOM 1214 O OD1  . ASP A 1 3  ? 6.652   -1.347 9.424   1.00 0.00 ? 3  ASP A OD1  5 
ATOM 1215 O OD2  . ASP A 1 3  ? 5.293   0.384  8.797   1.00 0.00 ? 3  ASP A OD2  5 
ATOM 1216 H H    . ASP A 1 3  ? 9.703   -0.862 6.815   1.00 0.00 ? 3  ASP A H    5 
ATOM 1217 H HA   . ASP A 1 3  ? 6.788   -1.238 6.279   1.00 0.00 ? 3  ASP A HA   5 
ATOM 1218 H HB2  . ASP A 1 3  ? 8.457   0.219  8.274   1.00 0.00 ? 3  ASP A HB2  5 
ATOM 1219 H HB3  . ASP A 1 3  ? 7.240   1.298  7.631   1.00 0.00 ? 3  ASP A HB3  5 
ATOM 1220 N N    . LYS A 1 4  ? 8.350   0.898  4.525   1.00 0.00 ? 4  LYS A N    5 
ATOM 1221 C CA   . LYS A 1 4  ? 8.216   1.826  3.404   1.00 0.00 ? 4  LYS A CA   5 
ATOM 1222 C C    . LYS A 1 4  ? 7.680   1.124  2.180   1.00 0.00 ? 4  LYS A C    5 
ATOM 1223 O O    . LYS A 1 4  ? 6.963   1.707  1.352   1.00 0.00 ? 4  LYS A O    5 
ATOM 1224 C CB   . LYS A 1 4  ? 9.595   2.481  3.115   1.00 0.00 ? 4  LYS A CB   5 
ATOM 1225 C CG   . LYS A 1 4  ? 9.768   3.871  3.776   1.00 0.00 ? 4  LYS A CG   5 
ATOM 1226 C CD   . LYS A 1 4  ? 9.553   5.063  2.839   1.00 0.00 ? 4  LYS A CD   5 
ATOM 1227 C CE   . LYS A 1 4  ? 10.861  5.364  2.095   1.00 0.00 ? 4  LYS A CE   5 
ATOM 1228 N NZ   . LYS A 1 4  ? 11.015  6.822  1.948   1.00 0.00 ? 4  LYS A NZ   5 
ATOM 1229 H H    . LYS A 1 4  ? 9.285   0.460  4.777   1.00 0.00 ? 4  LYS A H    5 
ATOM 1230 H HA   . LYS A 1 4  ? 7.486   2.609  3.684   1.00 0.00 ? 4  LYS A HA   5 
ATOM 1231 H HB2  . LYS A 1 4  ? 10.406  1.811  3.463   1.00 0.00 ? 4  LYS A HB2  5 
ATOM 1232 H HB3  . LYS A 1 4  ? 9.744   2.561  2.018   1.00 0.00 ? 4  LYS A HB3  5 
ATOM 1233 H HG2  . LYS A 1 4  ? 9.045   3.992  4.605   1.00 0.00 ? 4  LYS A HG2  5 
ATOM 1234 H HG3  . LYS A 1 4  ? 10.770  3.936  4.245   1.00 0.00 ? 4  LYS A HG3  5 
ATOM 1235 H HD2  . LYS A 1 4  ? 8.728   4.841  2.133   1.00 0.00 ? 4  LYS A HD2  5 
ATOM 1236 H HD3  . LYS A 1 4  ? 9.233   5.948  3.425   1.00 0.00 ? 4  LYS A HD3  5 
ATOM 1237 H HE2  . LYS A 1 4  ? 11.727  4.936  2.643   1.00 0.00 ? 4  LYS A HE2  5 
ATOM 1238 H HE3  . LYS A 1 4  ? 10.872  4.886  1.094   1.00 0.00 ? 4  LYS A HE3  5 
ATOM 1239 H HZ1  . LYS A 1 4  ? 10.141  7.225  1.582   1.00 0.00 ? 4  LYS A HZ1  5 
ATOM 1240 H HZ2  . LYS A 1 4  ? 11.229  7.240  2.865   1.00 0.00 ? 4  LYS A HZ2  5 
ATOM 1241 H HZ3  . LYS A 1 4  ? 11.785  7.021  1.294   1.00 0.00 ? 4  LYS A HZ3  5 
ATOM 1242 N N    . LEU A 1 5  ? 8.033   -0.139 2.029   1.00 0.00 ? 5  LEU A N    5 
ATOM 1243 C CA   . LEU A 1 5  ? 7.611   -0.926 0.874   1.00 0.00 ? 5  LEU A CA   5 
ATOM 1244 C C    . LEU A 1 5  ? 6.237   -1.516 1.084   1.00 0.00 ? 5  LEU A C    5 
ATOM 1245 O O    . LEU A 1 5  ? 5.459   -1.719 0.139   1.00 0.00 ? 5  LEU A O    5 
ATOM 1246 C CB   . LEU A 1 5  ? 8.651   -2.041 0.566   1.00 0.00 ? 5  LEU A CB   5 
ATOM 1247 C CG   . LEU A 1 5  ? 9.769   -1.734 -0.467  1.00 0.00 ? 5  LEU A CG   5 
ATOM 1248 C CD1  . LEU A 1 5  ? 9.194   -0.940 -1.647  1.00 0.00 ? 5  LEU A CD1  5 
ATOM 1249 C CD2  . LEU A 1 5  ? 10.950  -0.965 0.148   1.00 0.00 ? 5  LEU A CD2  5 
ATOM 1250 H H    . LEU A 1 5  ? 8.673   -0.538 2.780   1.00 0.00 ? 5  LEU A H    5 
ATOM 1251 H HA   . LEU A 1 5  ? 7.527   -0.249 0.004   1.00 0.00 ? 5  LEU A HA   5 
ATOM 1252 H HB2  . LEU A 1 5  ? 9.136   -2.347 1.516   1.00 0.00 ? 5  LEU A HB2  5 
ATOM 1253 H HB3  . LEU A 1 5  ? 8.107   -2.946 0.229   1.00 0.00 ? 5  LEU A HB3  5 
ATOM 1254 H HG   . LEU A 1 5  ? 10.151  -2.699 -0.861  1.00 0.00 ? 5  LEU A HG   5 
ATOM 1255 H HD11 . LEU A 1 5  ? 8.366   -1.482 -2.144  1.00 0.00 ? 5  LEU A HD11 5 
ATOM 1256 H HD12 . LEU A 1 5  ? 8.798   0.047  -1.337  1.00 0.00 ? 5  LEU A HD12 5 
ATOM 1257 H HD13 . LEU A 1 5  ? 9.958   -0.753 -2.425  1.00 0.00 ? 5  LEU A HD13 5 
ATOM 1258 H HD21 . LEU A 1 5  ? 10.633  -0.022 0.630   1.00 0.00 ? 5  LEU A HD21 5 
ATOM 1259 H HD22 . LEU A 1 5  ? 11.466  -1.570 0.917   1.00 0.00 ? 5  LEU A HD22 5 
ATOM 1260 H HD23 . LEU A 1 5  ? 11.718  -0.714 -0.607  1.00 0.00 ? 5  LEU A HD23 5 
ATOM 1261 N N    . LYS A 1 6  ? 5.919   -1.826 2.325   1.00 0.00 ? 6  LYS A N    5 
ATOM 1262 C CA   . LYS A 1 6  ? 4.622   -2.409 2.672   1.00 0.00 ? 6  LYS A CA   5 
ATOM 1263 C C    . LYS A 1 6  ? 3.523   -1.373 2.654   1.00 0.00 ? 6  LYS A C    5 
ATOM 1264 O O    . LYS A 1 6  ? 2.405   -1.613 2.173   1.00 0.00 ? 6  LYS A O    5 
ATOM 1265 C CB   . LYS A 1 6  ? 4.731   -3.086 4.067   1.00 0.00 ? 6  LYS A CB   5 
ATOM 1266 C CG   . LYS A 1 6  ? 5.814   -4.194 4.119   1.00 0.00 ? 6  LYS A CG   5 
ATOM 1267 C CD   . LYS A 1 6  ? 6.410   -4.442 5.508   1.00 0.00 ? 6  LYS A CD   5 
ATOM 1268 C CE   . LYS A 1 6  ? 5.847   -5.750 6.077   1.00 0.00 ? 6  LYS A CE   5 
ATOM 1269 N NZ   . LYS A 1 6  ? 5.451   -5.543 7.482   1.00 0.00 ? 6  LYS A NZ   5 
ATOM 1270 H H    . LYS A 1 6  ? 6.674   -1.674 3.059   1.00 0.00 ? 6  LYS A H    5 
ATOM 1271 H HA   . LYS A 1 6  ? 4.371   -3.167 1.906   1.00 0.00 ? 6  LYS A HA   5 
ATOM 1272 H HB2  . LYS A 1 6  ? 4.961   -2.322 4.836   1.00 0.00 ? 6  LYS A HB2  5 
ATOM 1273 H HB3  . LYS A 1 6  ? 3.746   -3.502 4.361   1.00 0.00 ? 6  LYS A HB3  5 
ATOM 1274 H HG2  . LYS A 1 6  ? 5.391   -5.157 3.781   1.00 0.00 ? 6  LYS A HG2  5 
ATOM 1275 H HG3  . LYS A 1 6  ? 6.622   -3.957 3.398   1.00 0.00 ? 6  LYS A HG3  5 
ATOM 1276 H HD2  . LYS A 1 6  ? 7.517   -4.473 5.440   1.00 0.00 ? 6  LYS A HD2  5 
ATOM 1277 H HD3  . LYS A 1 6  ? 6.164   -3.594 6.180   1.00 0.00 ? 6  LYS A HD3  5 
ATOM 1278 H HE2  . LYS A 1 6  ? 4.979   -6.093 5.476   1.00 0.00 ? 6  LYS A HE2  5 
ATOM 1279 H HE3  . LYS A 1 6  ? 6.596   -6.567 6.019   1.00 0.00 ? 6  LYS A HE3  5 
ATOM 1280 H HZ1  . LYS A 1 6  ? 6.121   -4.907 7.938   1.00 0.00 ? 6  LYS A HZ1  5 
ATOM 1281 H HZ2  . LYS A 1 6  ? 4.508   -5.129 7.515   1.00 0.00 ? 6  LYS A HZ2  5 
ATOM 1282 H HZ3  . LYS A 1 6  ? 5.445   -6.447 7.974   1.00 0.00 ? 6  LYS A HZ3  5 
ATOM 1283 N N    . GLU A 1 7  ? 3.817   -0.202 3.186   1.00 0.00 ? 7  GLU A N    5 
ATOM 1284 C CA   . GLU A 1 7  ? 2.886   0.923  3.126   1.00 0.00 ? 7  GLU A CA   5 
ATOM 1285 C C    . GLU A 1 7  ? 2.627   1.343  1.699   1.00 0.00 ? 7  GLU A C    5 
ATOM 1286 O O    . GLU A 1 7  ? 1.583   1.934  1.374   1.00 0.00 ? 7  GLU A O    5 
ATOM 1287 C CB   . GLU A 1 7  ? 3.477   2.092  3.963   1.00 0.00 ? 7  GLU A CB   5 
ATOM 1288 C CG   . GLU A 1 7  ? 3.167   2.103  5.497   1.00 0.00 ? 7  GLU A CG   5 
ATOM 1289 C CD   . GLU A 1 7  ? 1.710   1.969  5.946   1.00 0.00 ? 7  GLU A CD   5 
ATOM 1290 O OE1  . GLU A 1 7  ? 0.903   2.887  5.872   1.00 0.00 ? 7  GLU A OE1  5 
ATOM 1291 O OE2  . GLU A 1 7  ? 1.397   0.737  6.434   1.00 0.00 ? 7  GLU A OE2  5 
ATOM 1292 H H    . GLU A 1 7  ? 4.784   -0.116 3.619   1.00 0.00 ? 7  GLU A H    5 
ATOM 1293 H HA   . GLU A 1 7  ? 1.921   0.606  3.564   1.00 0.00 ? 7  GLU A HA   5 
ATOM 1294 H HB2  . GLU A 1 7  ? 4.575   2.107  3.829   1.00 0.00 ? 7  GLU A HB2  5 
ATOM 1295 H HB3  . GLU A 1 7  ? 3.137   3.050  3.522   1.00 0.00 ? 7  GLU A HB3  5 
ATOM 1296 H HG2  . GLU A 1 7  ? 3.728   1.290  5.995   1.00 0.00 ? 7  GLU A HG2  5 
ATOM 1297 H HG3  . GLU A 1 7  ? 3.560   3.027  5.960   1.00 0.00 ? 7  GLU A HG3  5 
ATOM 1298 N N    . PHE A 1 8  ? 3.562   1.052  0.815   1.00 0.00 ? 8  PHE A N    5 
ATOM 1299 C CA   . PHE A 1 8  ? 3.427   1.397  -0.599  1.00 0.00 ? 8  PHE A CA   5 
ATOM 1300 C C    . PHE A 1 8  ? 2.347   0.580  -1.268  1.00 0.00 ? 8  PHE A C    5 
ATOM 1301 O O    . PHE A 1 8  ? 1.546   1.083  -2.068  1.00 0.00 ? 8  PHE A O    5 
ATOM 1302 C CB   . PHE A 1 8  ? 4.775   1.137  -1.341  1.00 0.00 ? 8  PHE A CB   5 
ATOM 1303 C CG   . PHE A 1 8  ? 4.816   1.493  -2.834  1.00 0.00 ? 8  PHE A CG   5 
ATOM 1304 C CD1  . PHE A 1 8  ? 3.831   2.300  -3.411  1.00 0.00 ? 8  PHE A CD1  5 
ATOM 1305 C CD2  . PHE A 1 8  ? 5.820   0.946  -3.644  1.00 0.00 ? 8  PHE A CD2  5 
ATOM 1306 C CE1  . PHE A 1 8  ? 3.847   2.550  -4.781  1.00 0.00 ? 8  PHE A CE1  5 
ATOM 1307 C CE2  . PHE A 1 8  ? 5.827   1.189  -5.013  1.00 0.00 ? 8  PHE A CE2  5 
ATOM 1308 C CZ   . PHE A 1 8  ? 4.842   1.992  -5.582  1.00 0.00 ? 8  PHE A CZ   5 
ATOM 1309 H H    . PHE A 1 8  ? 4.438   0.583  1.196   1.00 0.00 ? 8  PHE A H    5 
ATOM 1310 H HA   . PHE A 1 8  ? 3.151   2.465  -0.680  1.00 0.00 ? 8  PHE A HA   5 
ATOM 1311 H HB2  . PHE A 1 8  ? 5.592   1.668  -0.811  1.00 0.00 ? 8  PHE A HB2  5 
ATOM 1312 H HB3  . PHE A 1 8  ? 5.050   0.069  -1.230  1.00 0.00 ? 8  PHE A HB3  5 
ATOM 1313 H HD1  . PHE A 1 8  ? 3.067   2.749  -2.793  1.00 0.00 ? 8  PHE A HD1  5 
ATOM 1314 H HD2  . PHE A 1 8  ? 6.612   0.356  -3.203  1.00 0.00 ? 8  PHE A HD2  5 
ATOM 1315 H HE1  . PHE A 1 8  ? 3.079   3.168  -5.223  1.00 0.00 ? 8  PHE A HE1  5 
ATOM 1316 H HE2  . PHE A 1 8  ? 6.590   0.739  -5.633  1.00 0.00 ? 8  PHE A HE2  5 
ATOM 1317 H HZ   . PHE A 1 8  ? 4.845   2.173  -6.646  1.00 0.00 ? 8  PHE A HZ   5 
ATOM 1318 N N    . GLY A 1 9  ? 2.328   -0.706 -0.970  1.00 0.00 ? 9  GLY A N    5 
ATOM 1319 C CA   . GLY A 1 9  ? 1.330   -1.615 -1.527  1.00 0.00 ? 9  GLY A CA   5 
ATOM 1320 C C    . GLY A 1 9  ? -0.051  -1.363 -0.973  1.00 0.00 ? 9  GLY A C    5 
ATOM 1321 O O    . GLY A 1 9  ? -1.068  -1.780 -1.556  1.00 0.00 ? 9  GLY A O    5 
ATOM 1322 H H    . GLY A 1 9  ? 3.111   -1.048 -0.338  1.00 0.00 ? 9  GLY A H    5 
ATOM 1323 H HA2  . GLY A 1 9  ? 1.302   -1.506 -2.629  1.00 0.00 ? 9  GLY A HA2  5 
ATOM 1324 H HA3  . GLY A 1 9  ? 1.613   -2.667 -1.322  1.00 0.00 ? 9  GLY A HA3  5 
ATOM 1325 N N    . ASN A 1 10 ? -0.130  -0.710 0.170   1.00 0.00 ? 10 ASN A N    5 
ATOM 1326 C CA   . ASN A 1 10 ? -1.408  -0.301 0.751   1.00 0.00 ? 10 ASN A CA   5 
ATOM 1327 C C    . ASN A 1 10 ? -1.986  0.915  0.068   1.00 0.00 ? 10 ASN A C    5 
ATOM 1328 O O    . ASN A 1 10 ? -3.186  1.216  0.188   1.00 0.00 ? 10 ASN A O    5 
ATOM 1329 C CB   . ASN A 1 10 ? -1.202  -0.030 2.273   1.00 0.00 ? 10 ASN A CB   5 
ATOM 1330 C CG   . ASN A 1 10 ? -2.459  0.195  3.119   1.00 0.00 ? 10 ASN A CG   5 
ATOM 1331 O OD1  . ASN A 1 10 ? -3.213  -0.718 3.423   1.00 0.00 ? 10 ASN A OD1  5 
ATOM 1332 N ND2  . ASN A 1 10 ? -2.733  1.404  3.530   1.00 0.00 ? 10 ASN A ND2  5 
ATOM 1333 H H    . ASN A 1 10 ? 0.793   -0.533 0.671   1.00 0.00 ? 10 ASN A H    5 
ATOM 1334 H HA   . ASN A 1 10 ? -2.134  -1.125 0.605   1.00 0.00 ? 10 ASN A HA   5 
ATOM 1335 H HB2  . ASN A 1 10 ? -0.660  -0.885 2.724   1.00 0.00 ? 10 ASN A HB2  5 
ATOM 1336 H HB3  . ASN A 1 10 ? -0.519  0.829  2.414   1.00 0.00 ? 10 ASN A HB3  5 
ATOM 1337 H HD21 . ASN A 1 10 ? -2.131  2.156  3.197   1.00 0.00 ? 10 ASN A HD21 5 
ATOM 1338 H HD22 . ASN A 1 10 ? -3.632  1.458  4.015   1.00 0.00 ? 10 ASN A HD22 5 
ATOM 1339 N N    . THR A 1 11 ? -1.156  1.659  -0.637  1.00 0.00 ? 11 THR A N    5 
ATOM 1340 C CA   . THR A 1 11 ? -1.609  2.779  -1.457  1.00 0.00 ? 11 THR A CA   5 
ATOM 1341 C C    . THR A 1 11 ? -2.227  2.279  -2.744  1.00 0.00 ? 11 THR A C    5 
ATOM 1342 O O    . THR A 1 11 ? -3.307  2.707  -3.172  1.00 0.00 ? 11 THR A O    5 
ATOM 1343 C CB   . THR A 1 11 ? -0.414  3.741  -1.769  1.00 0.00 ? 11 THR A CB   5 
ATOM 1344 O OG1  . THR A 1 11 ? -0.283  4.732  -0.759  1.00 0.00 ? 11 THR A OG1  5 
ATOM 1345 C CG2  . THR A 1 11 ? -0.514  4.545  -3.085  1.00 0.00 ? 11 THR A CG2  5 
ATOM 1346 H H    . THR A 1 11 ? -0.123  1.417  -0.548  1.00 0.00 ? 11 THR A H    5 
ATOM 1347 H HA   . THR A 1 11 ? -2.390  3.336  -0.907  1.00 0.00 ? 11 THR A HA   5 
ATOM 1348 H HB   . THR A 1 11 ? 0.518   3.134  -1.802  1.00 0.00 ? 11 THR A HB   5 
ATOM 1349 H HG1  . THR A 1 11 ? 0.506   5.235  -0.978  1.00 0.00 ? 11 THR A HG1  5 
ATOM 1350 H HG21 . THR A 1 11 ? -1.422  5.175  -3.114  1.00 0.00 ? 11 THR A HG21 5 
ATOM 1351 H HG22 . THR A 1 11 ? 0.355   5.212  -3.231  1.00 0.00 ? 11 THR A HG22 5 
ATOM 1352 H HG23 . THR A 1 11 ? -0.542  3.891  -3.978  1.00 0.00 ? 11 THR A HG23 5 
ATOM 1353 N N    . LEU A 1 12 ? -1.523  1.375  -3.400  1.00 0.00 ? 12 LEU A N    5 
ATOM 1354 C CA   . LEU A 1 12 ? -2.020  0.708  -4.600  1.00 0.00 ? 12 LEU A CA   5 
ATOM 1355 C C    . LEU A 1 12 ? -3.390  0.104  -4.390  1.00 0.00 ? 12 LEU A C    5 
ATOM 1356 O O    . LEU A 1 12 ? -4.307  0.269  -5.210  1.00 0.00 ? 12 LEU A O    5 
ATOM 1357 C CB   . LEU A 1 12 ? -1.009  -0.383 -5.064  1.00 0.00 ? 12 LEU A CB   5 
ATOM 1358 C CG   . LEU A 1 12 ? -1.359  -1.220 -6.323  1.00 0.00 ? 12 LEU A CG   5 
ATOM 1359 C CD1  . LEU A 1 12 ? -2.278  -0.417 -7.253  1.00 0.00 ? 12 LEU A CD1  5 
ATOM 1360 C CD2  . LEU A 1 12 ? -0.112  -1.679 -7.098  1.00 0.00 ? 12 LEU A CD2  5 
ATOM 1361 H H    . LEU A 1 12 ? -0.538  1.194  -3.022  1.00 0.00 ? 12 LEU A H    5 
ATOM 1362 H HA   . LEU A 1 12 ? -2.143  1.469  -5.393  1.00 0.00 ? 12 LEU A HA   5 
ATOM 1363 H HB2  . LEU A 1 12 ? -0.022  0.095  -5.232  1.00 0.00 ? 12 LEU A HB2  5 
ATOM 1364 H HB3  . LEU A 1 12 ? -0.837  -1.075 -4.215  1.00 0.00 ? 12 LEU A HB3  5 
ATOM 1365 H HG   . LEU A 1 12 ? -1.914  -2.123 -5.994  1.00 0.00 ? 12 LEU A HG   5 
ATOM 1366 H HD11 . LEU A 1 12 ? -3.210  -0.104 -6.742  1.00 0.00 ? 12 LEU A HD11 5 
ATOM 1367 H HD12 . LEU A 1 12 ? -1.792  0.502  -7.633  1.00 0.00 ? 12 LEU A HD12 5 
ATOM 1368 H HD13 . LEU A 1 12 ? -2.588  -1.011 -8.133  1.00 0.00 ? 12 LEU A HD13 5 
ATOM 1369 H HD21 . LEU A 1 12 ? 0.533   -0.832 -7.393  1.00 0.00 ? 12 LEU A HD21 5 
ATOM 1370 H HD22 . LEU A 1 12 ? 0.506   -2.366 -6.490  1.00 0.00 ? 12 LEU A HD22 5 
ATOM 1371 H HD23 . LEU A 1 12 ? -0.377  -2.236 -8.015  1.00 0.00 ? 12 LEU A HD23 5 
ATOM 1372 N N    . GLU A 1 13 ? -3.552  -0.627 -3.304  1.00 0.00 ? 13 GLU A N    5 
ATOM 1373 C CA   . GLU A 1 13 ? -4.817  -1.294 -3.004  1.00 0.00 ? 13 GLU A CA   5 
ATOM 1374 C C    . GLU A 1 13 ? -5.910  -0.273 -2.780  1.00 0.00 ? 13 GLU A C    5 
ATOM 1375 O O    . GLU A 1 13 ? -6.973  -0.284 -3.415  1.00 0.00 ? 13 GLU A O    5 
ATOM 1376 C CB   . GLU A 1 13 ? -4.622  -2.193 -1.753  1.00 0.00 ? 13 GLU A CB   5 
ATOM 1377 C CG   . GLU A 1 13 ? -3.859  -3.545 -1.954  1.00 0.00 ? 13 GLU A CG   5 
ATOM 1378 C CD   . GLU A 1 13 ? -2.763  -3.916 -0.951  1.00 0.00 ? 13 GLU A CD   5 
ATOM 1379 O OE1  . GLU A 1 13 ? -3.050  -3.558 0.331   1.00 0.00 ? 13 GLU A OE1  5 
ATOM 1380 O OE2  . GLU A 1 13 ? -1.727  -4.481 -1.275  1.00 0.00 ? 13 GLU A OE2  5 
ATOM 1381 H H    . GLU A 1 13 ? -2.720  -0.667 -2.643  1.00 0.00 ? 13 GLU A H    5 
ATOM 1382 H HA   . GLU A 1 13 ? -5.103  -1.920 -3.869  1.00 0.00 ? 13 GLU A HA   5 
ATOM 1383 H HB2  . GLU A 1 13 ? -4.096  -1.609 -0.973  1.00 0.00 ? 13 GLU A HB2  5 
ATOM 1384 H HB3  . GLU A 1 13 ? -5.615  -2.405 -1.310  1.00 0.00 ? 13 GLU A HB3  5 
ATOM 1385 H HG2  . GLU A 1 13 ? -4.581  -4.382 -1.960  1.00 0.00 ? 13 GLU A HG2  5 
ATOM 1386 H HG3  . GLU A 1 13 ? -3.399  -3.575 -2.959  1.00 0.00 ? 13 GLU A HG3  5 
ATOM 1387 N N    . ASP A 1 14 ? -5.653  0.647  -1.867  1.00 0.00 ? 14 ASP A N    5 
ATOM 1388 C CA   . ASP A 1 14 ? -6.538  1.779  -1.617  1.00 0.00 ? 14 ASP A CA   5 
ATOM 1389 C C    . ASP A 1 14 ? -6.966  2.463  -2.897  1.00 0.00 ? 14 ASP A C    5 
ATOM 1390 O O    . ASP A 1 14 ? -8.028  3.111  -2.954  1.00 0.00 ? 14 ASP A O    5 
ATOM 1391 C CB   . ASP A 1 14 ? -5.863  2.774  -0.630  1.00 0.00 ? 14 ASP A CB   5 
ATOM 1392 C CG   . ASP A 1 14 ? -6.324  2.714  0.833   1.00 0.00 ? 14 ASP A CG   5 
ATOM 1393 O OD1  . ASP A 1 14 ? -6.640  1.674  1.392   1.00 0.00 ? 14 ASP A OD1  5 
ATOM 1394 O OD2  . ASP A 1 14 ? -6.366  3.945  1.427   1.00 0.00 ? 14 ASP A OD2  5 
ATOM 1395 H H    . ASP A 1 14 ? -4.768  0.487  -1.286  1.00 0.00 ? 14 ASP A H    5 
ATOM 1396 H HA   . ASP A 1 14 ? -7.460  1.386  -1.154  1.00 0.00 ? 14 ASP A HA   5 
ATOM 1397 H HB2  . ASP A 1 14 ? -4.766  2.656  -0.636  1.00 0.00 ? 14 ASP A HB2  5 
ATOM 1398 H HB3  . ASP A 1 14 ? -6.043  3.803  -0.992  1.00 0.00 ? 14 ASP A HB3  5 
ATOM 1399 N N    . LYS A 1 15 ? -6.161  2.363  -3.937  1.00 0.00 ? 15 LYS A N    5 
ATOM 1400 C CA   . LYS A 1 15 ? -6.431  3.050  -5.198  1.00 0.00 ? 15 LYS A CA   5 
ATOM 1401 C C    . LYS A 1 15 ? -7.829  2.762  -5.694  1.00 0.00 ? 15 LYS A C    5 
ATOM 1402 O O    . LYS A 1 15 ? -8.592  3.669  -6.061  1.00 0.00 ? 15 LYS A O    5 
ATOM 1403 C CB   . LYS A 1 15 ? -5.372  2.628  -6.255  1.00 0.00 ? 15 LYS A CB   5 
ATOM 1404 C CG   . LYS A 1 15 ? -4.253  3.679  -6.459  1.00 0.00 ? 15 LYS A CG   5 
ATOM 1405 C CD   . LYS A 1 15 ? -4.606  4.817  -7.422  1.00 0.00 ? 15 LYS A CD   5 
ATOM 1406 C CE   . LYS A 1 15 ? -3.644  4.783  -8.618  1.00 0.00 ? 15 LYS A CE   5 
ATOM 1407 N NZ   . LYS A 1 15 ? -4.193  5.607  -9.709  1.00 0.00 ? 15 LYS A NZ   5 
ATOM 1408 H H    . LYS A 1 15 ? -5.282  1.783  -3.790  1.00 0.00 ? 15 LYS A H    5 
ATOM 1409 H HA   . LYS A 1 15 ? -6.362  4.140  -5.021  1.00 0.00 ? 15 LYS A HA   5 
ATOM 1410 H HB2  . LYS A 1 15 ? -4.916  1.664  -5.960  1.00 0.00 ? 15 LYS A HB2  5 
ATOM 1411 H HB3  . LYS A 1 15 ? -5.875  2.421  -7.222  1.00 0.00 ? 15 LYS A HB3  5 
ATOM 1412 H HG2  . LYS A 1 15 ? -3.995  4.156  -5.495  1.00 0.00 ? 15 LYS A HG2  5 
ATOM 1413 H HG3  . LYS A 1 15 ? -3.327  3.173  -6.795  1.00 0.00 ? 15 LYS A HG3  5 
ATOM 1414 H HD2  . LYS A 1 15 ? -5.660  4.719  -7.747  1.00 0.00 ? 15 LYS A HD2  5 
ATOM 1415 H HD3  . LYS A 1 15 ? -4.530  5.790  -6.896  1.00 0.00 ? 15 LYS A HD3  5 
ATOM 1416 H HE2  . LYS A 1 15 ? -2.641  5.154  -8.320  1.00 0.00 ? 15 LYS A HE2  5 
ATOM 1417 H HE3  . LYS A 1 15 ? -3.488  3.746  -8.977  1.00 0.00 ? 15 LYS A HE3  5 
ATOM 1418 H HZ1  . LYS A 1 15 ? -5.217  5.500  -9.740  1.00 0.00 ? 15 LYS A HZ1  5 
ATOM 1419 H HZ2  . LYS A 1 15 ? -3.956  6.596  -9.547  1.00 0.00 ? 15 LYS A HZ2  5 
ATOM 1420 H HZ3  . LYS A 1 15 ? -3.790  5.301  -10.606 1.00 0.00 ? 15 LYS A HZ3  5 
ATOM 1421 N N    . ALA A 1 16 ? -8.186  1.493  -5.733  1.00 0.00 ? 16 ALA A N    5 
ATOM 1422 C CA   . ALA A 1 16 ? -9.503  1.077  -6.212  1.00 0.00 ? 16 ALA A CA   5 
ATOM 1423 C C    . ALA A 1 16 ? -9.869  -0.287 -5.678  1.00 0.00 ? 16 ALA A C    5 
ATOM 1424 O O    . ALA A 1 16 ? -10.232 -1.208 -6.425  1.00 0.00 ? 16 ALA A O    5 
ATOM 1425 C CB   . ALA A 1 16 ? -9.477  1.129  -7.750  1.00 0.00 ? 16 ALA A CB   5 
ATOM 1426 H H    . ALA A 1 16 ? -7.464  0.793  -5.387  1.00 0.00 ? 16 ALA A H    5 
ATOM 1427 H HA   . ALA A 1 16 ? -10.258 1.791  -5.831  1.00 0.00 ? 16 ALA A HA   5 
ATOM 1428 H HB1  . ALA A 1 16 ? -9.244  2.145  -8.122  1.00 0.00 ? 16 ALA A HB1  5 
ATOM 1429 H HB2  . ALA A 1 16 ? -8.716  0.446  -8.177  1.00 0.00 ? 16 ALA A HB2  5 
ATOM 1430 H HB3  . ALA A 1 16 ? -10.451 0.845  -8.188  1.00 0.00 ? 16 ALA A HB3  5 
ATOM 1431 N N    . ARG A 1 17 ? -9.797  -0.435 -4.368  1.00 0.00 ? 17 ARG A N    5 
ATOM 1432 C CA   . ARG A 1 17 ? -10.223 -1.662 -3.701  1.00 0.00 ? 17 ARG A CA   5 
ATOM 1433 C C    . ARG A 1 17 ? -11.727 -1.804 -3.726  1.00 0.00 ? 17 ARG A C    5 
ATOM 1434 O O    . ARG A 1 17 ? -12.277 -2.903 -3.875  1.00 0.00 ? 17 ARG A O    5 
ATOM 1435 C CB   . ARG A 1 17 ? -9.679  -1.658 -2.247  1.00 0.00 ? 17 ARG A CB   5 
ATOM 1436 C CG   . ARG A 1 17 ? -10.003 -2.933 -1.424  1.00 0.00 ? 17 ARG A CG   5 
ATOM 1437 C CD   . ARG A 1 17 ? -9.798  -2.729 0.083   1.00 0.00 ? 17 ARG A CD   5 
ATOM 1438 N NE   . ARG A 1 17 ? -10.936 -3.357 0.799   1.00 0.00 ? 17 ARG A NE   5 
ATOM 1439 C CZ   . ARG A 1 17 ? -11.502 -2.893 1.904   1.00 0.00 ? 17 ARG A CZ   5 
ATOM 1440 N NH1  . ARG A 1 17 ? -11.134 -1.806 2.515   1.00 0.00 ? 17 ARG A NH1  5 
ATOM 1441 N NH2  . ARG A 1 17 ? -12.479 -3.566 2.399   1.00 0.00 ? 17 ARG A NH2  5 
ATOM 1442 H H    . ARG A 1 17 ? -9.378  0.382  -3.831  1.00 0.00 ? 17 ARG A H    5 
ATOM 1443 H HA   . ARG A 1 17 ? -9.798  -2.521 -4.255  1.00 0.00 ? 17 ARG A HA   5 
ATOM 1444 H HB2  . ARG A 1 17 ? -8.579  -1.525 -2.259  1.00 0.00 ? 17 ARG A HB2  5 
ATOM 1445 H HB3  . ARG A 1 17 ? -10.061 -0.762 -1.713  1.00 0.00 ? 17 ARG A HB3  5 
ATOM 1446 H HG2  . ARG A 1 17 ? -11.048 -3.260 -1.591  1.00 0.00 ? 17 ARG A HG2  5 
ATOM 1447 H HG3  . ARG A 1 17 ? -9.375  -3.779 -1.770  1.00 0.00 ? 17 ARG A HG3  5 
ATOM 1448 H HD2  . ARG A 1 17 ? -8.838  -3.181 0.408   1.00 0.00 ? 17 ARG A HD2  5 
ATOM 1449 H HD3  . ARG A 1 17 ? -9.741  -1.646 0.321   1.00 0.00 ? 17 ARG A HD3  5 
ATOM 1450 H HE   . ARG A 1 17 ? -11.318 -4.229 0.404   1.00 0.00 ? 17 ARG A HE   5 
ATOM 1451 H HH11 . ARG A 1 17 ? -10.356 -1.332 2.056   1.00 0.00 ? 17 ARG A HH11 5 
ATOM 1452 H HH12 . ARG A 1 17 ? -11.646 -1.550 3.357   1.00 0.00 ? 17 ARG A HH12 5 
ATOM 1453 H HH21 . ARG A 1 17 ? -12.688 -4.398 1.845   1.00 0.00 ? 17 ARG A HH21 5 
ATOM 1454 H HH22 . ARG A 1 17 ? -12.917 -3.215 3.248   1.00 0.00 ? 17 ARG A HH22 5 
ATOM 1455 N N    . GLU A 1 18 ? -12.418 -0.686 -3.598  1.00 0.00 ? 18 GLU A N    5 
ATOM 1456 C CA   . GLU A 1 18 ? -13.873 -0.662 -3.490  1.00 0.00 ? 18 GLU A CA   5 
ATOM 1457 C C    . GLU A 1 18 ? -14.375 -1.731 -2.547  1.00 0.00 ? 18 GLU A C    5 
ATOM 1458 O O    . GLU A 1 18 ? -15.499 -2.299 -2.711  1.00 0.00 ? 18 GLU A O    5 
ATOM 1459 C CB   . GLU A 1 18 ? -14.486 -0.832 -4.910  1.00 0.00 ? 18 GLU A CB   5 
ATOM 1460 C CG   . GLU A 1 18 ? -13.703 -1.709 -5.943  1.00 0.00 ? 18 GLU A CG   5 
ATOM 1461 C CD   . GLU A 1 18 ? -14.134 -1.655 -7.412  1.00 0.00 ? 18 GLU A CD   5 
ATOM 1462 O OE1  . GLU A 1 18 ? -15.155 -2.503 -7.715  1.00 0.00 ? 18 GLU A OE1  5 
ATOM 1463 O OE2  . GLU A 1 18 ? -13.607 -0.916 -8.234  1.00 0.00 ? 18 GLU A OE2  5 
ATOM 1464 O OXT  . GLU A 1 18 ? -13.605 -2.028 -1.581  1.00 0.00 ? 18 GLU A OXT  5 
ATOM 1465 H H    . GLU A 1 18 ? -11.840 0.211  -3.553  1.00 0.00 ? 18 GLU A H    5 
ATOM 1466 H HA   . GLU A 1 18 ? -14.179 0.317  -3.074  1.00 0.00 ? 18 GLU A HA   5 
ATOM 1467 H HB2  . GLU A 1 18 ? -15.507 -1.247 -4.806  1.00 0.00 ? 18 GLU A HB2  5 
ATOM 1468 H HB3  . GLU A 1 18 ? -14.646 0.175  -5.346  1.00 0.00 ? 18 GLU A HB3  5 
ATOM 1469 H HG2  . GLU A 1 18 ? -12.629 -1.449 -5.917  1.00 0.00 ? 18 GLU A HG2  5 
ATOM 1470 H HG3  . GLU A 1 18 ? -13.735 -2.773 -5.641  1.00 0.00 ? 18 GLU A HG3  5 
# 
